data_3WFA
#
_entry.id   3WFA
#
_cell.length_a   75.520
_cell.length_b   111.960
_cell.length_c   102.360
_cell.angle_alpha   90.00
_cell.angle_beta   100.49
_cell.angle_gamma   90.00
#
_symmetry.space_group_name_H-M   'P 1 21 1'
#
loop_
_entity.id
_entity.type
_entity.pdbx_description
1 polymer Alpha-glucosidase
2 non-polymer 'SODIUM ION'
3 non-polymer '{[-(BIS-CARBOXYMETHYL-AMINO)-ETHYL]-CARBOXYMETHYL-AMINO}-ACETIC ACID'
4 water water
#
_entity_poly.entity_id   1
_entity_poly.type   'polypeptide(L)'
_entity_poly.pdbx_seq_one_letter_code
;MQQKLTSPDNNLVMTFQVDSKGAPTYELTYKNKVVIKPSTLGLELKKEDNTRTDFDWVDRRDLTKLDSKTNLYDGFEVKD
TQTATFDETWQPVWGEEKEIRNHYNELAVTLYQPMNDRSIVIRFRLFNDGLGFRYEFPQQKSLNYFVIKEEHSQFGMNGD
HIAFWIPGDYDTQEYDYTISRLSEIRGLMKEAITPNSSQTPFSQTGVQTALMMKTDDGLYINLHEAALVDYSCMHLNLDD
KNMVFESWLTPDAKGDKGYMQTPCNTPWRTIIVSDDARNILASRITLNLNEPCKIADAASWVKPVKYIGVWWDMITGKGS
WAYTDELTSVKLGETDYSKTKPNGKHSANTANVKRYIDFAAAHGFDAVLVEGWNEGWEDWFGNSKDYVFDFVTPYPDFDV
KEIHRYAARKGIKMMMHHETSASVRNYERHMDKAYQFMADNGYNSVKSGYVGNIIPRGEHHYGQWMNNHYLYAVKKAADY
KIMVNAHEATRPTGICRTYPNLIGNESARGTEYESFGGNKVYHTTILPFTRLVGGPMDYTPGIFETHCNKMNPANNSQVR
STIARQLALYVTMYSPLQMAADIPENYERFMDAFQFIKDVALDWDETNYLEAEPGEYITIARKAKDTDDWYVGCTAGENG
HTSKLVFDFLTPGKQYIATVYADAKDADWKENPQAYTIKKGILTNKSKLNLHAANGGGYAISIKEVKDKSEAKGLKRLLE
HHHHHH
;
_entity_poly.pdbx_strand_id   A,B
#
# COMPACT_ATOMS: atom_id res chain seq x y z
N MET A 1 -45.60 -12.85 16.16
CA MET A 1 -44.18 -13.11 15.80
C MET A 1 -43.62 -12.01 14.91
N GLN A 2 -44.30 -11.74 13.80
CA GLN A 2 -43.86 -10.70 12.86
C GLN A 2 -43.66 -9.38 13.58
N GLN A 3 -42.74 -8.58 13.07
CA GLN A 3 -42.46 -7.26 13.63
C GLN A 3 -42.95 -6.30 12.56
N LYS A 4 -43.66 -5.25 12.97
CA LYS A 4 -44.18 -4.27 12.04
C LYS A 4 -43.62 -2.87 12.31
N LEU A 5 -43.12 -2.23 11.28
CA LEU A 5 -42.59 -0.88 11.38
C LEU A 5 -43.31 -0.04 10.34
N THR A 6 -43.83 1.11 10.75
CA THR A 6 -44.56 1.98 9.84
C THR A 6 -43.93 3.37 9.74
N SER A 7 -44.05 3.98 8.58
CA SER A 7 -43.50 5.32 8.35
C SER A 7 -44.35 6.32 9.14
N PRO A 8 -43.80 7.51 9.40
CA PRO A 8 -44.54 8.53 10.14
C PRO A 8 -45.91 8.83 9.53
N ASP A 9 -46.00 8.82 8.21
CA ASP A 9 -47.27 9.11 7.55
C ASP A 9 -48.14 7.88 7.29
N ASN A 10 -47.68 6.72 7.75
CA ASN A 10 -48.41 5.46 7.62
C ASN A 10 -48.48 4.87 6.21
N ASN A 11 -47.84 5.51 5.24
CA ASN A 11 -47.88 5.03 3.87
C ASN A 11 -47.00 3.81 3.60
N LEU A 12 -45.90 3.68 4.34
CA LEU A 12 -45.00 2.55 4.15
C LEU A 12 -45.02 1.62 5.37
N VAL A 13 -44.94 0.32 5.12
CA VAL A 13 -44.92 -0.66 6.20
C VAL A 13 -43.86 -1.73 5.94
N MET A 14 -42.95 -1.88 6.89
CA MET A 14 -41.88 -2.88 6.80
C MET A 14 -42.21 -4.00 7.77
N THR A 15 -42.24 -5.24 7.28
CA THR A 15 -42.54 -6.39 8.12
C THR A 15 -41.28 -7.26 8.23
N PHE A 16 -40.89 -7.58 9.46
CA PHE A 16 -39.71 -8.40 9.69
C PHE A 16 -40.04 -9.67 10.45
N GLN A 17 -39.27 -10.72 10.20
CA GLN A 17 -39.43 -12.00 10.87
C GLN A 17 -38.31 -12.94 10.38
N VAL A 18 -38.09 -14.03 11.10
CA VAL A 18 -37.10 -15.03 10.69
C VAL A 18 -37.91 -16.20 10.16
N ASP A 19 -37.44 -16.85 9.09
CA ASP A 19 -38.19 -17.99 8.57
C ASP A 19 -37.98 -19.22 9.45
N SER A 20 -38.47 -20.38 9.01
CA SER A 20 -38.35 -21.60 9.79
C SER A 20 -36.92 -22.12 9.99
N LYS A 21 -35.96 -21.56 9.25
CA LYS A 21 -34.57 -21.98 9.40
C LYS A 21 -33.79 -20.87 10.09
N GLY A 22 -34.51 -19.85 10.55
CA GLY A 22 -33.88 -18.74 11.26
C GLY A 22 -33.26 -17.66 10.38
N ALA A 23 -33.68 -17.58 9.13
CA ALA A 23 -33.13 -16.57 8.24
C ALA A 23 -33.89 -15.24 8.32
N PRO A 24 -33.17 -14.14 8.60
CA PRO A 24 -33.80 -12.81 8.70
C PRO A 24 -34.51 -12.53 7.38
N THR A 25 -35.76 -12.10 7.47
CA THR A 25 -36.56 -11.82 6.28
C THR A 25 -37.36 -10.54 6.47
N TYR A 26 -37.34 -9.69 5.45
CA TYR A 26 -38.08 -8.44 5.54
C TYR A 26 -38.86 -8.19 4.27
N GLU A 27 -39.81 -7.26 4.34
CA GLU A 27 -40.62 -6.91 3.19
C GLU A 27 -41.10 -5.47 3.35
N LEU A 28 -41.52 -4.86 2.26
CA LEU A 28 -41.94 -3.47 2.32
C LEU A 28 -43.07 -3.15 1.35
N THR A 29 -44.05 -2.40 1.84
CA THR A 29 -45.17 -1.98 1.01
C THR A 29 -45.26 -0.47 1.07
N TYR A 30 -45.80 0.13 0.02
CA TYR A 30 -45.98 1.57 -0.08
C TYR A 30 -47.42 1.76 -0.55
N LYS A 31 -48.23 2.44 0.26
CA LYS A 31 -49.63 2.65 -0.08
C LYS A 31 -50.28 1.31 -0.46
N ASN A 32 -50.00 0.29 0.35
CA ASN A 32 -50.54 -1.05 0.16
C ASN A 32 -50.02 -1.79 -1.06
N LYS A 33 -49.00 -1.22 -1.71
CA LYS A 33 -48.42 -1.86 -2.89
C LYS A 33 -47.09 -2.50 -2.48
N VAL A 34 -46.85 -3.71 -2.96
CA VAL A 34 -45.60 -4.40 -2.65
C VAL A 34 -44.44 -3.68 -3.32
N VAL A 35 -43.44 -3.32 -2.54
CA VAL A 35 -42.25 -2.66 -3.06
C VAL A 35 -41.12 -3.71 -2.97
N ILE A 36 -41.02 -4.33 -1.80
CA ILE A 36 -40.02 -5.37 -1.57
C ILE A 36 -40.75 -6.63 -1.09
N LYS A 37 -40.68 -7.69 -1.89
CA LYS A 37 -41.31 -8.95 -1.52
C LYS A 37 -40.45 -9.55 -0.42
N PRO A 38 -40.93 -10.63 0.23
CA PRO A 38 -40.13 -11.24 1.29
C PRO A 38 -38.69 -11.44 0.78
N SER A 39 -37.75 -10.82 1.48
CA SER A 39 -36.34 -10.87 1.10
C SER A 39 -35.47 -11.20 2.30
N THR A 40 -34.47 -12.05 2.09
CA THR A 40 -33.57 -12.44 3.18
C THR A 40 -32.38 -11.51 3.36
N LEU A 41 -31.85 -11.49 4.58
CA LEU A 41 -30.71 -10.67 4.95
C LEU A 41 -29.70 -11.54 5.67
N GLY A 42 -28.41 -11.32 5.41
CA GLY A 42 -27.39 -12.11 6.07
C GLY A 42 -26.06 -12.09 5.35
N LEU A 43 -25.06 -12.73 5.93
CA LEU A 43 -23.74 -12.77 5.31
C LEU A 43 -23.09 -14.13 5.53
N GLU A 44 -22.16 -14.49 4.65
CA GLU A 44 -21.43 -15.74 4.82
C GLU A 44 -20.00 -15.28 5.09
N LEU A 45 -19.37 -15.87 6.10
CA LEU A 45 -18.02 -15.47 6.45
C LEU A 45 -16.98 -16.45 5.92
N LYS A 46 -15.78 -15.94 5.68
CA LYS A 46 -14.68 -16.76 5.19
C LYS A 46 -14.30 -17.76 6.28
N LYS A 47 -14.05 -19.00 5.89
CA LYS A 47 -13.66 -20.02 6.85
C LYS A 47 -12.34 -19.64 7.49
N GLU A 48 -12.20 -19.91 8.79
CA GLU A 48 -10.97 -19.60 9.51
C GLU A 48 -9.90 -20.65 9.24
N ASP A 49 -8.64 -20.23 9.36
CA ASP A 49 -7.51 -21.12 9.13
C ASP A 49 -7.35 -22.12 10.27
N LEU A 66 -15.26 -23.64 13.88
CA LEU A 66 -16.01 -24.89 13.93
C LEU A 66 -16.92 -25.07 12.71
N ASP A 67 -16.52 -24.48 11.58
CA ASP A 67 -17.28 -24.56 10.33
C ASP A 67 -18.61 -23.82 10.34
N SER A 68 -19.38 -23.97 11.41
CA SER A 68 -20.67 -23.28 11.48
C SER A 68 -20.45 -21.78 11.63
N LYS A 69 -19.23 -21.40 11.98
CA LYS A 69 -18.89 -19.99 12.14
C LYS A 69 -18.99 -19.19 10.85
N THR A 70 -18.90 -19.88 9.71
CA THR A 70 -18.99 -19.21 8.41
C THR A 70 -20.43 -18.77 8.16
N ASN A 71 -21.35 -19.32 8.94
CA ASN A 71 -22.76 -18.99 8.78
C ASN A 71 -23.17 -17.77 9.59
N LEU A 72 -23.57 -16.72 8.89
CA LEU A 72 -24.05 -15.51 9.56
C LEU A 72 -25.29 -15.08 8.77
N TYR A 73 -26.01 -16.06 8.25
CA TYR A 73 -27.20 -15.80 7.45
C TYR A 73 -28.48 -16.45 7.99
N ASP A 74 -28.34 -17.49 8.80
CA ASP A 74 -29.54 -18.09 9.41
C ASP A 74 -29.27 -18.75 10.75
N GLY A 75 -30.28 -19.40 11.32
CA GLY A 75 -30.12 -20.02 12.61
C GLY A 75 -30.26 -18.94 13.68
N PHE A 76 -30.93 -17.85 13.33
CA PHE A 76 -31.14 -16.73 14.25
C PHE A 76 -32.49 -16.78 14.96
N GLU A 77 -32.51 -16.25 16.18
CA GLU A 77 -33.73 -16.15 16.98
C GLU A 77 -33.85 -14.67 17.35
N VAL A 78 -35.05 -14.11 17.27
CA VAL A 78 -35.19 -12.71 17.66
C VAL A 78 -35.12 -12.69 19.19
N LYS A 79 -34.00 -12.23 19.72
CA LYS A 79 -33.80 -12.16 21.16
C LYS A 79 -34.36 -10.90 21.78
N ASP A 80 -34.39 -9.82 21.00
CA ASP A 80 -34.88 -8.55 21.53
C ASP A 80 -35.16 -7.56 20.40
N THR A 81 -36.05 -6.61 20.67
CA THR A 81 -36.38 -5.58 19.69
C THR A 81 -36.52 -4.26 20.44
N GLN A 82 -36.07 -3.19 19.79
CA GLN A 82 -36.14 -1.86 20.40
C GLN A 82 -36.64 -0.88 19.34
N THR A 83 -37.64 -0.08 19.70
CA THR A 83 -38.17 0.90 18.76
C THR A 83 -37.82 2.30 19.23
N ALA A 84 -37.88 3.25 18.31
CA ALA A 84 -37.58 4.63 18.62
C ALA A 84 -37.99 5.50 17.45
N THR A 85 -38.18 6.79 17.72
CA THR A 85 -38.55 7.74 16.69
C THR A 85 -37.56 8.89 16.79
N PHE A 86 -37.08 9.35 15.64
CA PHE A 86 -36.13 10.44 15.57
C PHE A 86 -36.74 11.52 14.70
N ASP A 87 -36.59 12.78 15.11
CA ASP A 87 -37.12 13.90 14.34
C ASP A 87 -36.32 15.15 14.67
N GLU A 88 -35.25 15.36 13.92
CA GLU A 88 -34.39 16.52 14.10
C GLU A 88 -34.03 17.14 12.75
N THR A 89 -33.85 18.45 12.74
CA THR A 89 -33.50 19.16 11.52
C THR A 89 -32.05 19.64 11.62
N TRP A 90 -31.31 19.51 10.53
CA TRP A 90 -29.92 19.96 10.53
C TRP A 90 -29.62 20.75 9.27
N GLN A 91 -28.49 21.44 9.26
CA GLN A 91 -28.11 22.26 8.12
C GLN A 91 -26.78 21.84 7.52
N PRO A 92 -26.78 21.50 6.22
CA PRO A 92 -25.53 21.10 5.57
C PRO A 92 -24.67 22.35 5.30
N VAL A 93 -23.36 22.16 5.16
CA VAL A 93 -22.48 23.29 4.90
C VAL A 93 -22.86 23.87 3.55
N TRP A 94 -23.17 22.98 2.61
CA TRP A 94 -23.61 23.35 1.27
C TRP A 94 -24.61 22.28 0.83
N GLY A 95 -25.57 22.65 0.01
CA GLY A 95 -26.55 21.66 -0.44
C GLY A 95 -27.66 22.24 -1.30
N GLU A 96 -28.71 21.45 -1.50
CA GLU A 96 -29.83 21.87 -2.33
C GLU A 96 -30.88 22.68 -1.57
N GLU A 97 -30.78 22.70 -0.25
CA GLU A 97 -31.69 23.49 0.58
C GLU A 97 -30.96 23.88 1.84
N LYS A 98 -31.49 24.86 2.58
CA LYS A 98 -30.83 25.31 3.80
C LYS A 98 -30.92 24.32 4.95
N GLU A 99 -32.07 23.69 5.12
CA GLU A 99 -32.27 22.73 6.20
C GLU A 99 -32.79 21.40 5.71
N ILE A 100 -32.41 20.34 6.43
CA ILE A 100 -32.83 18.99 6.10
C ILE A 100 -33.48 18.37 7.32
N ARG A 101 -34.67 17.80 7.15
CA ARG A 101 -35.36 17.15 8.26
C ARG A 101 -35.05 15.66 8.23
N ASN A 102 -34.68 15.13 9.38
CA ASN A 102 -34.35 13.71 9.53
C ASN A 102 -35.44 13.15 10.45
N HIS A 103 -36.49 12.61 9.84
CA HIS A 103 -37.64 12.07 10.57
C HIS A 103 -37.89 10.61 10.21
N TYR A 104 -37.75 9.72 11.18
CA TYR A 104 -37.97 8.31 10.92
C TYR A 104 -38.40 7.52 12.14
N ASN A 105 -39.07 6.39 11.89
CA ASN A 105 -39.45 5.48 12.97
C ASN A 105 -38.45 4.35 12.83
N GLU A 106 -37.88 3.92 13.95
CA GLU A 106 -36.86 2.88 13.91
C GLU A 106 -37.21 1.59 14.66
N LEU A 107 -36.69 0.48 14.16
CA LEU A 107 -36.87 -0.82 14.76
C LEU A 107 -35.52 -1.54 14.73
N ALA A 108 -34.95 -1.77 15.91
CA ALA A 108 -33.67 -2.47 16.01
C ALA A 108 -33.98 -3.89 16.49
N VAL A 109 -33.55 -4.89 15.74
CA VAL A 109 -33.80 -6.27 16.08
C VAL A 109 -32.52 -7.01 16.46
N THR A 110 -32.45 -7.50 17.70
CA THR A 110 -31.28 -8.25 18.15
C THR A 110 -31.52 -9.71 17.80
N LEU A 111 -30.63 -10.26 16.99
CA LEU A 111 -30.74 -11.65 16.54
C LEU A 111 -29.67 -12.54 17.16
N TYR A 112 -30.10 -13.57 17.88
CA TYR A 112 -29.18 -14.50 18.52
C TYR A 112 -29.09 -15.80 17.74
N GLN A 113 -27.86 -16.23 17.47
CA GLN A 113 -27.60 -17.43 16.72
C GLN A 113 -27.02 -18.49 17.69
N PRO A 114 -27.88 -19.34 18.24
CA PRO A 114 -27.50 -20.40 19.19
C PRO A 114 -26.28 -21.24 18.81
N MET A 115 -26.25 -21.74 17.58
CA MET A 115 -25.15 -22.59 17.14
C MET A 115 -23.75 -21.98 17.26
N ASN A 116 -23.64 -20.66 17.20
CA ASN A 116 -22.34 -20.00 17.30
C ASN A 116 -22.25 -19.13 18.54
N ASP A 117 -23.31 -19.13 19.34
CA ASP A 117 -23.37 -18.34 20.56
C ASP A 117 -22.93 -16.90 20.32
N ARG A 118 -23.53 -16.27 19.32
CA ARG A 118 -23.20 -14.88 19.00
C ARG A 118 -24.47 -14.18 18.52
N SER A 119 -24.48 -12.85 18.64
CA SER A 119 -25.65 -12.09 18.21
C SER A 119 -25.26 -10.92 17.32
N ILE A 120 -26.21 -10.50 16.47
CA ILE A 120 -25.99 -9.35 15.60
C ILE A 120 -27.24 -8.50 15.75
N VAL A 121 -27.20 -7.30 15.20
CA VAL A 121 -28.34 -6.41 15.26
C VAL A 121 -28.61 -5.87 13.87
N ILE A 122 -29.88 -5.87 13.47
CA ILE A 122 -30.24 -5.29 12.18
C ILE A 122 -31.14 -4.13 12.55
N ARG A 123 -30.69 -2.93 12.19
CA ARG A 123 -31.45 -1.73 12.50
C ARG A 123 -32.17 -1.22 11.26
N PHE A 124 -33.48 -1.01 11.40
CA PHE A 124 -34.32 -0.53 10.31
C PHE A 124 -34.80 0.88 10.61
N ARG A 125 -34.68 1.77 9.63
CA ARG A 125 -35.15 3.14 9.79
C ARG A 125 -36.11 3.41 8.63
N LEU A 126 -37.35 3.70 8.95
CA LEU A 126 -38.36 3.93 7.93
C LEU A 126 -38.82 5.39 7.87
N PHE A 127 -38.61 5.99 6.69
CA PHE A 127 -38.97 7.37 6.42
C PHE A 127 -40.23 7.38 5.55
N ASN A 128 -40.85 8.55 5.37
CA ASN A 128 -42.04 8.64 4.53
C ASN A 128 -41.71 8.39 3.07
N ASP A 129 -40.42 8.39 2.74
CA ASP A 129 -40.00 8.18 1.36
C ASP A 129 -39.06 7.01 1.15
N GLY A 130 -38.91 6.15 2.16
CA GLY A 130 -38.03 5.02 1.98
C GLY A 130 -37.56 4.31 3.23
N LEU A 131 -36.87 3.20 3.02
CA LEU A 131 -36.35 2.38 4.10
C LEU A 131 -34.83 2.24 4.03
N GLY A 132 -34.22 2.26 5.21
CA GLY A 132 -32.78 2.10 5.28
C GLY A 132 -32.50 1.05 6.34
N PHE A 133 -31.58 0.14 6.07
CA PHE A 133 -31.23 -0.88 7.05
C PHE A 133 -29.74 -1.19 7.01
N ARG A 134 -29.21 -1.66 8.13
CA ARG A 134 -27.79 -2.02 8.21
C ARG A 134 -27.62 -3.10 9.26
N TYR A 135 -26.50 -3.82 9.17
CA TYR A 135 -26.19 -4.86 10.12
C TYR A 135 -25.18 -4.28 11.12
N GLU A 136 -25.32 -4.63 12.38
CA GLU A 136 -24.41 -4.15 13.41
C GLU A 136 -23.83 -5.37 14.11
N PHE A 137 -22.52 -5.37 14.31
CA PHE A 137 -21.82 -6.49 14.92
C PHE A 137 -21.17 -6.09 16.24
N PRO A 138 -21.88 -6.31 17.36
CA PRO A 138 -21.38 -5.98 18.70
C PRO A 138 -20.13 -6.77 19.09
N GLN A 139 -19.31 -6.18 19.96
CA GLN A 139 -18.10 -6.85 20.42
C GLN A 139 -18.53 -8.01 21.31
N GLN A 140 -17.96 -9.19 21.08
CA GLN A 140 -18.31 -10.36 21.86
C GLN A 140 -17.27 -11.47 21.68
N LYS A 141 -17.30 -12.43 22.59
CA LYS A 141 -16.38 -13.56 22.56
C LYS A 141 -16.35 -14.31 21.24
N SER A 142 -17.53 -14.62 20.71
CA SER A 142 -17.62 -15.37 19.46
C SER A 142 -17.72 -14.55 18.19
N LEU A 143 -17.43 -13.26 18.28
CA LEU A 143 -17.46 -12.40 17.10
C LEU A 143 -16.56 -11.18 17.33
N ASN A 144 -15.29 -11.34 16.96
CA ASN A 144 -14.32 -10.26 17.11
C ASN A 144 -13.78 -9.93 15.73
N TYR A 145 -12.81 -10.72 15.26
CA TYR A 145 -12.24 -10.52 13.93
C TYR A 145 -12.90 -11.51 12.98
N PHE A 146 -13.37 -11.01 11.84
CA PHE A 146 -13.96 -11.91 10.85
C PHE A 146 -13.85 -11.32 9.46
N VAL A 147 -13.79 -12.20 8.47
CA VAL A 147 -13.68 -11.79 7.09
C VAL A 147 -14.96 -12.17 6.36
N ILE A 148 -15.51 -11.22 5.61
CA ILE A 148 -16.74 -11.47 4.87
C ILE A 148 -16.45 -12.09 3.52
N LYS A 149 -17.12 -13.21 3.25
CA LYS A 149 -16.97 -13.91 1.98
C LYS A 149 -17.94 -13.25 0.99
N GLU A 150 -19.17 -13.04 1.45
CA GLU A 150 -20.21 -12.40 0.66
C GLU A 150 -21.30 -11.85 1.56
N GLU A 151 -21.88 -10.72 1.20
CA GLU A 151 -23.00 -10.17 1.95
C GLU A 151 -24.19 -10.62 1.12
N HIS A 152 -25.25 -11.07 1.78
CA HIS A 152 -26.43 -11.55 1.06
C HIS A 152 -27.69 -10.75 1.39
N SER A 153 -27.66 -9.44 1.13
CA SER A 153 -28.83 -8.60 1.36
C SER A 153 -29.68 -8.63 0.09
N GLN A 154 -30.92 -9.10 0.22
CA GLN A 154 -31.80 -9.18 -0.94
C GLN A 154 -32.78 -8.04 -1.05
N PHE A 155 -33.20 -7.78 -2.29
CA PHE A 155 -34.17 -6.74 -2.63
C PHE A 155 -35.09 -7.39 -3.67
N GLY A 156 -36.12 -8.07 -3.19
CA GLY A 156 -37.05 -8.74 -4.09
C GLY A 156 -38.03 -7.80 -4.76
N MET A 157 -38.01 -7.77 -6.09
CA MET A 157 -38.90 -6.90 -6.86
C MET A 157 -40.25 -7.58 -7.07
N ASN A 158 -41.30 -6.78 -7.21
CA ASN A 158 -42.64 -7.33 -7.39
C ASN A 158 -42.99 -7.52 -8.86
N GLY A 159 -42.05 -7.21 -9.75
CA GLY A 159 -42.31 -7.37 -11.17
C GLY A 159 -41.11 -7.10 -12.04
N ASP A 160 -41.30 -7.23 -13.35
CA ASP A 160 -40.23 -6.99 -14.31
C ASP A 160 -40.22 -5.51 -14.64
N HIS A 161 -39.73 -4.71 -13.69
CA HIS A 161 -39.67 -3.25 -13.85
C HIS A 161 -38.75 -2.78 -14.95
N ILE A 162 -38.85 -1.49 -15.25
CA ILE A 162 -37.99 -0.84 -16.22
C ILE A 162 -36.85 -0.33 -15.34
N ALA A 163 -35.61 -0.51 -15.78
CA ALA A 163 -34.48 -0.04 -15.00
C ALA A 163 -33.55 0.85 -15.82
N PHE A 164 -32.90 1.78 -15.12
CA PHE A 164 -31.95 2.73 -15.69
C PHE A 164 -30.65 2.29 -15.03
N TRP A 165 -29.84 1.54 -15.76
CA TRP A 165 -28.62 0.95 -15.19
C TRP A 165 -27.34 0.99 -16.00
N ILE A 166 -26.23 0.72 -15.29
CA ILE A 166 -24.91 0.62 -15.92
C ILE A 166 -24.33 -0.69 -15.38
N PRO A 167 -23.49 -1.35 -16.18
CA PRO A 167 -22.88 -2.62 -15.79
C PRO A 167 -22.17 -2.63 -14.43
N GLY A 168 -22.39 -3.70 -13.65
CA GLY A 168 -21.73 -3.82 -12.37
C GLY A 168 -20.25 -3.91 -12.69
N ASP A 169 -19.42 -3.14 -12.00
CA ASP A 169 -17.99 -3.13 -12.30
C ASP A 169 -17.19 -2.73 -11.07
N TYR A 170 -16.05 -3.40 -10.84
CA TYR A 170 -15.20 -3.10 -9.70
C TYR A 170 -14.24 -1.95 -9.97
N ASP A 171 -14.14 -1.52 -11.21
CA ASP A 171 -13.17 -0.48 -11.54
C ASP A 171 -13.62 0.79 -12.25
N THR A 172 -14.81 0.79 -12.83
CA THR A 172 -15.30 1.99 -13.52
C THR A 172 -16.82 2.13 -13.46
N GLN A 173 -17.28 3.37 -13.54
CA GLN A 173 -18.71 3.69 -13.55
C GLN A 173 -18.94 4.64 -14.72
N GLU A 174 -17.97 4.73 -15.61
CA GLU A 174 -18.06 5.64 -16.75
C GLU A 174 -18.78 5.10 -17.97
N TYR A 175 -19.80 4.27 -17.74
CA TYR A 175 -20.59 3.70 -18.83
C TYR A 175 -21.83 4.54 -19.09
N ASP A 176 -22.35 4.44 -20.31
CA ASP A 176 -23.58 5.15 -20.65
C ASP A 176 -24.67 4.28 -20.03
N TYR A 177 -25.75 4.90 -19.59
CA TYR A 177 -26.86 4.17 -19.00
C TYR A 177 -27.65 3.43 -20.06
N THR A 178 -28.37 2.40 -19.63
CA THR A 178 -29.23 1.63 -20.51
C THR A 178 -30.60 1.61 -19.84
N ILE A 179 -31.65 1.71 -20.64
CA ILE A 179 -33.01 1.68 -20.12
C ILE A 179 -33.66 0.41 -20.66
N SER A 180 -33.99 -0.52 -19.78
CA SER A 180 -34.61 -1.77 -20.21
C SER A 180 -35.32 -2.46 -19.07
N ARG A 181 -36.07 -3.50 -19.39
CA ARG A 181 -36.76 -4.28 -18.38
C ARG A 181 -35.68 -5.09 -17.66
N LEU A 182 -35.98 -5.52 -16.44
CA LEU A 182 -35.03 -6.32 -15.68
C LEU A 182 -34.68 -7.59 -16.45
N SER A 183 -35.67 -8.18 -17.11
CA SER A 183 -35.48 -9.40 -17.88
C SER A 183 -34.62 -9.20 -19.13
N GLU A 184 -34.40 -7.95 -19.50
CA GLU A 184 -33.61 -7.64 -20.70
C GLU A 184 -32.15 -7.30 -20.40
N ILE A 185 -31.82 -7.17 -19.13
CA ILE A 185 -30.45 -6.84 -18.74
C ILE A 185 -29.42 -7.86 -19.24
N ARG A 186 -29.66 -9.13 -18.94
CA ARG A 186 -28.75 -10.20 -19.34
C ARG A 186 -28.36 -10.10 -20.82
N GLY A 187 -29.37 -9.95 -21.68
CA GLY A 187 -29.11 -9.87 -23.11
C GLY A 187 -28.47 -8.57 -23.59
N LEU A 188 -28.52 -7.53 -22.76
CA LEU A 188 -27.96 -6.24 -23.13
C LEU A 188 -26.59 -5.96 -22.53
N MET A 189 -26.20 -6.75 -21.53
CA MET A 189 -24.94 -6.55 -20.84
C MET A 189 -23.71 -6.44 -21.72
N LYS A 190 -23.53 -7.39 -22.64
CA LYS A 190 -22.35 -7.39 -23.49
C LYS A 190 -22.13 -6.07 -24.22
N GLU A 191 -23.18 -5.54 -24.85
CA GLU A 191 -23.05 -4.28 -25.57
C GLU A 191 -22.99 -3.09 -24.61
N ALA A 192 -23.55 -3.24 -23.42
CA ALA A 192 -23.55 -2.16 -22.43
C ALA A 192 -22.14 -1.92 -21.89
N ILE A 193 -21.31 -2.97 -21.90
CA ILE A 193 -19.94 -2.84 -21.41
C ILE A 193 -19.01 -2.35 -22.52
N THR A 194 -18.75 -1.05 -22.52
CA THR A 194 -17.87 -0.45 -23.51
C THR A 194 -16.43 -0.40 -22.95
N PRO A 195 -15.44 -0.19 -23.82
CA PRO A 195 -14.02 -0.12 -23.43
C PRO A 195 -13.62 0.95 -22.43
N ASN A 196 -12.71 0.60 -21.53
CA ASN A 196 -12.19 1.52 -20.51
C ASN A 196 -10.84 0.99 -20.02
N SER A 197 -9.89 1.88 -19.78
CA SER A 197 -8.55 1.48 -19.35
C SER A 197 -8.50 0.63 -18.09
N SER A 198 -9.55 0.70 -17.28
CA SER A 198 -9.62 -0.09 -16.06
C SER A 198 -11.07 -0.46 -15.83
N GLN A 199 -11.40 -1.72 -16.08
CA GLN A 199 -12.76 -2.20 -15.89
C GLN A 199 -12.77 -3.68 -15.51
N THR A 200 -13.66 -4.03 -14.60
CA THR A 200 -13.78 -5.42 -14.17
C THR A 200 -15.24 -5.77 -13.95
N PRO A 201 -15.99 -6.06 -15.03
CA PRO A 201 -17.40 -6.43 -14.88
C PRO A 201 -17.40 -7.74 -14.11
N PHE A 202 -18.47 -8.04 -13.39
CA PHE A 202 -18.48 -9.28 -12.62
C PHE A 202 -19.62 -10.24 -12.91
N SER A 203 -20.66 -9.78 -13.59
CA SER A 203 -21.80 -10.63 -13.88
C SER A 203 -22.60 -10.17 -15.09
N GLN A 204 -23.20 -11.12 -15.79
CA GLN A 204 -24.00 -10.81 -16.96
C GLN A 204 -25.29 -10.10 -16.53
N THR A 205 -25.56 -10.12 -15.23
CA THR A 205 -26.75 -9.45 -14.70
C THR A 205 -26.39 -8.57 -13.50
N GLY A 206 -25.13 -8.12 -13.48
CA GLY A 206 -24.67 -7.26 -12.41
C GLY A 206 -24.80 -5.81 -12.78
N VAL A 207 -25.26 -4.98 -11.83
CA VAL A 207 -25.41 -3.54 -12.06
C VAL A 207 -24.88 -2.78 -10.86
N GLN A 208 -24.65 -1.49 -11.03
CA GLN A 208 -24.15 -0.66 -9.95
C GLN A 208 -25.30 0.10 -9.30
N THR A 209 -25.02 0.74 -8.16
CA THR A 209 -26.02 1.54 -7.47
C THR A 209 -25.45 2.96 -7.52
N ALA A 210 -26.31 3.98 -7.38
CA ALA A 210 -27.74 3.79 -7.19
C ALA A 210 -28.44 3.31 -8.44
N LEU A 211 -29.32 2.32 -8.26
CA LEU A 211 -30.09 1.75 -9.36
C LEU A 211 -31.48 2.39 -9.34
N MET A 212 -31.93 2.86 -10.49
CA MET A 212 -33.23 3.51 -10.58
C MET A 212 -34.19 2.62 -11.36
N MET A 213 -35.43 2.55 -10.90
CA MET A 213 -36.44 1.71 -11.56
C MET A 213 -37.82 2.35 -11.59
N LYS A 214 -38.59 2.01 -12.62
CA LYS A 214 -39.97 2.51 -12.75
C LYS A 214 -40.85 1.27 -12.93
N THR A 215 -41.87 1.15 -12.08
CA THR A 215 -42.75 -0.02 -12.12
C THR A 215 -44.03 0.17 -12.94
N ASP A 216 -44.62 -0.96 -13.34
CA ASP A 216 -45.85 -0.91 -14.13
C ASP A 216 -47.01 -0.33 -13.32
N ASP A 217 -46.97 -0.48 -12.00
CA ASP A 217 -48.06 0.06 -11.18
C ASP A 217 -47.80 1.47 -10.65
N GLY A 218 -47.05 2.26 -11.42
CA GLY A 218 -46.78 3.64 -11.06
C GLY A 218 -45.79 4.02 -9.98
N LEU A 219 -44.89 3.11 -9.60
CA LEU A 219 -43.91 3.44 -8.58
C LEU A 219 -42.52 3.69 -9.14
N TYR A 220 -41.73 4.43 -8.38
CA TYR A 220 -40.35 4.73 -8.74
C TYR A 220 -39.54 4.21 -7.57
N ILE A 221 -38.60 3.30 -7.85
CA ILE A 221 -37.78 2.70 -6.82
C ILE A 221 -36.29 2.91 -7.05
N ASN A 222 -35.60 3.29 -5.99
CA ASN A 222 -34.15 3.52 -6.05
C ASN A 222 -33.46 2.65 -5.01
N LEU A 223 -32.51 1.82 -5.44
CA LEU A 223 -31.77 0.95 -4.53
C LEU A 223 -30.34 1.48 -4.43
N HIS A 224 -29.86 1.70 -3.22
CA HIS A 224 -28.53 2.28 -3.04
C HIS A 224 -28.00 1.93 -1.65
N GLU A 225 -26.93 2.62 -1.25
CA GLU A 225 -26.34 2.41 0.08
C GLU A 225 -25.88 3.78 0.60
N ALA A 226 -25.73 3.88 1.92
CA ALA A 226 -25.31 5.14 2.53
C ALA A 226 -24.20 4.94 3.56
N ALA A 227 -23.27 5.88 3.62
CA ALA A 227 -22.17 5.84 4.57
C ALA A 227 -21.22 4.67 4.32
N LEU A 228 -20.67 4.59 3.12
CA LEU A 228 -19.75 3.50 2.78
C LEU A 228 -18.40 3.80 3.42
N VAL A 229 -18.20 3.28 4.63
CA VAL A 229 -16.97 3.48 5.38
C VAL A 229 -16.48 2.17 5.99
N ASP A 230 -15.16 1.95 5.93
CA ASP A 230 -14.56 0.73 6.46
C ASP A 230 -15.33 -0.50 5.96
N TYR A 231 -15.59 -0.54 4.66
CA TYR A 231 -16.34 -1.64 4.06
C TYR A 231 -16.11 -1.59 2.56
N SER A 232 -16.43 -2.68 1.88
CA SER A 232 -16.26 -2.75 0.42
C SER A 232 -17.52 -2.22 -0.27
N CYS A 233 -17.34 -1.61 -1.44
CA CYS A 233 -18.47 -1.06 -2.19
C CYS A 233 -19.51 -2.11 -2.57
N MET A 234 -20.79 -1.76 -2.46
CA MET A 234 -21.85 -2.69 -2.80
C MET A 234 -22.37 -2.49 -4.22
N HIS A 235 -22.46 -3.59 -4.96
CA HIS A 235 -23.01 -3.58 -6.31
C HIS A 235 -24.23 -4.49 -6.16
N LEU A 236 -25.01 -4.65 -7.24
CA LEU A 236 -26.19 -5.51 -7.17
C LEU A 236 -26.14 -6.56 -8.28
N ASN A 237 -26.48 -7.80 -7.93
CA ASN A 237 -26.50 -8.86 -8.92
C ASN A 237 -27.94 -9.33 -9.06
N LEU A 238 -28.45 -9.33 -10.29
CA LEU A 238 -29.82 -9.71 -10.53
C LEU A 238 -30.09 -11.17 -10.83
N ASP A 239 -31.04 -11.73 -10.09
CA ASP A 239 -31.50 -13.10 -10.32
C ASP A 239 -32.71 -12.77 -11.18
N ASP A 240 -32.56 -12.86 -12.51
CA ASP A 240 -33.66 -12.51 -13.38
C ASP A 240 -34.76 -13.55 -13.56
N LYS A 241 -34.74 -14.60 -12.75
CA LYS A 241 -35.78 -15.61 -12.81
C LYS A 241 -36.80 -15.22 -11.75
N ASN A 242 -36.29 -14.90 -10.56
CA ASN A 242 -37.13 -14.51 -9.44
C ASN A 242 -37.21 -13.00 -9.27
N MET A 243 -36.46 -12.28 -10.09
CA MET A 243 -36.41 -10.82 -10.03
C MET A 243 -35.97 -10.32 -8.66
N VAL A 244 -34.84 -10.84 -8.20
CA VAL A 244 -34.30 -10.44 -6.91
C VAL A 244 -32.89 -9.88 -7.08
N PHE A 245 -32.69 -8.65 -6.62
CA PHE A 245 -31.37 -8.02 -6.67
C PHE A 245 -30.72 -8.38 -5.35
N GLU A 246 -29.43 -8.72 -5.37
CA GLU A 246 -28.75 -9.07 -4.14
C GLU A 246 -27.40 -8.38 -4.06
N SER A 247 -27.05 -7.92 -2.86
CA SER A 247 -25.78 -7.25 -2.65
C SER A 247 -24.63 -8.12 -3.19
N TRP A 248 -23.66 -7.48 -3.83
CA TRP A 248 -22.49 -8.16 -4.37
C TRP A 248 -21.36 -7.18 -4.10
N LEU A 249 -20.54 -7.50 -3.09
CA LEU A 249 -19.45 -6.62 -2.70
C LEU A 249 -18.21 -6.74 -3.58
N THR A 250 -17.38 -5.71 -3.54
CA THR A 250 -16.15 -5.70 -4.33
C THR A 250 -15.06 -6.48 -3.60
N PRO A 251 -14.49 -7.50 -4.25
CA PRO A 251 -13.44 -8.32 -3.65
C PRO A 251 -12.07 -7.63 -3.62
N ASP A 252 -11.21 -8.06 -2.70
CA ASP A 252 -9.87 -7.50 -2.61
C ASP A 252 -9.00 -8.35 -3.53
N ALA A 253 -7.70 -8.18 -3.47
CA ALA A 253 -6.78 -8.92 -4.35
C ALA A 253 -6.90 -10.44 -4.26
N LYS A 254 -7.35 -10.96 -3.13
CA LYS A 254 -7.46 -12.40 -2.98
C LYS A 254 -8.89 -12.91 -2.98
N GLY A 255 -9.83 -12.07 -3.41
CA GLY A 255 -11.23 -12.48 -3.49
C GLY A 255 -12.10 -12.26 -2.28
N ASP A 256 -11.51 -11.83 -1.16
CA ASP A 256 -12.28 -11.61 0.05
C ASP A 256 -13.06 -10.31 -0.02
N LYS A 257 -14.15 -10.22 0.75
CA LYS A 257 -14.99 -9.03 0.69
C LYS A 257 -15.22 -8.23 1.97
N GLY A 258 -14.18 -8.10 2.80
CA GLY A 258 -14.34 -7.30 4.00
C GLY A 258 -13.67 -7.80 5.25
N TYR A 259 -12.71 -7.04 5.75
CA TYR A 259 -12.02 -7.41 6.97
C TYR A 259 -12.69 -6.62 8.08
N MET A 260 -13.40 -7.33 8.95
CA MET A 260 -14.14 -6.70 10.03
C MET A 260 -13.57 -6.98 11.42
N GLN A 261 -13.84 -6.07 12.34
CA GLN A 261 -13.41 -6.19 13.72
C GLN A 261 -14.48 -5.51 14.56
N THR A 262 -15.17 -6.29 15.39
CA THR A 262 -16.23 -5.74 16.24
C THR A 262 -15.66 -4.83 17.34
N PRO A 263 -16.43 -3.81 17.75
CA PRO A 263 -17.76 -3.48 17.22
C PRO A 263 -17.64 -2.78 15.87
N CYS A 264 -18.48 -3.18 14.92
CA CYS A 264 -18.48 -2.60 13.59
C CYS A 264 -19.84 -2.77 12.93
N ASN A 265 -20.10 -1.97 11.89
CA ASN A 265 -21.38 -2.03 11.18
C ASN A 265 -21.15 -1.98 9.70
N THR A 266 -22.14 -2.46 8.94
CA THR A 266 -22.06 -2.41 7.49
C THR A 266 -22.64 -1.04 7.16
N PRO A 267 -22.50 -0.61 5.90
CA PRO A 267 -23.07 0.69 5.55
C PRO A 267 -24.57 0.46 5.51
N TRP A 268 -25.35 1.52 5.35
CA TRP A 268 -26.79 1.34 5.27
C TRP A 268 -27.16 0.95 3.84
N ARG A 269 -28.26 0.23 3.71
CA ARG A 269 -28.78 -0.16 2.41
C ARG A 269 -30.10 0.59 2.33
N THR A 270 -30.35 1.26 1.20
CA THR A 270 -31.56 2.05 1.10
C THR A 270 -32.51 1.73 -0.05
N ILE A 271 -33.79 1.92 0.23
CA ILE A 271 -34.86 1.69 -0.73
C ILE A 271 -35.71 2.96 -0.68
N ILE A 272 -35.51 3.84 -1.66
CA ILE A 272 -36.27 5.09 -1.72
C ILE A 272 -37.41 4.85 -2.71
N VAL A 273 -38.64 5.16 -2.30
CA VAL A 273 -39.78 4.91 -3.17
C VAL A 273 -40.90 5.93 -3.04
N SER A 274 -41.61 6.14 -4.15
CA SER A 274 -42.72 7.08 -4.20
C SER A 274 -43.44 6.89 -5.54
N ASP A 275 -44.67 7.38 -5.63
CA ASP A 275 -45.40 7.27 -6.88
C ASP A 275 -45.20 8.53 -7.71
N ASP A 276 -44.33 9.41 -7.21
CA ASP A 276 -43.99 10.66 -7.88
C ASP A 276 -42.46 10.70 -8.03
N ALA A 277 -41.98 10.64 -9.26
CA ALA A 277 -40.54 10.64 -9.52
C ALA A 277 -39.81 11.80 -8.86
N ARG A 278 -40.50 12.95 -8.74
CA ARG A 278 -39.90 14.12 -8.13
C ARG A 278 -39.47 13.89 -6.69
N ASN A 279 -40.20 13.04 -5.97
CA ASN A 279 -39.87 12.76 -4.58
C ASN A 279 -38.59 11.95 -4.43
N ILE A 280 -38.19 11.27 -5.49
CA ILE A 280 -36.96 10.48 -5.44
C ILE A 280 -35.80 11.48 -5.36
N LEU A 281 -35.91 12.55 -6.15
CA LEU A 281 -34.87 13.58 -6.16
C LEU A 281 -34.89 14.38 -4.85
N ALA A 282 -36.07 14.58 -4.30
CA ALA A 282 -36.24 15.34 -3.07
C ALA A 282 -35.80 14.60 -1.80
N SER A 283 -35.72 13.29 -1.89
CA SER A 283 -35.33 12.48 -0.73
C SER A 283 -33.93 12.81 -0.21
N ARG A 284 -33.80 12.81 1.11
CA ARG A 284 -32.53 13.10 1.76
C ARG A 284 -32.16 11.93 2.68
N ILE A 285 -32.73 10.77 2.41
CA ILE A 285 -32.44 9.58 3.22
C ILE A 285 -30.95 9.29 3.27
N THR A 286 -30.30 9.33 2.11
CA THR A 286 -28.87 9.04 2.04
C THR A 286 -28.06 9.92 2.97
N LEU A 287 -28.23 11.24 2.88
CA LEU A 287 -27.50 12.16 3.74
C LEU A 287 -27.90 11.99 5.21
N ASN A 288 -29.19 11.80 5.44
CA ASN A 288 -29.69 11.63 6.81
C ASN A 288 -29.09 10.43 7.54
N LEU A 289 -28.70 9.41 6.79
CA LEU A 289 -28.12 8.21 7.41
C LEU A 289 -26.62 8.31 7.64
N ASN A 290 -26.01 9.41 7.23
CA ASN A 290 -24.59 9.59 7.45
C ASN A 290 -24.32 10.29 8.77
N GLU A 291 -23.14 10.08 9.33
CA GLU A 291 -22.75 10.68 10.59
C GLU A 291 -22.64 12.19 10.44
N PRO A 292 -22.98 12.95 11.49
CA PRO A 292 -22.90 14.41 11.44
C PRO A 292 -21.49 14.91 11.15
N CYS A 293 -21.43 16.15 10.66
CA CYS A 293 -20.17 16.79 10.33
C CYS A 293 -19.10 16.61 11.42
N LYS A 294 -17.92 16.16 11.01
CA LYS A 294 -16.82 15.97 11.96
C LYS A 294 -15.77 17.07 11.83
N ILE A 295 -16.02 18.02 10.92
CA ILE A 295 -15.13 19.15 10.72
C ILE A 295 -15.76 20.34 11.45
N ALA A 296 -15.34 20.55 12.70
CA ALA A 296 -15.87 21.61 13.54
C ALA A 296 -15.91 23.02 12.96
N ASP A 297 -14.86 23.41 12.24
CA ASP A 297 -14.81 24.76 11.68
C ASP A 297 -15.13 24.81 10.19
N ALA A 298 -15.74 23.74 9.68
CA ALA A 298 -16.08 23.66 8.25
C ALA A 298 -16.63 24.94 7.64
N ALA A 299 -17.61 25.55 8.30
CA ALA A 299 -18.23 26.78 7.80
C ALA A 299 -17.25 27.92 7.56
N SER A 300 -16.12 27.90 8.24
CA SER A 300 -15.13 28.97 8.11
C SER A 300 -14.23 28.83 6.87
N TRP A 301 -14.14 27.64 6.30
CA TRP A 301 -13.29 27.46 5.13
C TRP A 301 -13.86 26.64 3.96
N VAL A 302 -14.77 25.72 4.23
CA VAL A 302 -15.36 24.94 3.15
C VAL A 302 -16.31 25.86 2.39
N LYS A 303 -16.13 25.96 1.07
CA LYS A 303 -16.98 26.84 0.28
C LYS A 303 -17.09 26.43 -1.19
N PRO A 304 -18.26 26.68 -1.80
CA PRO A 304 -18.51 26.35 -3.21
C PRO A 304 -17.48 26.99 -4.12
N VAL A 305 -17.26 26.39 -5.28
CA VAL A 305 -16.28 26.87 -6.24
C VAL A 305 -16.76 26.80 -7.69
N LYS A 306 -16.77 27.94 -8.38
CA LYS A 306 -17.15 27.96 -9.79
C LYS A 306 -15.80 28.16 -10.47
N TYR A 307 -15.46 27.31 -11.43
CA TYR A 307 -14.16 27.42 -12.07
C TYR A 307 -14.10 27.11 -13.56
N ILE A 308 -12.94 27.39 -14.13
CA ILE A 308 -12.67 27.10 -15.53
C ILE A 308 -11.28 26.45 -15.45
N GLY A 309 -10.70 26.07 -16.59
CA GLY A 309 -9.38 25.48 -16.50
C GLY A 309 -8.71 25.03 -17.77
N VAL A 310 -7.39 24.87 -17.69
CA VAL A 310 -6.62 24.38 -18.83
C VAL A 310 -6.95 22.90 -18.70
N TRP A 311 -7.90 22.46 -19.52
CA TRP A 311 -8.37 21.08 -19.44
C TRP A 311 -8.92 20.55 -20.78
N TRP A 312 -9.95 21.21 -21.30
CA TRP A 312 -10.59 20.79 -22.56
C TRP A 312 -9.57 20.62 -23.70
N ASP A 313 -8.50 21.42 -23.67
CA ASP A 313 -7.44 21.33 -24.68
C ASP A 313 -6.92 19.91 -24.79
N MET A 314 -6.50 19.34 -23.66
CA MET A 314 -5.94 18.00 -23.63
C MET A 314 -6.99 16.92 -23.85
N ILE A 315 -8.18 17.13 -23.28
CA ILE A 315 -9.26 16.16 -23.41
C ILE A 315 -9.64 15.93 -24.88
N THR A 316 -9.68 17.01 -25.66
CA THR A 316 -10.03 16.90 -27.07
C THR A 316 -8.83 16.49 -27.93
N GLY A 317 -7.63 16.62 -27.37
CA GLY A 317 -6.43 16.25 -28.10
C GLY A 317 -5.74 17.45 -28.74
N LYS A 318 -6.32 18.63 -28.58
CA LYS A 318 -5.75 19.85 -29.14
C LYS A 318 -4.40 20.13 -28.48
N GLY A 319 -4.34 19.97 -27.17
CA GLY A 319 -3.11 20.20 -26.43
C GLY A 319 -2.69 18.92 -25.73
N SER A 320 -1.61 18.98 -24.97
CA SER A 320 -1.13 17.80 -24.27
C SER A 320 -0.77 18.08 -22.82
N TRP A 321 -0.77 17.02 -22.01
CA TRP A 321 -0.41 17.11 -20.61
C TRP A 321 1.11 17.07 -20.53
N ALA A 322 1.71 16.30 -21.44
CA ALA A 322 3.16 16.14 -21.48
C ALA A 322 3.89 17.38 -21.97
N TYR A 323 5.09 17.57 -21.46
CA TYR A 323 5.94 18.69 -21.83
C TYR A 323 6.68 18.39 -23.13
N THR A 324 7.11 17.13 -23.28
CA THR A 324 7.85 16.72 -24.47
C THR A 324 7.38 15.37 -25.01
N ASP A 325 7.68 15.11 -26.29
CA ASP A 325 7.29 13.86 -26.94
C ASP A 325 8.51 13.07 -27.41
N GLU A 326 9.71 13.60 -27.17
CA GLU A 326 10.94 12.93 -27.62
C GLU A 326 11.43 11.76 -26.77
N LEU A 327 10.87 11.56 -25.58
CA LEU A 327 11.32 10.48 -24.71
C LEU A 327 10.44 9.23 -24.72
N THR A 328 11.07 8.06 -24.75
CA THR A 328 10.33 6.80 -24.76
C THR A 328 9.71 6.52 -23.38
N SER A 329 10.25 7.18 -22.36
CA SER A 329 9.73 7.05 -20.99
C SER A 329 10.51 8.02 -20.13
N VAL A 330 10.06 8.24 -18.90
CA VAL A 330 10.73 9.16 -18.01
C VAL A 330 10.90 8.60 -16.60
N LYS A 331 11.91 9.11 -15.89
CA LYS A 331 12.15 8.70 -14.52
C LYS A 331 12.39 9.95 -13.68
N LEU A 332 11.45 10.25 -12.79
CA LEU A 332 11.53 11.42 -11.93
C LEU A 332 12.85 11.44 -11.18
N GLY A 333 13.52 12.59 -11.16
CA GLY A 333 14.78 12.70 -10.46
C GLY A 333 15.96 12.40 -11.37
N GLU A 334 15.68 11.84 -12.54
CA GLU A 334 16.73 11.51 -13.51
C GLU A 334 16.53 12.29 -14.80
N THR A 335 15.29 12.29 -15.29
CA THR A 335 14.96 12.99 -16.52
C THR A 335 15.08 14.50 -16.30
N ASP A 336 15.91 15.16 -17.11
CA ASP A 336 16.10 16.60 -17.01
C ASP A 336 15.25 17.26 -18.09
N TYR A 337 14.03 17.62 -17.73
CA TYR A 337 13.11 18.24 -18.68
C TYR A 337 13.62 19.54 -19.30
N SER A 338 14.51 20.24 -18.60
CA SER A 338 15.05 21.49 -19.11
C SER A 338 15.92 21.26 -20.35
N LYS A 339 16.21 20.00 -20.65
CA LYS A 339 17.03 19.66 -21.80
C LYS A 339 16.25 18.92 -22.87
N THR A 340 14.93 18.84 -22.71
CA THR A 340 14.08 18.16 -23.66
C THR A 340 13.42 19.17 -24.59
N LYS A 341 13.00 18.72 -25.77
CA LYS A 341 12.37 19.60 -26.73
C LYS A 341 10.87 19.70 -26.49
N PRO A 342 10.35 20.92 -26.31
CA PRO A 342 8.91 21.13 -26.07
C PRO A 342 8.14 20.60 -27.28
N ASN A 343 7.07 19.85 -27.06
CA ASN A 343 6.31 19.32 -28.18
C ASN A 343 5.49 20.40 -28.86
N GLY A 344 5.41 21.57 -28.24
CA GLY A 344 4.66 22.67 -28.81
C GLY A 344 3.16 22.57 -28.58
N LYS A 345 2.74 21.62 -27.74
CA LYS A 345 1.33 21.41 -27.45
C LYS A 345 1.01 21.48 -25.95
N HIS A 346 2.01 21.75 -25.14
CA HIS A 346 1.82 21.82 -23.70
C HIS A 346 1.02 23.05 -23.26
N SER A 347 -0.26 22.83 -22.96
CA SER A 347 -1.14 23.93 -22.56
C SER A 347 -0.86 24.50 -21.17
N ALA A 348 -0.29 23.70 -20.28
CA ALA A 348 0.01 24.17 -18.93
C ALA A 348 1.29 24.99 -18.85
N ASN A 349 1.31 26.11 -19.57
CA ASN A 349 2.48 26.99 -19.56
C ASN A 349 2.04 28.34 -18.97
N THR A 350 2.92 28.96 -18.21
CA THR A 350 2.64 30.22 -17.52
C THR A 350 1.82 31.27 -18.29
N ALA A 351 2.24 31.59 -19.51
CA ALA A 351 1.53 32.60 -20.30
C ALA A 351 0.08 32.21 -20.57
N ASN A 352 -0.15 30.95 -20.92
CA ASN A 352 -1.51 30.50 -21.20
C ASN A 352 -2.34 30.51 -19.93
N VAL A 353 -1.74 30.04 -18.84
CA VAL A 353 -2.43 30.00 -17.55
C VAL A 353 -2.86 31.41 -17.13
N LYS A 354 -2.00 32.40 -17.37
CA LYS A 354 -2.35 33.76 -16.99
C LYS A 354 -3.56 34.25 -17.78
N ARG A 355 -3.67 33.81 -19.05
CA ARG A 355 -4.80 34.20 -19.88
C ARG A 355 -6.10 33.65 -19.28
N TYR A 356 -6.03 32.45 -18.70
CA TYR A 356 -7.20 31.86 -18.08
C TYR A 356 -7.52 32.64 -16.79
N ILE A 357 -6.48 32.99 -16.04
CA ILE A 357 -6.67 33.75 -14.82
C ILE A 357 -7.38 35.07 -15.11
N ASP A 358 -6.99 35.74 -16.20
CA ASP A 358 -7.62 37.00 -16.59
C ASP A 358 -9.10 36.81 -16.87
N PHE A 359 -9.42 35.76 -17.62
CA PHE A 359 -10.80 35.44 -17.98
C PHE A 359 -11.61 35.13 -16.73
N ALA A 360 -11.06 34.30 -15.86
CA ALA A 360 -11.76 33.92 -14.63
C ALA A 360 -12.08 35.16 -13.78
N ALA A 361 -11.09 36.04 -13.62
CA ALA A 361 -11.27 37.25 -12.83
C ALA A 361 -12.27 38.19 -13.51
N ALA A 362 -12.14 38.31 -14.82
CA ALA A 362 -13.01 39.20 -15.58
C ALA A 362 -14.48 38.79 -15.49
N HIS A 363 -14.74 37.50 -15.36
CA HIS A 363 -16.13 37.04 -15.32
C HIS A 363 -16.66 36.50 -14.00
N GLY A 364 -15.97 36.79 -12.90
CA GLY A 364 -16.44 36.36 -11.60
C GLY A 364 -16.23 34.93 -11.15
N PHE A 365 -15.33 34.20 -11.79
CA PHE A 365 -15.06 32.81 -11.39
C PHE A 365 -14.16 32.78 -10.15
N ASP A 366 -14.24 31.70 -9.39
CA ASP A 366 -13.44 31.57 -8.17
C ASP A 366 -12.06 30.97 -8.37
N ALA A 367 -11.95 30.01 -9.29
CA ALA A 367 -10.67 29.35 -9.50
C ALA A 367 -10.39 28.91 -10.92
N VAL A 368 -9.15 28.51 -11.14
CA VAL A 368 -8.69 28.03 -12.43
C VAL A 368 -7.94 26.73 -12.20
N LEU A 369 -8.40 25.67 -12.85
CA LEU A 369 -7.76 24.37 -12.74
C LEU A 369 -6.71 24.27 -13.85
N VAL A 370 -5.60 23.61 -13.55
CA VAL A 370 -4.56 23.40 -14.57
C VAL A 370 -4.04 21.98 -14.46
N GLU A 371 -4.16 21.22 -15.55
CA GLU A 371 -3.67 19.83 -15.56
C GLU A 371 -2.43 19.77 -16.43
N GLY A 372 -1.51 18.88 -16.09
CA GLY A 372 -0.27 18.73 -16.84
C GLY A 372 0.78 19.73 -16.41
N TRP A 373 0.68 20.22 -15.17
CA TRP A 373 1.64 21.20 -14.66
C TRP A 373 2.91 20.58 -14.08
N ASN A 374 2.83 19.32 -13.68
CA ASN A 374 3.96 18.64 -13.05
C ASN A 374 4.67 17.57 -13.88
N GLU A 375 5.94 17.33 -13.54
CA GLU A 375 6.76 16.34 -14.24
C GLU A 375 6.12 14.95 -14.19
N GLY A 376 6.26 14.19 -15.27
CA GLY A 376 5.75 12.83 -15.30
C GLY A 376 4.64 12.46 -16.25
N TRP A 377 3.93 13.45 -16.81
CA TRP A 377 2.82 13.15 -17.70
C TRP A 377 3.15 12.34 -18.94
N GLU A 378 4.41 12.36 -19.37
CA GLU A 378 4.81 11.59 -20.53
C GLU A 378 4.42 10.11 -20.37
N ASP A 379 4.48 9.60 -19.14
CA ASP A 379 4.17 8.19 -18.85
C ASP A 379 2.91 7.96 -18.04
N TRP A 380 2.04 8.96 -17.94
CA TRP A 380 0.85 8.82 -17.10
C TRP A 380 -0.19 7.76 -17.43
N PHE A 381 -0.27 7.32 -18.68
CA PHE A 381 -1.33 6.39 -19.05
C PHE A 381 -1.04 4.91 -19.31
N GLY A 382 -1.72 4.08 -18.52
CA GLY A 382 -1.63 2.63 -18.64
C GLY A 382 -0.34 1.86 -18.55
N ASN A 383 0.67 2.41 -17.86
CA ASN A 383 1.94 1.71 -17.72
C ASN A 383 2.05 0.98 -16.39
N SER A 384 1.05 1.16 -15.53
CA SER A 384 1.07 0.55 -14.19
C SER A 384 2.40 0.94 -13.57
N LYS A 385 2.71 2.24 -13.64
CA LYS A 385 3.95 2.81 -13.12
C LYS A 385 3.80 3.22 -11.66
N ASP A 386 4.71 2.74 -10.81
CA ASP A 386 4.66 3.05 -9.38
C ASP A 386 5.05 4.51 -9.10
N TYR A 387 6.31 4.85 -9.33
CA TYR A 387 6.79 6.20 -9.09
C TYR A 387 6.49 7.08 -10.30
N VAL A 388 5.21 7.31 -10.55
CA VAL A 388 4.75 8.08 -11.69
C VAL A 388 4.70 9.60 -11.52
N PHE A 389 4.45 10.07 -10.29
CA PHE A 389 4.37 11.51 -10.02
C PHE A 389 4.90 11.82 -8.62
N ASP A 390 5.34 13.06 -8.39
CA ASP A 390 5.80 13.45 -7.07
C ASP A 390 4.87 14.56 -6.54
N PHE A 391 3.97 15.00 -7.41
CA PHE A 391 2.98 16.01 -7.07
C PHE A 391 3.49 17.38 -6.62
N VAL A 392 4.78 17.65 -6.84
CA VAL A 392 5.33 18.94 -6.42
C VAL A 392 6.31 19.60 -7.39
N THR A 393 6.90 18.83 -8.29
CA THR A 393 7.86 19.39 -9.24
C THR A 393 7.24 19.80 -10.57
N PRO A 394 7.22 21.11 -10.86
CA PRO A 394 6.63 21.64 -12.09
C PRO A 394 7.51 21.53 -13.33
N TYR A 395 6.87 21.51 -14.49
CA TYR A 395 7.60 21.45 -15.75
C TYR A 395 8.33 22.78 -15.91
N PRO A 396 9.30 22.84 -16.84
CA PRO A 396 10.08 24.06 -17.09
C PRO A 396 9.25 25.29 -17.47
N ASP A 397 8.09 25.05 -18.09
CA ASP A 397 7.25 26.16 -18.54
C ASP A 397 6.09 26.51 -17.61
N PHE A 398 6.09 25.97 -16.40
CA PHE A 398 5.05 26.27 -15.43
C PHE A 398 5.67 26.92 -14.20
N ASP A 399 5.54 28.25 -14.10
CA ASP A 399 6.13 28.98 -12.98
C ASP A 399 5.13 29.04 -11.81
N VAL A 400 5.24 28.07 -10.91
CA VAL A 400 4.36 27.97 -9.75
C VAL A 400 4.19 29.29 -8.97
N LYS A 401 5.30 29.88 -8.57
CA LYS A 401 5.30 31.12 -7.81
C LYS A 401 4.75 32.34 -8.54
N GLU A 402 5.10 32.49 -9.82
CA GLU A 402 4.61 33.62 -10.59
C GLU A 402 3.12 33.47 -10.89
N ILE A 403 2.70 32.23 -11.11
CA ILE A 403 1.29 31.97 -11.38
C ILE A 403 0.48 32.23 -10.11
N HIS A 404 1.07 31.89 -8.97
CA HIS A 404 0.42 32.11 -7.67
C HIS A 404 0.27 33.61 -7.41
N ARG A 405 1.37 34.33 -7.60
CA ARG A 405 1.39 35.78 -7.39
C ARG A 405 0.31 36.46 -8.24
N TYR A 406 0.27 36.09 -9.51
CA TYR A 406 -0.69 36.68 -10.45
C TYR A 406 -2.14 36.33 -10.08
N ALA A 407 -2.40 35.06 -9.82
CA ALA A 407 -3.75 34.63 -9.47
C ALA A 407 -4.24 35.37 -8.23
N ALA A 408 -3.41 35.39 -7.19
CA ALA A 408 -3.77 36.07 -5.94
C ALA A 408 -4.09 37.55 -6.16
N ARG A 409 -3.26 38.24 -6.93
CA ARG A 409 -3.51 39.65 -7.18
C ARG A 409 -4.85 39.82 -7.90
N LYS A 410 -5.16 38.89 -8.78
CA LYS A 410 -6.42 38.93 -9.54
C LYS A 410 -7.62 38.42 -8.75
N GLY A 411 -7.38 37.93 -7.54
CA GLY A 411 -8.47 37.44 -6.72
C GLY A 411 -8.93 36.04 -7.12
N ILE A 412 -8.05 35.33 -7.82
CA ILE A 412 -8.35 33.99 -8.29
C ILE A 412 -7.50 32.94 -7.56
N LYS A 413 -8.10 31.78 -7.32
CA LYS A 413 -7.42 30.67 -6.66
C LYS A 413 -7.08 29.61 -7.71
N MET A 414 -5.87 29.08 -7.65
CA MET A 414 -5.49 28.03 -8.60
C MET A 414 -5.93 26.72 -7.96
N MET A 415 -6.56 25.86 -8.76
CA MET A 415 -7.02 24.57 -8.26
C MET A 415 -5.95 23.52 -8.58
N MET A 416 -5.42 22.89 -7.56
CA MET A 416 -4.38 21.87 -7.72
C MET A 416 -4.93 20.63 -8.41
N HIS A 417 -4.06 19.93 -9.14
CA HIS A 417 -4.45 18.71 -9.82
C HIS A 417 -3.50 17.61 -9.37
N HIS A 418 -4.06 16.54 -8.83
CA HIS A 418 -3.28 15.39 -8.36
C HIS A 418 -3.69 14.09 -9.05
N GLU A 419 -3.39 13.96 -10.34
CA GLU A 419 -3.69 12.70 -11.02
C GLU A 419 -2.65 11.73 -10.47
N THR A 420 -3.10 10.60 -9.95
CA THR A 420 -2.18 9.61 -9.39
C THR A 420 -1.84 8.49 -10.35
N SER A 421 -2.59 8.39 -11.45
CA SER A 421 -2.40 7.31 -12.42
C SER A 421 -2.57 5.98 -11.69
N ALA A 422 -3.50 5.98 -10.74
CA ALA A 422 -3.85 4.80 -9.95
C ALA A 422 -2.73 4.20 -9.12
N SER A 423 -1.64 4.93 -8.95
CA SER A 423 -0.51 4.44 -8.14
C SER A 423 -0.74 5.02 -6.75
N VAL A 424 -1.47 4.26 -5.93
CA VAL A 424 -1.87 4.68 -4.59
C VAL A 424 -0.82 4.75 -3.48
N ARG A 425 0.08 3.76 -3.39
CA ARG A 425 1.11 3.83 -2.35
C ARG A 425 1.96 5.06 -2.63
N ASN A 426 2.28 5.27 -3.91
CA ASN A 426 3.08 6.41 -4.31
C ASN A 426 2.42 7.72 -3.88
N TYR A 427 1.11 7.81 -4.05
CA TYR A 427 0.39 9.03 -3.67
C TYR A 427 0.43 9.23 -2.15
N GLU A 428 0.18 8.16 -1.39
CA GLU A 428 0.19 8.28 0.07
C GLU A 428 1.58 8.66 0.59
N ARG A 429 2.62 8.12 -0.05
CA ARG A 429 3.99 8.43 0.35
C ARG A 429 4.32 9.92 0.14
N HIS A 430 3.74 10.50 -0.90
CA HIS A 430 3.96 11.92 -1.23
C HIS A 430 2.86 12.85 -0.72
N MET A 431 1.79 12.30 -0.17
CA MET A 431 0.65 13.12 0.24
C MET A 431 0.87 14.30 1.17
N ASP A 432 1.57 14.10 2.28
CA ASP A 432 1.79 15.23 3.18
C ASP A 432 2.63 16.32 2.53
N LYS A 433 3.69 15.93 1.82
CA LYS A 433 4.52 16.92 1.14
C LYS A 433 3.68 17.62 0.07
N ALA A 434 2.80 16.86 -0.57
CA ALA A 434 1.94 17.40 -1.63
C ALA A 434 0.96 18.43 -1.07
N TYR A 435 0.31 18.10 0.04
CA TYR A 435 -0.64 19.02 0.66
C TYR A 435 0.08 20.25 1.20
N GLN A 436 1.28 20.04 1.75
CA GLN A 436 2.06 21.16 2.28
C GLN A 436 2.47 22.07 1.12
N PHE A 437 2.79 21.48 -0.01
CA PHE A 437 3.18 22.24 -1.20
C PHE A 437 2.00 23.13 -1.60
N MET A 438 0.79 22.57 -1.53
CA MET A 438 -0.41 23.32 -1.85
C MET A 438 -0.54 24.51 -0.91
N ALA A 439 -0.42 24.23 0.39
CA ALA A 439 -0.53 25.26 1.42
C ALA A 439 0.53 26.35 1.24
N ASP A 440 1.74 25.95 0.87
CA ASP A 440 2.84 26.89 0.67
C ASP A 440 2.72 27.74 -0.60
N ASN A 441 1.92 27.27 -1.54
CA ASN A 441 1.77 27.98 -2.81
C ASN A 441 0.37 28.48 -3.15
N GLY A 442 -0.47 28.68 -2.15
CA GLY A 442 -1.80 29.20 -2.36
C GLY A 442 -2.93 28.34 -2.89
N TYR A 443 -2.77 27.02 -2.87
CA TYR A 443 -3.82 26.12 -3.36
C TYR A 443 -4.63 25.60 -2.16
N ASN A 444 -5.96 25.72 -2.20
CA ASN A 444 -6.75 25.19 -1.10
C ASN A 444 -7.80 24.18 -1.56
N SER A 445 -7.71 23.78 -2.82
CA SER A 445 -8.62 22.78 -3.36
C SER A 445 -7.83 21.94 -4.37
N VAL A 446 -8.11 20.65 -4.40
CA VAL A 446 -7.41 19.75 -5.30
C VAL A 446 -8.34 18.78 -6.02
N LYS A 447 -8.06 18.56 -7.29
CA LYS A 447 -8.81 17.61 -8.10
C LYS A 447 -7.86 16.43 -8.18
N SER A 448 -8.27 15.29 -7.64
CA SER A 448 -7.42 14.09 -7.69
C SER A 448 -7.96 13.15 -8.75
N GLY A 449 -7.14 12.16 -9.13
CA GLY A 449 -7.56 11.21 -10.15
C GLY A 449 -6.90 9.86 -9.94
N TYR A 450 -7.53 8.81 -10.44
CA TYR A 450 -6.98 7.45 -10.32
C TYR A 450 -7.19 6.66 -11.61
N VAL A 451 -6.61 7.16 -12.70
CA VAL A 451 -6.72 6.53 -14.00
C VAL A 451 -5.74 5.37 -14.17
N GLY A 452 -6.27 4.19 -14.45
CA GLY A 452 -5.44 3.01 -14.64
C GLY A 452 -5.78 1.98 -13.57
N ASN A 453 -5.23 0.77 -13.72
CA ASN A 453 -5.47 -0.27 -12.74
C ASN A 453 -4.74 0.08 -11.44
N ILE A 454 -5.41 -0.14 -10.32
CA ILE A 454 -4.85 0.17 -9.00
C ILE A 454 -3.52 -0.49 -8.68
N ILE A 455 -2.70 0.22 -7.91
CA ILE A 455 -1.42 -0.26 -7.43
C ILE A 455 -1.50 0.18 -5.96
N PRO A 456 -1.37 -0.77 -5.00
CA PRO A 456 -1.15 -2.22 -5.09
C PRO A 456 -1.94 -2.99 -6.14
N ARG A 457 -1.20 -3.67 -7.00
CA ARG A 457 -1.79 -4.44 -8.10
C ARG A 457 -2.58 -5.63 -7.59
N GLY A 458 -3.81 -5.74 -8.07
CA GLY A 458 -4.69 -6.82 -7.65
C GLY A 458 -5.93 -6.23 -7.01
N GLU A 459 -5.81 -5.02 -6.49
CA GLU A 459 -6.94 -4.34 -5.88
C GLU A 459 -7.78 -3.64 -6.94
N HIS A 460 -9.03 -3.38 -6.60
CA HIS A 460 -9.96 -2.71 -7.50
C HIS A 460 -10.25 -1.31 -6.97
N HIS A 461 -10.76 -0.43 -7.81
CA HIS A 461 -11.06 0.93 -7.41
C HIS A 461 -12.05 1.06 -6.26
N TYR A 462 -12.98 0.12 -6.15
CA TYR A 462 -14.01 0.23 -5.11
C TYR A 462 -13.95 -0.77 -3.94
N GLY A 463 -12.83 -1.46 -3.78
CA GLY A 463 -12.72 -2.41 -2.70
C GLY A 463 -12.55 -1.67 -1.37
N GLN A 464 -12.61 -2.41 -0.26
CA GLN A 464 -12.46 -1.80 1.07
C GLN A 464 -11.11 -1.07 1.21
N TRP A 465 -10.08 -1.62 0.57
CA TRP A 465 -8.75 -1.03 0.62
C TRP A 465 -8.73 0.39 0.06
N MET A 466 -9.24 0.55 -1.15
CA MET A 466 -9.28 1.88 -1.78
C MET A 466 -10.29 2.81 -1.12
N ASN A 467 -11.39 2.27 -0.61
CA ASN A 467 -12.38 3.12 0.05
C ASN A 467 -11.70 3.76 1.25
N ASN A 468 -10.80 3.01 1.89
CA ASN A 468 -10.06 3.54 3.03
C ASN A 468 -9.15 4.66 2.53
N HIS A 469 -8.43 4.40 1.43
CA HIS A 469 -7.54 5.42 0.88
C HIS A 469 -8.26 6.73 0.54
N TYR A 470 -9.35 6.64 -0.22
CA TYR A 470 -10.09 7.85 -0.61
C TYR A 470 -10.48 8.69 0.60
N LEU A 471 -10.91 8.04 1.67
CA LEU A 471 -11.32 8.75 2.87
C LEU A 471 -10.10 9.28 3.63
N TYR A 472 -9.01 8.51 3.62
CA TYR A 472 -7.77 8.89 4.28
C TYR A 472 -7.29 10.20 3.63
N ALA A 473 -7.39 10.27 2.31
CA ALA A 473 -6.99 11.46 1.57
C ALA A 473 -7.85 12.66 1.96
N VAL A 474 -9.15 12.42 2.14
CA VAL A 474 -10.07 13.49 2.52
C VAL A 474 -9.87 13.95 3.96
N LYS A 475 -9.70 13.01 4.88
CA LYS A 475 -9.49 13.34 6.28
C LYS A 475 -8.20 14.12 6.46
N LYS A 476 -7.14 13.71 5.76
CA LYS A 476 -5.86 14.41 5.86
C LYS A 476 -6.01 15.80 5.26
N ALA A 477 -6.72 15.90 4.14
CA ALA A 477 -6.94 17.19 3.48
C ALA A 477 -7.65 18.17 4.43
N ALA A 478 -8.57 17.66 5.23
CA ALA A 478 -9.32 18.49 6.18
C ALA A 478 -8.37 19.10 7.21
N ASP A 479 -7.33 18.37 7.57
CA ASP A 479 -6.34 18.86 8.52
C ASP A 479 -5.60 20.06 7.96
N TYR A 480 -5.46 20.09 6.64
CA TYR A 480 -4.77 21.19 5.95
C TYR A 480 -5.79 22.22 5.47
N LYS A 481 -7.06 21.98 5.79
CA LYS A 481 -8.14 22.86 5.35
C LYS A 481 -8.17 22.93 3.82
N ILE A 482 -8.04 21.77 3.20
CA ILE A 482 -8.07 21.63 1.76
C ILE A 482 -9.34 20.89 1.33
N MET A 483 -9.94 21.35 0.24
CA MET A 483 -11.16 20.72 -0.28
C MET A 483 -10.74 19.74 -1.36
N VAL A 484 -11.49 18.64 -1.48
CA VAL A 484 -11.17 17.60 -2.45
C VAL A 484 -12.28 17.25 -3.45
N ASN A 485 -11.88 16.99 -4.69
CA ASN A 485 -12.76 16.57 -5.78
C ASN A 485 -12.02 15.39 -6.39
N ALA A 486 -12.47 14.18 -6.10
CA ALA A 486 -11.79 12.99 -6.59
C ALA A 486 -12.45 12.25 -7.75
N HIS A 487 -11.73 12.18 -8.87
CA HIS A 487 -12.24 11.46 -10.03
C HIS A 487 -11.82 9.99 -9.88
N GLU A 488 -12.58 9.11 -10.53
CA GLU A 488 -12.34 7.67 -10.50
C GLU A 488 -12.51 7.01 -9.12
N ALA A 489 -12.88 7.79 -8.11
CA ALA A 489 -13.07 7.20 -6.78
C ALA A 489 -14.44 6.52 -6.72
N THR A 490 -14.66 5.76 -5.65
CA THR A 490 -15.92 5.08 -5.45
C THR A 490 -17.04 6.12 -5.43
N ARG A 491 -18.15 5.85 -6.12
CA ARG A 491 -19.26 6.79 -6.15
C ARG A 491 -19.73 7.11 -4.74
N PRO A 492 -20.11 8.37 -4.48
CA PRO A 492 -20.57 8.87 -3.18
C PRO A 492 -21.82 8.24 -2.58
N THR A 493 -21.84 8.22 -1.24
CA THR A 493 -22.94 7.67 -0.46
C THR A 493 -23.29 8.58 0.72
N GLY A 494 -23.11 9.89 0.54
CA GLY A 494 -23.45 10.83 1.59
C GLY A 494 -22.38 11.19 2.61
N ILE A 495 -21.17 10.70 2.42
CA ILE A 495 -20.09 10.98 3.36
C ILE A 495 -19.73 12.46 3.41
N CYS A 496 -20.23 13.23 2.45
CA CYS A 496 -19.96 14.67 2.44
C CYS A 496 -20.58 15.35 3.67
N ARG A 497 -21.58 14.72 4.27
CA ARG A 497 -22.21 15.29 5.47
C ARG A 497 -21.20 15.26 6.60
N THR A 498 -20.43 14.18 6.66
CA THR A 498 -19.44 13.97 7.70
C THR A 498 -18.17 14.78 7.41
N TYR A 499 -17.76 14.79 6.14
CA TYR A 499 -16.59 15.52 5.70
C TYR A 499 -16.97 16.42 4.53
N PRO A 500 -17.53 17.59 4.83
CA PRO A 500 -17.97 18.61 3.87
C PRO A 500 -16.90 19.10 2.90
N ASN A 501 -15.62 18.82 3.20
CA ASN A 501 -14.55 19.27 2.33
C ASN A 501 -14.47 18.42 1.05
N LEU A 502 -15.21 17.32 1.03
CA LEU A 502 -15.26 16.46 -0.16
C LEU A 502 -16.37 17.12 -0.98
N ILE A 503 -16.00 18.13 -1.75
CA ILE A 503 -16.95 18.87 -2.56
C ILE A 503 -17.27 18.22 -3.90
N GLY A 504 -16.62 17.12 -4.21
CA GLY A 504 -16.93 16.47 -5.47
C GLY A 504 -16.24 15.16 -5.78
N ASN A 505 -16.77 14.50 -6.80
CA ASN A 505 -16.25 13.25 -7.34
C ASN A 505 -16.77 13.26 -8.76
N GLU A 506 -16.17 12.45 -9.62
CA GLU A 506 -16.71 12.33 -10.95
C GLU A 506 -17.47 11.03 -10.68
N SER A 507 -16.76 9.91 -10.78
CA SER A 507 -17.33 8.60 -10.48
C SER A 507 -18.61 8.26 -11.24
N ALA A 508 -18.61 8.62 -12.51
CA ALA A 508 -19.72 8.40 -13.43
C ALA A 508 -19.22 8.95 -14.75
N ARG A 509 -19.95 8.66 -15.83
CA ARG A 509 -19.57 9.15 -17.15
C ARG A 509 -19.84 10.66 -17.18
N GLY A 510 -18.78 11.45 -17.36
CA GLY A 510 -18.93 12.90 -17.40
C GLY A 510 -18.82 13.53 -18.78
N THR A 511 -18.71 14.85 -18.81
CA THR A 511 -18.60 15.56 -20.07
C THR A 511 -17.39 15.18 -20.91
N GLU A 512 -16.29 14.77 -20.27
CA GLU A 512 -15.11 14.38 -21.04
C GLU A 512 -15.44 13.35 -22.11
N TYR A 513 -16.38 12.45 -21.83
CA TYR A 513 -16.74 11.41 -22.79
C TYR A 513 -17.50 11.97 -24.01
N GLU A 514 -17.98 13.20 -23.90
CA GLU A 514 -18.69 13.83 -25.01
C GLU A 514 -17.62 14.11 -26.06
N SER A 515 -16.37 13.93 -25.66
CA SER A 515 -15.22 14.13 -26.54
C SER A 515 -14.69 12.79 -27.03
N PHE A 516 -15.20 11.71 -26.44
CA PHE A 516 -14.77 10.36 -26.79
C PHE A 516 -15.86 9.59 -27.52
N GLY A 517 -16.71 10.30 -28.26
CA GLY A 517 -17.79 9.63 -28.98
C GLY A 517 -19.12 10.17 -28.55
N GLY A 518 -19.16 10.78 -27.36
CA GLY A 518 -20.38 11.36 -26.84
C GLY A 518 -21.10 10.54 -25.78
N ASN A 519 -21.98 11.20 -25.03
CA ASN A 519 -22.79 10.53 -24.01
C ASN A 519 -24.19 10.44 -24.59
N LYS A 520 -24.98 9.45 -24.18
CA LYS A 520 -26.33 9.34 -24.70
C LYS A 520 -27.09 10.62 -24.43
N VAL A 521 -27.98 10.97 -25.36
CA VAL A 521 -28.76 12.19 -25.25
C VAL A 521 -29.50 12.35 -23.93
N TYR A 522 -30.03 11.25 -23.40
CA TYR A 522 -30.77 11.30 -22.14
C TYR A 522 -29.92 11.16 -20.88
N HIS A 523 -28.59 11.12 -21.04
CA HIS A 523 -27.71 10.95 -19.89
C HIS A 523 -27.99 11.85 -18.70
N THR A 524 -28.09 13.17 -18.91
CA THR A 524 -28.33 14.06 -17.78
C THR A 524 -29.75 14.05 -17.22
N THR A 525 -30.63 13.24 -17.81
CA THR A 525 -32.00 13.14 -17.29
C THR A 525 -32.06 11.90 -16.41
N ILE A 526 -30.93 11.22 -16.27
CA ILE A 526 -30.83 10.02 -15.45
C ILE A 526 -29.90 10.23 -14.24
N LEU A 527 -28.75 10.84 -14.47
CA LEU A 527 -27.77 11.07 -13.40
C LEU A 527 -28.35 11.57 -12.08
N PRO A 528 -29.25 12.57 -12.10
CA PRO A 528 -29.81 13.07 -10.84
C PRO A 528 -30.57 11.99 -10.05
N PHE A 529 -31.12 11.01 -10.76
CA PHE A 529 -31.87 9.93 -10.12
C PHE A 529 -30.96 8.79 -9.66
N THR A 530 -29.72 8.79 -10.16
CA THR A 530 -28.78 7.72 -9.80
C THR A 530 -27.49 8.22 -9.16
N ARG A 531 -26.53 8.60 -9.99
CA ARG A 531 -25.23 9.08 -9.50
C ARG A 531 -25.30 10.17 -8.44
N LEU A 532 -26.12 11.20 -8.66
CA LEU A 532 -26.20 12.30 -7.70
C LEU A 532 -26.72 11.93 -6.32
N VAL A 533 -27.39 10.79 -6.19
CA VAL A 533 -27.89 10.38 -4.89
C VAL A 533 -26.69 9.93 -4.04
N GLY A 534 -26.32 10.76 -3.07
CA GLY A 534 -25.19 10.45 -2.21
C GLY A 534 -24.11 11.51 -2.28
N GLY A 535 -24.18 12.37 -3.29
CA GLY A 535 -23.18 13.41 -3.41
C GLY A 535 -23.13 14.06 -4.78
N PRO A 536 -22.62 15.31 -4.85
CA PRO A 536 -22.53 16.06 -6.10
C PRO A 536 -21.51 15.48 -7.08
N MET A 537 -21.66 15.84 -8.35
CA MET A 537 -20.75 15.38 -9.39
C MET A 537 -20.09 16.56 -10.09
N ASP A 538 -18.80 16.41 -10.38
CA ASP A 538 -18.03 17.40 -11.11
C ASP A 538 -18.23 16.94 -12.56
N TYR A 539 -19.37 17.33 -13.14
CA TYR A 539 -19.72 16.92 -14.51
C TYR A 539 -19.07 17.77 -15.60
N THR A 540 -18.52 18.91 -15.18
CA THR A 540 -17.87 19.86 -16.08
C THR A 540 -18.68 20.23 -17.31
N PRO A 541 -19.88 20.80 -17.10
CA PRO A 541 -20.77 21.21 -18.19
C PRO A 541 -20.28 22.51 -18.83
N GLY A 542 -21.09 23.09 -19.71
CA GLY A 542 -20.71 24.34 -20.32
C GLY A 542 -19.98 24.32 -21.65
N ILE A 543 -20.19 23.29 -22.47
CA ILE A 543 -19.53 23.24 -23.76
C ILE A 543 -20.42 23.95 -24.80
N PHE A 544 -19.94 25.08 -25.31
CA PHE A 544 -20.69 25.86 -26.30
C PHE A 544 -20.38 25.40 -27.73
N GLU A 545 -19.13 25.06 -27.99
CA GLU A 545 -18.75 24.55 -29.31
C GLU A 545 -18.77 23.04 -29.21
N THR A 546 -19.94 22.47 -29.49
CA THR A 546 -20.15 21.03 -29.39
C THR A 546 -19.44 20.17 -30.42
N HIS A 547 -18.86 20.78 -31.44
CA HIS A 547 -18.13 20.03 -32.46
C HIS A 547 -16.65 20.00 -32.07
N CYS A 548 -16.21 18.86 -31.55
CA CYS A 548 -14.84 18.68 -31.10
C CYS A 548 -13.80 18.86 -32.20
N ASN A 549 -14.19 18.67 -33.46
CA ASN A 549 -13.24 18.83 -34.55
C ASN A 549 -12.75 20.27 -34.67
N LYS A 550 -13.45 21.20 -34.03
CA LYS A 550 -13.03 22.60 -34.07
C LYS A 550 -11.86 22.80 -33.11
N MET A 551 -11.72 21.88 -32.15
CA MET A 551 -10.63 21.92 -31.19
C MET A 551 -9.48 21.11 -31.77
N ASN A 552 -9.83 19.93 -32.27
CA ASN A 552 -8.86 19.00 -32.85
C ASN A 552 -9.46 18.39 -34.12
N PRO A 553 -8.90 18.75 -35.29
CA PRO A 553 -9.36 18.25 -36.60
C PRO A 553 -9.57 16.74 -36.66
N ALA A 554 -8.76 15.99 -35.93
CA ALA A 554 -8.85 14.54 -35.93
C ALA A 554 -9.92 13.99 -35.00
N ASN A 555 -10.54 14.86 -34.19
CA ASN A 555 -11.58 14.43 -33.26
C ASN A 555 -12.96 14.76 -33.84
N ASN A 556 -13.69 13.75 -34.28
CA ASN A 556 -15.02 13.96 -34.86
C ASN A 556 -16.16 13.78 -33.86
N SER A 557 -15.82 13.71 -32.58
CA SER A 557 -16.84 13.55 -31.55
C SER A 557 -17.71 14.79 -31.45
N GLN A 558 -19.01 14.59 -31.19
CA GLN A 558 -19.94 15.71 -31.06
C GLN A 558 -20.69 15.62 -29.73
N VAL A 559 -20.69 16.71 -28.97
CA VAL A 559 -21.39 16.75 -27.69
C VAL A 559 -22.89 16.63 -27.96
N ARG A 560 -23.54 15.68 -27.29
CA ARG A 560 -24.97 15.46 -27.46
C ARG A 560 -25.77 16.47 -26.64
N SER A 561 -25.79 17.72 -27.10
CA SER A 561 -26.50 18.77 -26.39
C SER A 561 -26.64 20.05 -27.20
N THR A 562 -27.61 20.88 -26.83
CA THR A 562 -27.78 22.18 -27.48
C THR A 562 -27.10 23.09 -26.46
N ILE A 563 -26.82 24.32 -26.83
CA ILE A 563 -26.18 25.25 -25.91
C ILE A 563 -27.09 25.53 -24.72
N ALA A 564 -28.38 25.69 -24.98
CA ALA A 564 -29.32 25.97 -23.90
C ALA A 564 -29.35 24.86 -22.84
N ARG A 565 -29.22 23.61 -23.26
CA ARG A 565 -29.24 22.51 -22.30
C ARG A 565 -27.98 22.54 -21.43
N GLN A 566 -26.86 22.97 -22.01
CA GLN A 566 -25.61 23.06 -21.26
C GLN A 566 -25.79 24.07 -20.12
N LEU A 567 -26.49 25.16 -20.41
CA LEU A 567 -26.74 26.19 -19.40
C LEU A 567 -27.61 25.60 -18.31
N ALA A 568 -28.61 24.82 -18.71
CA ALA A 568 -29.54 24.21 -17.78
C ALA A 568 -28.83 23.31 -16.76
N LEU A 569 -27.76 22.66 -17.19
CA LEU A 569 -27.02 21.77 -16.31
C LEU A 569 -26.51 22.42 -15.02
N TYR A 570 -26.29 23.73 -15.04
CA TYR A 570 -25.82 24.40 -13.82
C TYR A 570 -26.90 24.38 -12.75
N VAL A 571 -28.11 24.01 -13.15
CA VAL A 571 -29.22 23.90 -12.21
C VAL A 571 -29.70 22.45 -12.08
N THR A 572 -29.68 21.70 -13.18
CA THR A 572 -30.14 20.31 -13.14
C THR A 572 -29.09 19.27 -12.73
N MET A 573 -27.82 19.67 -12.69
CA MET A 573 -26.76 18.78 -12.25
C MET A 573 -26.16 19.48 -11.04
N TYR A 574 -26.81 19.30 -9.89
CA TYR A 574 -26.37 19.94 -8.66
C TYR A 574 -24.95 19.64 -8.22
N SER A 575 -24.27 20.69 -7.76
CA SER A 575 -22.91 20.57 -7.27
C SER A 575 -22.42 21.90 -6.77
N PRO A 576 -21.69 21.91 -5.64
CA PRO A 576 -21.16 23.16 -5.09
C PRO A 576 -19.90 23.49 -5.86
N LEU A 577 -19.53 22.58 -6.77
CA LEU A 577 -18.35 22.69 -7.62
C LEU A 577 -18.83 22.67 -9.07
N GLN A 578 -18.75 23.82 -9.73
CA GLN A 578 -19.21 23.93 -11.12
C GLN A 578 -18.15 24.47 -12.06
N MET A 579 -17.85 23.69 -13.10
CA MET A 579 -16.87 24.13 -14.08
C MET A 579 -17.55 24.65 -15.35
N ALA A 580 -16.91 25.63 -15.97
CA ALA A 580 -17.35 26.17 -17.27
C ALA A 580 -16.20 25.55 -18.07
N ALA A 581 -16.46 24.37 -18.62
CA ALA A 581 -15.45 23.57 -19.33
C ALA A 581 -14.88 23.99 -20.67
N ASP A 582 -15.60 24.79 -21.46
CA ASP A 582 -15.10 25.19 -22.77
C ASP A 582 -13.91 26.14 -22.64
N ILE A 583 -13.23 26.40 -23.75
CA ILE A 583 -12.09 27.32 -23.71
C ILE A 583 -12.61 28.75 -23.79
N PRO A 584 -11.89 29.69 -23.14
CA PRO A 584 -12.29 31.11 -23.13
C PRO A 584 -12.70 31.64 -24.50
N GLU A 585 -11.92 31.31 -25.53
CA GLU A 585 -12.21 31.77 -26.87
C GLU A 585 -13.62 31.43 -27.33
N ASN A 586 -14.11 30.25 -26.95
CA ASN A 586 -15.46 29.87 -27.36
C ASN A 586 -16.55 30.59 -26.59
N TYR A 587 -16.29 30.90 -25.32
CA TYR A 587 -17.29 31.61 -24.53
C TYR A 587 -17.39 33.04 -25.05
N GLU A 588 -16.26 33.56 -25.54
CA GLU A 588 -16.22 34.91 -26.07
C GLU A 588 -17.04 35.04 -27.34
N ARG A 589 -17.30 33.92 -28.00
CA ARG A 589 -18.10 33.92 -29.23
C ARG A 589 -19.59 33.95 -28.89
N PHE A 590 -19.92 33.48 -27.69
CA PHE A 590 -21.31 33.44 -27.24
C PHE A 590 -21.43 34.06 -25.86
N MET A 591 -20.88 35.27 -25.71
CA MET A 591 -20.91 35.96 -24.42
C MET A 591 -22.31 36.23 -23.88
N ASP A 592 -23.29 36.34 -24.76
CA ASP A 592 -24.65 36.61 -24.31
C ASP A 592 -25.21 35.40 -23.57
N ALA A 593 -24.94 34.20 -24.09
CA ALA A 593 -25.41 32.98 -23.43
C ALA A 593 -24.55 32.69 -22.21
N PHE A 594 -23.29 33.12 -22.27
CA PHE A 594 -22.34 32.91 -21.18
C PHE A 594 -22.82 33.59 -19.90
N GLN A 595 -23.62 34.63 -20.06
CA GLN A 595 -24.13 35.38 -18.91
C GLN A 595 -24.80 34.49 -17.86
N PHE A 596 -25.52 33.46 -18.30
CA PHE A 596 -26.19 32.60 -17.33
C PHE A 596 -25.18 31.87 -16.44
N ILE A 597 -24.10 31.39 -17.05
CA ILE A 597 -23.07 30.68 -16.28
C ILE A 597 -22.47 31.64 -15.26
N LYS A 598 -22.30 32.89 -15.68
CA LYS A 598 -21.74 33.91 -14.79
C LYS A 598 -22.69 34.23 -13.62
N ASP A 599 -23.99 34.31 -13.92
CA ASP A 599 -25.00 34.63 -12.91
C ASP A 599 -25.41 33.52 -11.95
N VAL A 600 -25.57 32.31 -12.47
CA VAL A 600 -26.01 31.19 -11.64
C VAL A 600 -25.21 30.98 -10.36
N ALA A 601 -25.92 30.73 -9.26
CA ALA A 601 -25.31 30.50 -7.96
C ALA A 601 -24.83 29.05 -7.86
N LEU A 602 -24.20 28.72 -6.73
CA LEU A 602 -23.66 27.39 -6.49
C LEU A 602 -24.25 26.71 -5.25
N ASP A 603 -24.83 27.51 -4.36
CA ASP A 603 -25.41 26.99 -3.12
C ASP A 603 -26.84 27.47 -3.04
N TRP A 604 -27.72 26.67 -2.44
CA TRP A 604 -29.12 27.02 -2.39
C TRP A 604 -29.83 26.91 -1.06
N ASP A 605 -30.79 27.81 -0.83
CA ASP A 605 -31.59 27.83 0.39
C ASP A 605 -32.83 26.95 0.20
N GLU A 606 -33.28 26.83 -1.06
CA GLU A 606 -34.45 26.04 -1.40
C GLU A 606 -34.33 25.45 -2.80
N THR A 607 -34.97 24.30 -2.99
CA THR A 607 -34.99 23.63 -4.29
C THR A 607 -36.38 23.04 -4.54
N ASN A 608 -36.95 23.36 -5.69
CA ASN A 608 -38.27 22.83 -6.05
C ASN A 608 -38.13 22.01 -7.31
N TYR A 609 -38.48 20.73 -7.23
CA TYR A 609 -38.42 19.84 -8.37
C TYR A 609 -39.75 20.01 -9.08
N LEU A 610 -39.74 20.76 -10.18
CA LEU A 610 -40.94 21.05 -10.95
C LEU A 610 -41.44 19.88 -11.79
N GLU A 611 -40.57 19.32 -12.60
CA GLU A 611 -40.92 18.18 -13.46
C GLU A 611 -39.77 17.19 -13.42
N ALA A 612 -40.09 15.90 -13.45
CA ALA A 612 -39.05 14.88 -13.42
C ALA A 612 -39.56 13.50 -13.83
N GLU A 613 -38.89 12.95 -14.85
CA GLU A 613 -39.19 11.63 -15.38
C GLU A 613 -37.84 11.11 -15.87
N PRO A 614 -37.28 10.11 -15.17
CA PRO A 614 -35.99 9.55 -15.56
C PRO A 614 -35.88 9.18 -17.04
N GLY A 615 -34.80 9.63 -17.67
CA GLY A 615 -34.59 9.34 -19.08
C GLY A 615 -35.36 10.22 -20.06
N GLU A 616 -36.20 11.10 -19.54
CA GLU A 616 -37.00 11.97 -20.41
C GLU A 616 -36.83 13.46 -20.16
N TYR A 617 -36.96 13.88 -18.90
CA TYR A 617 -36.81 15.29 -18.60
C TYR A 617 -36.72 15.59 -17.11
N ILE A 618 -36.03 16.67 -16.78
CA ILE A 618 -35.85 17.10 -15.40
C ILE A 618 -35.87 18.63 -15.38
N THR A 619 -36.79 19.18 -14.60
CA THR A 619 -36.93 20.63 -14.49
C THR A 619 -36.87 21.01 -13.02
N ILE A 620 -35.88 21.84 -12.68
CA ILE A 620 -35.68 22.26 -11.30
C ILE A 620 -35.50 23.77 -11.14
N ALA A 621 -36.06 24.30 -10.06
CA ALA A 621 -35.95 25.71 -9.72
C ALA A 621 -35.29 25.75 -8.35
N ARG A 622 -34.27 26.58 -8.19
CA ARG A 622 -33.56 26.68 -6.92
C ARG A 622 -33.43 28.13 -6.50
N LYS A 623 -33.44 28.37 -5.19
CA LYS A 623 -33.31 29.73 -4.67
C LYS A 623 -31.89 29.92 -4.16
N ALA A 624 -31.14 30.83 -4.78
CA ALA A 624 -29.76 31.10 -4.39
C ALA A 624 -29.66 31.44 -2.91
N LYS A 625 -28.74 30.76 -2.21
CA LYS A 625 -28.57 30.99 -0.78
C LYS A 625 -28.37 32.45 -0.42
N ASP A 626 -29.09 32.89 0.61
CA ASP A 626 -29.02 34.27 1.09
C ASP A 626 -29.45 35.32 0.08
N THR A 627 -30.35 34.95 -0.82
CA THR A 627 -30.85 35.89 -1.84
C THR A 627 -32.32 35.59 -2.10
N ASP A 628 -32.95 36.47 -2.88
CA ASP A 628 -34.34 36.28 -3.24
C ASP A 628 -34.37 35.96 -4.73
N ASP A 629 -33.24 35.47 -5.24
CA ASP A 629 -33.12 35.13 -6.65
C ASP A 629 -33.30 33.65 -6.91
N TRP A 630 -34.00 33.32 -7.99
CA TRP A 630 -34.24 31.93 -8.37
C TRP A 630 -33.60 31.62 -9.72
N TYR A 631 -33.19 30.36 -9.88
CA TYR A 631 -32.60 29.88 -11.11
C TYR A 631 -33.30 28.60 -11.51
N VAL A 632 -33.67 28.51 -12.78
CA VAL A 632 -34.37 27.36 -13.29
C VAL A 632 -33.64 26.70 -14.46
N GLY A 633 -33.69 25.38 -14.49
CA GLY A 633 -33.06 24.65 -15.57
C GLY A 633 -33.86 23.42 -15.95
N CYS A 634 -33.88 23.12 -17.24
CA CYS A 634 -34.59 21.95 -17.75
C CYS A 634 -33.71 21.25 -18.76
N THR A 635 -33.58 19.93 -18.61
CA THR A 635 -32.79 19.13 -19.53
C THR A 635 -33.71 18.03 -20.06
N ALA A 636 -33.64 17.73 -21.35
CA ALA A 636 -34.53 16.74 -21.93
C ALA A 636 -33.84 15.67 -22.78
N GLY A 637 -34.57 14.56 -22.98
CA GLY A 637 -34.06 13.46 -23.76
C GLY A 637 -34.26 13.64 -25.26
N GLU A 638 -34.24 12.54 -25.99
CA GLU A 638 -34.39 12.59 -27.45
C GLU A 638 -35.73 13.09 -27.98
N ASN A 639 -36.76 13.05 -27.16
CA ASN A 639 -38.08 13.49 -27.59
C ASN A 639 -38.32 14.95 -27.25
N GLY A 640 -37.38 15.57 -26.56
CA GLY A 640 -37.55 16.95 -26.17
C GLY A 640 -38.56 16.99 -25.04
N HIS A 641 -39.08 18.18 -24.73
CA HIS A 641 -40.06 18.31 -23.67
C HIS A 641 -40.66 19.70 -23.61
N THR A 642 -41.98 19.76 -23.50
CA THR A 642 -42.69 21.02 -23.42
C THR A 642 -43.11 21.22 -21.97
N SER A 643 -42.70 22.35 -21.39
CA SER A 643 -43.03 22.66 -20.01
C SER A 643 -44.08 23.76 -19.89
N LYS A 644 -44.94 23.61 -18.89
CA LYS A 644 -45.96 24.59 -18.59
C LYS A 644 -45.56 25.07 -17.20
N LEU A 645 -44.69 26.08 -17.16
CA LEU A 645 -44.18 26.60 -15.91
C LEU A 645 -45.13 27.54 -15.18
N VAL A 646 -45.21 27.36 -13.86
CA VAL A 646 -46.05 28.17 -12.99
C VAL A 646 -45.10 28.69 -11.90
N PHE A 647 -44.83 29.99 -11.93
CA PHE A 647 -43.91 30.61 -10.97
C PHE A 647 -44.54 30.99 -9.65
N ASP A 648 -45.47 30.19 -9.16
CA ASP A 648 -46.13 30.49 -7.90
C ASP A 648 -45.22 30.27 -6.69
N PHE A 649 -43.95 29.93 -6.96
CA PHE A 649 -43.02 29.73 -5.86
C PHE A 649 -42.27 31.03 -5.56
N LEU A 650 -42.49 32.04 -6.40
CA LEU A 650 -41.87 33.34 -6.20
C LEU A 650 -42.64 34.08 -5.11
N THR A 651 -42.00 35.06 -4.49
CA THR A 651 -42.63 35.82 -3.41
C THR A 651 -43.77 36.71 -3.89
N PRO A 652 -44.91 36.68 -3.17
CA PRO A 652 -46.08 37.49 -3.53
C PRO A 652 -45.77 38.98 -3.44
N GLY A 653 -46.28 39.75 -4.40
CA GLY A 653 -46.06 41.18 -4.39
C GLY A 653 -44.70 41.66 -4.87
N LYS A 654 -43.84 40.74 -5.28
CA LYS A 654 -42.51 41.13 -5.75
C LYS A 654 -42.39 41.03 -7.27
N GLN A 655 -41.50 41.83 -7.83
CA GLN A 655 -41.26 41.82 -9.27
C GLN A 655 -39.87 41.23 -9.47
N TYR A 656 -39.70 40.47 -10.54
CA TYR A 656 -38.42 39.84 -10.82
C TYR A 656 -37.98 40.08 -12.26
N ILE A 657 -36.68 40.31 -12.44
CA ILE A 657 -36.14 40.49 -13.78
C ILE A 657 -35.77 39.09 -14.22
N ALA A 658 -36.47 38.57 -15.22
CA ALA A 658 -36.21 37.22 -15.70
C ALA A 658 -35.57 37.19 -17.07
N THR A 659 -34.56 36.34 -17.21
CA THR A 659 -33.87 36.18 -18.48
C THR A 659 -34.00 34.72 -18.87
N VAL A 660 -34.68 34.47 -19.97
CA VAL A 660 -34.90 33.11 -20.45
C VAL A 660 -33.92 32.75 -21.57
N TYR A 661 -33.13 31.72 -21.34
CA TYR A 661 -32.16 31.21 -22.30
C TYR A 661 -32.77 29.90 -22.78
N ALA A 662 -33.38 29.90 -23.96
CA ALA A 662 -34.02 28.70 -24.46
C ALA A 662 -33.58 28.27 -25.84
N ASP A 663 -33.98 27.06 -26.23
CA ASP A 663 -33.67 26.53 -27.54
C ASP A 663 -34.52 27.31 -28.53
N ALA A 664 -33.92 27.68 -29.65
CA ALA A 664 -34.67 28.41 -30.66
C ALA A 664 -35.51 27.36 -31.38
N LYS A 665 -36.48 27.81 -32.18
CA LYS A 665 -37.32 26.90 -32.93
C LYS A 665 -36.38 26.07 -33.79
N ASP A 666 -36.65 24.77 -33.88
CA ASP A 666 -35.84 23.86 -34.68
C ASP A 666 -34.42 23.63 -34.18
N ALA A 667 -34.16 23.95 -32.91
CA ALA A 667 -32.85 23.69 -32.35
C ALA A 667 -32.80 22.16 -32.26
N ASP A 668 -31.61 21.58 -32.34
CA ASP A 668 -31.45 20.13 -32.26
C ASP A 668 -30.03 19.86 -31.82
N TRP A 669 -29.83 18.90 -30.93
CA TRP A 669 -28.48 18.62 -30.45
C TRP A 669 -27.53 18.23 -31.58
N LYS A 670 -28.01 17.47 -32.55
CA LYS A 670 -27.15 17.03 -33.65
C LYS A 670 -27.07 17.98 -34.84
N GLU A 671 -28.22 18.37 -35.37
CA GLU A 671 -28.27 19.24 -36.55
C GLU A 671 -28.17 20.75 -36.31
N ASN A 672 -28.65 21.21 -35.15
CA ASN A 672 -28.63 22.65 -34.88
C ASN A 672 -28.52 22.92 -33.38
N PRO A 673 -27.35 22.57 -32.79
CA PRO A 673 -27.08 22.76 -31.35
C PRO A 673 -26.82 24.17 -30.83
N GLN A 674 -26.35 25.06 -31.70
CA GLN A 674 -26.05 26.42 -31.27
C GLN A 674 -27.19 27.42 -31.47
N ALA A 675 -28.38 26.92 -31.77
CA ALA A 675 -29.54 27.77 -31.97
C ALA A 675 -30.26 28.04 -30.66
N TYR A 676 -30.14 29.27 -30.16
CA TYR A 676 -30.77 29.62 -28.89
C TYR A 676 -31.29 31.05 -28.93
N THR A 677 -32.22 31.35 -28.02
CA THR A 677 -32.79 32.69 -27.92
C THR A 677 -32.66 33.15 -26.48
N ILE A 678 -32.67 34.45 -26.28
CA ILE A 678 -32.58 35.02 -24.94
C ILE A 678 -33.62 36.13 -24.83
N LYS A 679 -34.56 35.96 -23.92
CA LYS A 679 -35.62 36.96 -23.72
C LYS A 679 -35.57 37.46 -22.29
N LYS A 680 -35.77 38.76 -22.12
CA LYS A 680 -35.74 39.36 -20.79
C LYS A 680 -37.06 40.06 -20.53
N GLY A 681 -37.57 39.93 -19.31
CA GLY A 681 -38.82 40.56 -18.95
C GLY A 681 -39.10 40.48 -17.47
N ILE A 682 -40.29 40.92 -17.06
CA ILE A 682 -40.67 40.90 -15.66
C ILE A 682 -41.51 39.68 -15.33
N LEU A 683 -41.26 39.09 -14.17
CA LEU A 683 -42.02 37.93 -13.71
C LEU A 683 -42.53 38.17 -12.30
N THR A 684 -43.66 37.56 -11.97
CA THR A 684 -44.24 37.66 -10.64
C THR A 684 -44.74 36.26 -10.33
N ASN A 685 -45.20 36.04 -9.10
CA ASN A 685 -45.69 34.72 -8.72
C ASN A 685 -46.99 34.37 -9.44
N LYS A 686 -47.45 35.27 -10.30
CA LYS A 686 -48.68 35.05 -11.08
C LYS A 686 -48.34 34.68 -12.51
N SER A 687 -47.06 34.82 -12.86
CA SER A 687 -46.60 34.52 -14.21
C SER A 687 -46.64 33.03 -14.56
N LYS A 688 -46.89 32.76 -15.82
CA LYS A 688 -46.95 31.40 -16.34
C LYS A 688 -46.20 31.45 -17.66
N LEU A 689 -45.45 30.39 -17.96
CA LEU A 689 -44.68 30.38 -19.19
C LEU A 689 -44.63 28.98 -19.80
N ASN A 690 -44.76 28.94 -21.12
CA ASN A 690 -44.70 27.67 -21.85
C ASN A 690 -43.39 27.67 -22.62
N LEU A 691 -42.55 26.67 -22.35
CA LEU A 691 -41.26 26.57 -23.02
C LEU A 691 -41.03 25.18 -23.57
N HIS A 692 -40.40 25.10 -24.74
CA HIS A 692 -40.12 23.80 -25.33
C HIS A 692 -38.64 23.48 -25.39
N ALA A 693 -38.27 22.33 -24.84
CA ALA A 693 -36.90 21.87 -24.85
C ALA A 693 -36.81 20.98 -26.09
N ALA A 694 -35.82 21.25 -26.94
CA ALA A 694 -35.64 20.47 -28.14
C ALA A 694 -35.01 19.12 -27.85
N ASN A 695 -34.80 18.34 -28.91
CA ASN A 695 -34.19 17.02 -28.81
C ASN A 695 -32.76 17.20 -28.28
N GLY A 696 -32.50 16.72 -27.07
CA GLY A 696 -31.18 16.87 -26.49
C GLY A 696 -30.98 18.32 -26.10
N GLY A 697 -32.09 19.02 -25.86
CA GLY A 697 -32.03 20.41 -25.48
C GLY A 697 -32.57 20.69 -24.09
N GLY A 698 -32.89 21.96 -23.85
CA GLY A 698 -33.43 22.38 -22.56
C GLY A 698 -33.49 23.88 -22.49
N TYR A 699 -33.47 24.44 -21.28
CA TYR A 699 -33.50 25.88 -21.12
C TYR A 699 -33.04 26.28 -19.73
N ALA A 700 -32.67 27.54 -19.58
CA ALA A 700 -32.21 28.07 -18.31
C ALA A 700 -32.85 29.43 -18.08
N ILE A 701 -33.15 29.73 -16.82
CA ILE A 701 -33.78 31.00 -16.50
C ILE A 701 -33.21 31.60 -15.23
N SER A 702 -32.82 32.87 -15.30
CA SER A 702 -32.32 33.56 -14.12
C SER A 702 -33.48 34.45 -13.71
N ILE A 703 -33.84 34.43 -12.44
CA ILE A 703 -34.96 35.23 -11.96
C ILE A 703 -34.51 36.06 -10.75
N LYS A 704 -34.11 37.29 -11.02
CA LYS A 704 -33.63 38.18 -9.96
C LYS A 704 -34.65 39.19 -9.45
N GLU A 705 -34.73 39.28 -8.13
CA GLU A 705 -35.65 40.18 -7.47
C GLU A 705 -35.26 41.62 -7.77
N VAL A 706 -36.22 42.41 -8.25
CA VAL A 706 -35.96 43.81 -8.57
C VAL A 706 -35.58 44.57 -7.31
N LYS A 707 -34.43 45.22 -7.33
CA LYS A 707 -33.95 45.99 -6.19
C LYS A 707 -34.01 47.49 -6.46
N ASP A 708 -34.35 47.84 -7.70
CA ASP A 708 -34.46 49.24 -8.10
C ASP A 708 -35.27 49.36 -9.37
N LYS A 709 -36.32 50.16 -9.32
CA LYS A 709 -37.19 50.38 -10.47
C LYS A 709 -36.40 50.58 -11.75
N SER A 710 -35.23 51.19 -11.63
CA SER A 710 -34.36 51.45 -12.77
C SER A 710 -33.99 50.14 -13.47
N GLU A 711 -34.15 49.02 -12.77
CA GLU A 711 -33.83 47.72 -13.32
C GLU A 711 -34.95 47.24 -14.25
N ALA A 712 -36.17 47.68 -13.95
CA ALA A 712 -37.32 47.29 -14.75
C ALA A 712 -37.51 48.18 -15.97
N LYS A 713 -36.92 49.37 -15.92
CA LYS A 713 -37.02 50.32 -17.02
C LYS A 713 -36.84 49.67 -18.39
N GLY A 714 -37.81 49.89 -19.27
CA GLY A 714 -37.75 49.32 -20.61
C GLY A 714 -38.20 47.87 -20.70
N LEU A 715 -38.37 47.24 -19.55
CA LEU A 715 -38.79 45.83 -19.52
C LEU A 715 -40.30 45.66 -19.34
N LYS A 716 -40.85 44.66 -20.02
CA LYS A 716 -42.28 44.37 -19.97
C LYS A 716 -42.47 42.97 -19.35
N ARG A 717 -43.72 42.57 -19.20
CA ARG A 717 -44.01 41.24 -18.64
C ARG A 717 -43.97 40.22 -19.77
N LEU A 718 -43.36 39.07 -19.48
CA LEU A 718 -43.23 38.01 -20.49
C LEU A 718 -44.57 37.35 -20.83
N MET B 1 34.32 -18.29 -31.50
CA MET B 1 32.85 -18.17 -31.32
C MET B 1 32.52 -17.92 -29.85
N GLN B 2 32.99 -18.81 -28.99
CA GLN B 2 32.75 -18.69 -27.56
C GLN B 2 33.71 -17.67 -26.97
N GLN B 3 33.32 -17.09 -25.84
CA GLN B 3 34.14 -16.09 -25.16
C GLN B 3 34.68 -16.69 -23.87
N LYS B 4 35.95 -16.40 -23.58
CA LYS B 4 36.60 -16.90 -22.37
C LYS B 4 36.95 -15.76 -21.43
N LEU B 5 36.52 -15.89 -20.17
CA LEU B 5 36.81 -14.90 -19.14
C LEU B 5 37.56 -15.64 -18.04
N THR B 6 38.69 -15.08 -17.60
CA THR B 6 39.49 -15.73 -16.58
C THR B 6 39.67 -14.84 -15.35
N SER B 7 39.76 -15.47 -14.18
CA SER B 7 39.95 -14.73 -12.93
C SER B 7 41.38 -14.19 -12.93
N PRO B 8 41.65 -13.18 -12.09
CA PRO B 8 43.01 -12.63 -12.06
C PRO B 8 44.08 -13.70 -11.79
N ASP B 9 43.78 -14.68 -10.95
CA ASP B 9 44.77 -15.71 -10.65
C ASP B 9 44.78 -16.91 -11.60
N ASN B 10 43.96 -16.84 -12.65
CA ASN B 10 43.88 -17.90 -13.67
C ASN B 10 43.20 -19.20 -13.21
N ASN B 11 42.81 -19.27 -11.94
CA ASN B 11 42.17 -20.48 -11.43
C ASN B 11 40.75 -20.71 -11.93
N LEU B 12 40.00 -19.64 -12.18
CA LEU B 12 38.64 -19.77 -12.66
C LEU B 12 38.50 -19.35 -14.10
N VAL B 13 37.65 -20.05 -14.84
CA VAL B 13 37.42 -19.75 -16.23
C VAL B 13 35.93 -19.81 -16.56
N MET B 14 35.39 -18.71 -17.06
CA MET B 14 33.98 -18.62 -17.42
C MET B 14 33.92 -18.59 -18.94
N THR B 15 33.20 -19.56 -19.52
CA THR B 15 33.06 -19.61 -20.97
C THR B 15 31.64 -19.24 -21.35
N PHE B 16 31.51 -18.26 -22.23
CA PHE B 16 30.20 -17.81 -22.68
C PHE B 16 30.01 -18.04 -24.19
N GLN B 17 28.77 -18.31 -24.58
CA GLN B 17 28.45 -18.52 -25.98
C GLN B 17 26.95 -18.62 -26.17
N VAL B 18 26.47 -18.18 -27.32
CA VAL B 18 25.05 -18.28 -27.63
C VAL B 18 24.92 -19.60 -28.37
N ASP B 19 23.99 -20.46 -27.96
CA ASP B 19 23.87 -21.74 -28.63
C ASP B 19 23.16 -21.65 -29.97
N SER B 20 22.91 -22.80 -30.58
CA SER B 20 22.27 -22.87 -31.89
C SER B 20 20.89 -22.23 -31.99
N LYS B 21 20.15 -22.17 -30.89
CA LYS B 21 18.82 -21.56 -30.93
C LYS B 21 18.85 -20.13 -30.40
N GLY B 22 20.06 -19.57 -30.27
CA GLY B 22 20.21 -18.21 -29.81
C GLY B 22 20.08 -17.96 -28.31
N ALA B 23 20.22 -19.01 -27.50
CA ALA B 23 20.11 -18.87 -26.05
C ALA B 23 21.48 -18.62 -25.41
N PRO B 24 21.61 -17.53 -24.61
CA PRO B 24 22.87 -17.21 -23.95
C PRO B 24 23.25 -18.35 -23.01
N THR B 25 24.48 -18.83 -23.12
CA THR B 25 24.94 -19.96 -22.32
C THR B 25 26.29 -19.69 -21.68
N TYR B 26 26.43 -20.11 -20.41
CA TYR B 26 27.70 -19.92 -19.72
C TYR B 26 28.05 -21.17 -18.94
N GLU B 27 29.32 -21.31 -18.59
CA GLU B 27 29.81 -22.43 -17.82
C GLU B 27 30.98 -21.93 -17.00
N LEU B 28 31.38 -22.66 -15.97
CA LEU B 28 32.47 -22.22 -15.11
C LEU B 28 33.30 -23.36 -14.56
N THR B 29 34.62 -23.20 -14.60
CA THR B 29 35.53 -24.21 -14.06
C THR B 29 36.41 -23.54 -13.00
N TYR B 30 36.88 -24.35 -12.06
CA TYR B 30 37.74 -23.91 -10.98
C TYR B 30 38.88 -24.91 -10.93
N LYS B 31 40.10 -24.44 -11.13
CA LYS B 31 41.27 -25.32 -11.14
C LYS B 31 41.01 -26.53 -12.04
N ASN B 32 40.43 -26.26 -13.20
CA ASN B 32 40.12 -27.30 -14.19
C ASN B 32 39.01 -28.26 -13.79
N LYS B 33 38.29 -27.95 -12.72
CA LYS B 33 37.17 -28.78 -12.28
C LYS B 33 35.89 -28.04 -12.67
N VAL B 34 34.91 -28.77 -13.18
CA VAL B 34 33.65 -28.16 -13.56
C VAL B 34 32.89 -27.71 -12.32
N VAL B 35 32.47 -26.45 -12.30
CA VAL B 35 31.71 -25.91 -11.18
C VAL B 35 30.26 -25.75 -11.68
N ILE B 36 30.14 -25.12 -12.85
CA ILE B 36 28.84 -24.89 -13.48
C ILE B 36 28.87 -25.47 -14.90
N LYS B 37 28.04 -26.46 -15.17
CA LYS B 37 27.97 -27.06 -16.50
C LYS B 37 27.22 -26.06 -17.38
N PRO B 38 27.26 -26.25 -18.72
CA PRO B 38 26.56 -25.33 -19.61
C PRO B 38 25.17 -25.00 -19.08
N SER B 39 24.94 -23.71 -18.82
CA SER B 39 23.68 -23.24 -18.27
C SER B 39 23.20 -22.03 -19.04
N THR B 40 21.90 -21.97 -19.33
CA THR B 40 21.34 -20.86 -20.08
C THR B 40 20.90 -19.71 -19.18
N LEU B 41 20.82 -18.52 -19.79
CA LEU B 41 20.42 -17.31 -19.09
C LEU B 41 19.36 -16.61 -19.92
N GLY B 42 18.37 -16.04 -19.25
CA GLY B 42 17.32 -15.34 -19.96
C GLY B 42 16.09 -15.18 -19.10
N LEU B 43 15.06 -14.53 -19.63
CA LEU B 43 13.82 -14.31 -18.90
C LEU B 43 12.62 -14.41 -19.82
N GLU B 44 11.48 -14.79 -19.25
CA GLU B 44 10.24 -14.87 -20.00
C GLU B 44 9.41 -13.72 -19.47
N LEU B 45 8.83 -12.93 -20.37
CA LEU B 45 8.03 -11.79 -19.94
C LEU B 45 6.54 -12.04 -20.06
N LYS B 46 5.76 -11.30 -19.26
CA LYS B 46 4.31 -11.42 -19.26
C LYS B 46 3.79 -10.84 -20.58
N LYS B 47 2.77 -11.48 -21.14
CA LYS B 47 2.19 -11.00 -22.39
C LYS B 47 1.47 -9.68 -22.14
N GLU B 48 1.69 -8.71 -23.01
CA GLU B 48 1.05 -7.40 -22.87
C GLU B 48 -0.45 -7.47 -23.10
N LEU B 66 1.10 -17.13 -29.94
CA LEU B 66 2.25 -16.76 -29.14
C LEU B 66 2.80 -15.39 -29.52
N ASP B 67 3.08 -14.57 -28.51
CA ASP B 67 3.61 -13.23 -28.71
C ASP B 67 5.12 -13.27 -28.48
N SER B 68 5.90 -13.07 -29.54
CA SER B 68 7.36 -13.12 -29.45
C SER B 68 7.96 -12.19 -28.40
N LYS B 69 7.24 -11.12 -28.05
CA LYS B 69 7.74 -10.18 -27.06
C LYS B 69 7.90 -10.81 -25.67
N THR B 70 7.23 -11.93 -25.43
CA THR B 70 7.33 -12.60 -24.13
C THR B 70 8.66 -13.34 -24.04
N ASN B 71 9.28 -13.56 -25.19
CA ASN B 71 10.54 -14.28 -25.26
C ASN B 71 11.77 -13.38 -25.06
N LEU B 72 12.45 -13.55 -23.93
CA LEU B 72 13.66 -12.79 -23.68
C LEU B 72 14.71 -13.80 -23.22
N TYR B 73 14.66 -15.00 -23.80
CA TYR B 73 15.59 -16.06 -23.45
C TYR B 73 16.37 -16.65 -24.63
N ASP B 74 15.84 -16.55 -25.85
CA ASP B 74 16.60 -17.06 -27.00
C ASP B 74 16.41 -16.21 -28.25
N GLY B 75 16.96 -16.67 -29.37
CA GLY B 75 16.86 -15.91 -30.60
C GLY B 75 17.80 -14.71 -30.52
N PHE B 76 18.83 -14.83 -29.68
CA PHE B 76 19.81 -13.76 -29.51
C PHE B 76 21.05 -13.99 -30.36
N GLU B 77 21.73 -12.89 -30.68
CA GLU B 77 22.97 -12.96 -31.45
C GLU B 77 23.88 -11.92 -30.82
N VAL B 78 25.16 -12.26 -30.67
CA VAL B 78 26.12 -11.34 -30.06
C VAL B 78 26.41 -10.14 -30.95
N LYS B 79 26.04 -8.96 -30.48
CA LYS B 79 26.28 -7.72 -31.23
C LYS B 79 27.61 -7.10 -30.83
N ASP B 80 27.97 -7.23 -29.56
CA ASP B 80 29.22 -6.66 -29.08
C ASP B 80 29.67 -7.30 -27.77
N THR B 81 30.98 -7.27 -27.54
CA THR B 81 31.56 -7.80 -26.32
C THR B 81 32.62 -6.81 -25.88
N GLN B 82 32.60 -6.47 -24.60
CA GLN B 82 33.57 -5.53 -24.07
C GLN B 82 34.17 -6.07 -22.79
N THR B 83 35.49 -6.04 -22.68
CA THR B 83 36.17 -6.52 -21.50
C THR B 83 36.71 -5.34 -20.71
N ALA B 84 37.07 -5.60 -19.47
CA ALA B 84 37.61 -4.57 -18.61
C ALA B 84 38.09 -5.22 -17.32
N THR B 85 39.02 -4.55 -16.65
CA THR B 85 39.55 -5.03 -15.40
C THR B 85 39.37 -3.93 -14.36
N PHE B 86 38.93 -4.32 -13.17
CA PHE B 86 38.71 -3.37 -12.09
C PHE B 86 39.56 -3.83 -10.92
N ASP B 87 40.20 -2.90 -10.24
CA ASP B 87 41.04 -3.22 -9.09
C ASP B 87 41.13 -1.99 -8.19
N GLU B 88 40.20 -1.87 -7.27
CA GLU B 88 40.17 -0.74 -6.36
C GLU B 88 39.86 -1.25 -4.95
N THR B 89 40.36 -0.53 -3.96
CA THR B 89 40.14 -0.91 -2.58
C THR B 89 39.25 0.14 -1.91
N TRP B 90 38.33 -0.31 -1.08
CA TRP B 90 37.44 0.60 -0.38
C TRP B 90 37.30 0.21 1.09
N GLN B 91 36.76 1.12 1.89
CA GLN B 91 36.60 0.86 3.32
C GLN B 91 35.14 0.94 3.75
N PRO B 92 34.62 -0.14 4.33
CA PRO B 92 33.22 -0.12 4.79
C PRO B 92 33.13 0.68 6.07
N VAL B 93 31.95 1.22 6.35
CA VAL B 93 31.73 2.01 7.56
C VAL B 93 31.95 1.10 8.77
N TRP B 94 31.54 -0.16 8.62
CA TRP B 94 31.72 -1.18 9.64
C TRP B 94 31.81 -2.51 8.92
N GLY B 95 32.60 -3.44 9.44
CA GLY B 95 32.73 -4.73 8.78
C GLY B 95 33.69 -5.70 9.45
N GLU B 96 34.05 -6.75 8.74
CA GLU B 96 34.95 -7.77 9.27
C GLU B 96 36.42 -7.40 9.12
N GLU B 97 36.67 -6.36 8.32
CA GLU B 97 38.03 -5.86 8.12
C GLU B 97 37.96 -4.38 7.77
N LYS B 98 39.09 -3.70 7.89
CA LYS B 98 39.15 -2.27 7.62
C LYS B 98 39.02 -1.92 6.14
N GLU B 99 39.63 -2.73 5.29
CA GLU B 99 39.61 -2.46 3.87
C GLU B 99 39.28 -3.70 3.03
N ILE B 100 38.54 -3.48 1.94
CA ILE B 100 38.14 -4.55 1.05
C ILE B 100 38.64 -4.30 -0.37
N ARG B 101 39.26 -5.30 -0.98
CA ARG B 101 39.75 -5.16 -2.36
C ARG B 101 38.70 -5.67 -3.34
N ASN B 102 38.39 -4.84 -4.33
CA ASN B 102 37.42 -5.19 -5.36
C ASN B 102 38.24 -5.38 -6.63
N HIS B 103 38.62 -6.63 -6.91
CA HIS B 103 39.44 -6.94 -8.07
C HIS B 103 38.82 -8.02 -8.94
N TYR B 104 38.44 -7.66 -10.16
CA TYR B 104 37.83 -8.63 -11.05
C TYR B 104 38.07 -8.32 -12.52
N ASN B 105 37.92 -9.33 -13.36
CA ASN B 105 38.05 -9.16 -14.80
C ASN B 105 36.61 -9.24 -15.28
N GLU B 106 36.24 -8.34 -16.18
CA GLU B 106 34.85 -8.29 -16.66
C GLU B 106 34.64 -8.53 -18.15
N LEU B 107 33.50 -9.10 -18.47
CA LEU B 107 33.08 -9.35 -19.85
C LEU B 107 31.62 -8.92 -19.96
N ALA B 108 31.36 -7.92 -20.80
CA ALA B 108 30.00 -7.44 -21.01
C ALA B 108 29.61 -7.85 -22.43
N VAL B 109 28.51 -8.60 -22.54
CA VAL B 109 28.05 -9.07 -23.84
C VAL B 109 26.73 -8.41 -24.22
N THR B 110 26.71 -7.73 -25.36
CA THR B 110 25.51 -7.08 -25.86
C THR B 110 24.81 -8.07 -26.79
N LEU B 111 23.58 -8.44 -26.43
CA LEU B 111 22.81 -9.42 -27.19
C LEU B 111 21.61 -8.81 -27.91
N TYR B 112 21.60 -8.93 -29.24
CA TYR B 112 20.50 -8.41 -30.05
C TYR B 112 19.54 -9.53 -30.43
N GLN B 113 18.25 -9.24 -30.36
CA GLN B 113 17.22 -10.20 -30.68
C GLN B 113 16.43 -9.70 -31.89
N PRO B 114 16.78 -10.20 -33.09
CA PRO B 114 16.14 -9.81 -34.35
C PRO B 114 14.62 -9.85 -34.37
N MET B 115 14.04 -10.95 -33.93
CA MET B 115 12.59 -11.08 -33.95
C MET B 115 11.85 -10.01 -33.17
N ASN B 116 12.52 -9.41 -32.17
CA ASN B 116 11.88 -8.37 -31.39
C ASN B 116 12.56 -7.01 -31.51
N ASP B 117 13.61 -6.95 -32.33
CA ASP B 117 14.36 -5.71 -32.53
C ASP B 117 14.69 -5.04 -31.20
N ARG B 118 15.27 -5.80 -30.28
CA ARG B 118 15.64 -5.25 -28.97
C ARG B 118 16.89 -5.93 -28.47
N SER B 119 17.60 -5.26 -27.59
CA SER B 119 18.85 -5.79 -27.05
C SER B 119 18.92 -5.74 -25.54
N ILE B 120 19.75 -6.61 -24.98
CA ILE B 120 20.00 -6.64 -23.55
C ILE B 120 21.50 -6.86 -23.42
N VAL B 121 22.01 -6.69 -22.20
CA VAL B 121 23.42 -6.89 -21.94
C VAL B 121 23.57 -7.80 -20.73
N ILE B 122 24.46 -8.78 -20.83
CA ILE B 122 24.73 -9.66 -19.71
C ILE B 122 26.15 -9.32 -19.32
N ARG B 123 26.32 -8.82 -18.10
CA ARG B 123 27.64 -8.44 -17.61
C ARG B 123 28.18 -9.48 -16.64
N PHE B 124 29.38 -9.98 -16.93
CA PHE B 124 30.05 -10.99 -16.12
C PHE B 124 31.26 -10.37 -15.41
N ARG B 125 31.41 -10.67 -14.13
CA ARG B 125 32.54 -10.19 -13.34
C ARG B 125 33.12 -11.40 -12.63
N LEU B 126 34.35 -11.76 -12.98
CA LEU B 126 35.01 -12.92 -12.42
C LEU B 126 36.14 -12.56 -11.46
N PHE B 127 36.00 -13.01 -10.22
CA PHE B 127 36.98 -12.78 -9.15
C PHE B 127 37.73 -14.08 -8.90
N ASN B 128 38.79 -14.01 -8.09
CA ASN B 128 39.56 -15.20 -7.77
C ASN B 128 38.75 -16.18 -6.93
N ASP B 129 37.66 -15.73 -6.36
CA ASP B 129 36.85 -16.61 -5.52
C ASP B 129 35.42 -16.82 -6.02
N GLY B 130 35.12 -16.32 -7.22
CA GLY B 130 33.78 -16.52 -7.73
C GLY B 130 33.36 -15.70 -8.92
N LEU B 131 32.17 -15.98 -9.43
CA LEU B 131 31.60 -15.31 -10.57
C LEU B 131 30.31 -14.60 -10.24
N GLY B 132 30.13 -13.42 -10.81
CA GLY B 132 28.92 -12.66 -10.61
C GLY B 132 28.40 -12.24 -11.97
N PHE B 133 27.09 -12.30 -12.17
CA PHE B 133 26.52 -11.88 -13.45
C PHE B 133 25.15 -11.26 -13.23
N ARG B 134 24.75 -10.37 -14.14
CA ARG B 134 23.46 -9.73 -14.07
C ARG B 134 23.01 -9.38 -15.49
N TYR B 135 21.72 -9.13 -15.65
CA TYR B 135 21.16 -8.75 -16.94
C TYR B 135 20.93 -7.24 -16.87
N GLU B 136 21.16 -6.56 -17.97
CA GLU B 136 20.96 -5.12 -18.05
C GLU B 136 20.03 -4.86 -19.22
N PHE B 137 19.03 -4.00 -19.01
CA PHE B 137 18.04 -3.67 -20.03
C PHE B 137 18.13 -2.19 -20.39
N PRO B 138 18.89 -1.85 -21.44
CA PRO B 138 19.04 -0.46 -21.88
C PRO B 138 17.76 0.18 -22.39
N GLN B 139 17.63 1.49 -22.18
CA GLN B 139 16.45 2.20 -22.67
C GLN B 139 16.56 2.12 -24.18
N GLN B 140 15.44 1.82 -24.85
CA GLN B 140 15.44 1.70 -26.30
C GLN B 140 14.01 1.74 -26.83
N LYS B 141 13.88 1.92 -28.14
CA LYS B 141 12.57 1.99 -28.76
C LYS B 141 11.65 0.81 -28.48
N SER B 142 12.20 -0.41 -28.52
CA SER B 142 11.38 -1.61 -28.31
C SER B 142 11.46 -2.30 -26.95
N LEU B 143 11.91 -1.59 -25.92
CA LEU B 143 11.97 -2.17 -24.60
C LEU B 143 11.98 -1.07 -23.56
N ASN B 144 10.81 -0.83 -22.98
CA ASN B 144 10.67 0.22 -21.97
C ASN B 144 10.00 -0.38 -20.75
N TYR B 145 8.68 -0.46 -20.76
CA TYR B 145 7.96 -1.04 -19.64
C TYR B 145 7.71 -2.52 -19.95
N PHE B 146 8.01 -3.38 -18.99
CA PHE B 146 7.77 -4.81 -19.17
C PHE B 146 7.64 -5.50 -17.82
N VAL B 147 6.93 -6.62 -17.82
CA VAL B 147 6.71 -7.38 -16.59
C VAL B 147 7.31 -8.76 -16.76
N ILE B 148 8.09 -9.18 -15.76
CA ILE B 148 8.75 -10.48 -15.80
C ILE B 148 7.81 -11.57 -15.34
N LYS B 149 7.69 -12.64 -16.13
CA LYS B 149 6.85 -13.77 -15.76
C LYS B 149 7.70 -14.72 -14.94
N GLU B 150 8.91 -15.00 -15.41
CA GLU B 150 9.87 -15.85 -14.72
C GLU B 150 11.27 -15.52 -15.18
N GLU B 151 12.23 -15.57 -14.27
CA GLU B 151 13.61 -15.36 -14.67
C GLU B 151 14.13 -16.77 -14.89
N HIS B 152 14.91 -16.98 -15.93
CA HIS B 152 15.43 -18.32 -16.20
C HIS B 152 16.95 -18.37 -16.15
N SER B 153 17.52 -18.08 -14.99
CA SER B 153 18.96 -18.14 -14.81
C SER B 153 19.27 -19.53 -14.27
N GLN B 154 20.03 -20.31 -15.02
CA GLN B 154 20.38 -21.67 -14.61
C GLN B 154 21.74 -21.79 -13.93
N PHE B 155 21.86 -22.79 -13.06
CA PHE B 155 23.09 -23.10 -12.35
C PHE B 155 23.19 -24.63 -12.39
N GLY B 156 23.82 -25.15 -13.44
CA GLY B 156 23.96 -26.58 -13.58
C GLY B 156 25.08 -27.18 -12.76
N MET B 157 24.71 -28.06 -11.83
CA MET B 157 25.67 -28.71 -10.95
C MET B 157 26.31 -29.91 -11.65
N ASN B 158 27.56 -30.21 -11.30
CA ASN B 158 28.28 -31.31 -11.91
C ASN B 158 28.09 -32.63 -11.16
N GLY B 159 27.24 -32.61 -10.13
CA GLY B 159 27.01 -33.83 -9.37
C GLY B 159 25.96 -33.66 -8.29
N ASP B 160 25.61 -34.77 -7.64
CA ASP B 160 24.62 -34.78 -6.56
C ASP B 160 25.35 -34.33 -5.29
N HIS B 161 25.64 -33.03 -5.21
CA HIS B 161 26.34 -32.47 -4.07
C HIS B 161 25.59 -32.55 -2.75
N ILE B 162 26.31 -32.27 -1.68
CA ILE B 162 25.73 -32.23 -0.35
C ILE B 162 25.33 -30.76 -0.22
N ALA B 163 24.12 -30.51 0.30
CA ALA B 163 23.66 -29.14 0.45
C ALA B 163 23.24 -28.84 1.88
N PHE B 164 23.33 -27.57 2.24
CA PHE B 164 22.96 -27.05 3.55
C PHE B 164 21.86 -26.08 3.14
N TRP B 165 20.60 -26.52 3.27
CA TRP B 165 19.47 -25.73 2.81
C TRP B 165 18.27 -25.58 3.75
N ILE B 166 17.39 -24.65 3.38
CA ILE B 166 16.14 -24.41 4.08
C ILE B 166 15.10 -24.29 2.96
N PRO B 167 13.86 -24.70 3.22
CA PRO B 167 12.76 -24.65 2.24
C PRO B 167 12.56 -23.31 1.53
N GLY B 168 12.41 -23.37 0.20
CA GLY B 168 12.16 -22.15 -0.56
C GLY B 168 10.83 -21.64 -0.03
N ASP B 169 10.75 -20.34 0.29
CA ASP B 169 9.52 -19.81 0.87
C ASP B 169 9.44 -18.30 0.61
N TYR B 170 8.26 -17.82 0.25
CA TYR B 170 8.06 -16.40 -0.03
C TYR B 170 7.81 -15.57 1.23
N ASP B 171 7.59 -16.23 2.36
CA ASP B 171 7.28 -15.49 3.57
C ASP B 171 8.13 -15.66 4.81
N THR B 172 8.89 -16.75 4.91
CA THR B 172 9.74 -16.96 6.08
C THR B 172 11.06 -17.65 5.75
N GLN B 173 12.07 -17.39 6.57
CA GLN B 173 13.37 -18.03 6.41
C GLN B 173 13.77 -18.57 7.79
N GLU B 174 12.80 -18.63 8.70
CA GLU B 174 13.06 -19.10 10.06
C GLU B 174 13.04 -20.61 10.24
N TYR B 175 13.59 -21.34 9.27
CA TYR B 175 13.64 -22.80 9.33
C TYR B 175 15.02 -23.29 9.76
N ASP B 176 15.04 -24.48 10.34
CA ASP B 176 16.30 -25.10 10.72
C ASP B 176 16.85 -25.63 9.42
N TYR B 177 18.17 -25.66 9.31
CA TYR B 177 18.80 -26.17 8.10
C TYR B 177 18.75 -27.68 8.05
N THR B 178 18.89 -28.21 6.84
CA THR B 178 18.90 -29.64 6.62
C THR B 178 20.16 -29.89 5.81
N ILE B 179 20.88 -30.96 6.13
CA ILE B 179 22.09 -31.31 5.40
C ILE B 179 21.79 -32.61 4.66
N SER B 180 21.80 -32.55 3.33
CA SER B 180 21.52 -33.75 2.55
C SER B 180 22.02 -33.62 1.12
N ARG B 181 21.92 -34.70 0.37
CA ARG B 181 22.31 -34.70 -1.03
C ARG B 181 21.21 -33.96 -1.77
N LEU B 182 21.52 -33.44 -2.95
CA LEU B 182 20.53 -32.73 -3.74
C LEU B 182 19.37 -33.67 -4.10
N SER B 183 19.70 -34.94 -4.32
CA SER B 183 18.70 -35.94 -4.67
C SER B 183 17.78 -36.28 -3.49
N GLU B 184 18.19 -35.88 -2.29
CA GLU B 184 17.41 -36.16 -1.08
C GLU B 184 16.49 -35.03 -0.64
N ILE B 185 16.67 -33.85 -1.23
CA ILE B 185 15.84 -32.69 -0.87
C ILE B 185 14.34 -32.96 -0.99
N ARG B 186 13.93 -33.48 -2.15
CA ARG B 186 12.52 -33.77 -2.40
C ARG B 186 11.85 -34.60 -1.30
N GLY B 187 12.51 -35.66 -0.86
CA GLY B 187 11.95 -36.51 0.17
C GLY B 187 12.01 -35.94 1.59
N LEU B 188 12.81 -34.90 1.79
CA LEU B 188 12.94 -34.28 3.11
C LEU B 188 12.17 -32.97 3.25
N MET B 189 11.73 -32.42 2.13
CA MET B 189 11.01 -31.14 2.13
C MET B 189 9.82 -31.06 3.09
N LYS B 190 8.92 -32.04 3.02
CA LYS B 190 7.74 -32.03 3.89
C LYS B 190 8.13 -31.84 5.36
N GLU B 191 9.09 -32.64 5.83
CA GLU B 191 9.52 -32.54 7.22
C GLU B 191 10.34 -31.28 7.52
N ALA B 192 11.05 -30.77 6.52
CA ALA B 192 11.85 -29.57 6.70
C ALA B 192 10.95 -28.36 6.92
N ILE B 193 9.75 -28.40 6.34
CA ILE B 193 8.83 -27.29 6.48
C ILE B 193 8.06 -27.39 7.80
N THR B 194 8.54 -26.66 8.79
CA THR B 194 7.92 -26.63 10.11
C THR B 194 6.92 -25.46 10.17
N PRO B 195 5.98 -25.50 11.12
CA PRO B 195 4.97 -24.44 11.28
C PRO B 195 5.49 -23.03 11.54
N ASN B 196 4.84 -22.05 10.93
CA ASN B 196 5.20 -20.65 11.11
C ASN B 196 3.97 -19.81 10.79
N SER B 197 3.81 -18.68 11.48
CA SER B 197 2.66 -17.81 11.28
C SER B 197 2.48 -17.28 9.86
N SER B 198 3.57 -17.20 9.11
CA SER B 198 3.52 -16.73 7.73
C SER B 198 4.55 -17.50 6.92
N GLN B 199 4.08 -18.39 6.06
CA GLN B 199 4.96 -19.20 5.24
C GLN B 199 4.26 -19.60 3.94
N THR B 200 5.00 -19.52 2.84
CA THR B 200 4.46 -19.91 1.55
C THR B 200 5.52 -20.69 0.75
N PRO B 201 5.65 -21.99 1.03
CA PRO B 201 6.63 -22.81 0.32
C PRO B 201 6.15 -22.85 -1.13
N PHE B 202 7.04 -23.07 -2.08
CA PHE B 202 6.60 -23.08 -3.47
C PHE B 202 6.95 -24.32 -4.29
N SER B 203 7.82 -25.17 -3.77
CA SER B 203 8.23 -26.37 -4.51
C SER B 203 8.78 -27.47 -3.63
N GLN B 204 8.57 -28.71 -4.05
CA GLN B 204 9.08 -29.85 -3.31
C GLN B 204 10.61 -29.86 -3.37
N THR B 205 11.16 -29.11 -4.31
CA THR B 205 12.60 -29.02 -4.47
C THR B 205 13.08 -27.57 -4.52
N GLY B 206 12.32 -26.69 -3.87
CA GLY B 206 12.70 -25.28 -3.85
C GLY B 206 13.49 -24.97 -2.58
N VAL B 207 14.53 -24.17 -2.71
CA VAL B 207 15.35 -23.78 -1.57
C VAL B 207 15.66 -22.30 -1.63
N GLN B 208 16.11 -21.73 -0.51
CA GLN B 208 16.44 -20.31 -0.49
C GLN B 208 17.94 -20.10 -0.67
N THR B 209 18.34 -18.85 -0.92
CA THR B 209 19.76 -18.52 -1.04
C THR B 209 20.04 -17.60 0.16
N ALA B 210 21.29 -17.49 0.60
CA ALA B 210 22.42 -18.19 -0.01
C ALA B 210 22.36 -19.69 0.26
N LEU B 211 22.63 -20.48 -0.78
CA LEU B 211 22.64 -21.93 -0.68
C LEU B 211 24.10 -22.37 -0.60
N MET B 212 24.41 -23.26 0.34
CA MET B 212 25.78 -23.74 0.50
C MET B 212 25.84 -25.22 0.12
N MET B 213 26.91 -25.60 -0.59
CA MET B 213 27.08 -26.99 -1.03
C MET B 213 28.53 -27.45 -0.92
N LYS B 214 28.70 -28.76 -0.78
CA LYS B 214 30.03 -29.38 -0.70
C LYS B 214 30.04 -30.51 -1.73
N THR B 215 30.99 -30.46 -2.67
CA THR B 215 31.07 -31.47 -3.73
C THR B 215 31.98 -32.65 -3.36
N ASP B 216 31.78 -33.76 -4.05
CA ASP B 216 32.58 -34.95 -3.78
C ASP B 216 34.03 -34.77 -4.20
N ASP B 217 34.28 -33.87 -5.15
CA ASP B 217 35.66 -33.65 -5.57
C ASP B 217 36.35 -32.52 -4.80
N GLY B 218 35.86 -32.28 -3.58
CA GLY B 218 36.47 -31.29 -2.72
C GLY B 218 36.22 -29.81 -2.93
N LEU B 219 35.10 -29.45 -3.55
CA LEU B 219 34.82 -28.04 -3.75
C LEU B 219 33.69 -27.57 -2.83
N TYR B 220 33.68 -26.27 -2.57
CA TYR B 220 32.66 -25.64 -1.75
C TYR B 220 32.02 -24.60 -2.66
N ILE B 221 30.72 -24.70 -2.84
CA ILE B 221 30.00 -23.79 -3.73
C ILE B 221 28.86 -23.07 -3.02
N ASN B 222 28.77 -21.76 -3.25
CA ASN B 222 27.74 -20.94 -2.66
C ASN B 222 27.00 -20.21 -3.78
N LEU B 223 25.68 -20.37 -3.83
CA LEU B 223 24.84 -19.71 -4.84
C LEU B 223 24.00 -18.66 -4.12
N HIS B 224 24.04 -17.42 -4.59
CA HIS B 224 23.33 -16.33 -3.92
C HIS B 224 23.10 -15.19 -4.92
N GLU B 225 22.66 -14.04 -4.41
CA GLU B 225 22.46 -12.88 -5.25
C GLU B 225 23.00 -11.66 -4.51
N ALA B 226 23.22 -10.56 -5.23
CA ALA B 226 23.74 -9.35 -4.62
C ALA B 226 23.03 -8.11 -5.16
N ALA B 227 22.79 -7.14 -4.27
CA ALA B 227 22.13 -5.90 -4.63
C ALA B 227 20.68 -6.09 -5.07
N LEU B 228 19.90 -6.75 -4.22
CA LEU B 228 18.50 -6.99 -4.52
C LEU B 228 17.74 -5.67 -4.34
N VAL B 229 17.60 -4.92 -5.43
CA VAL B 229 16.92 -3.63 -5.40
C VAL B 229 15.99 -3.51 -6.60
N ASP B 230 14.80 -2.95 -6.38
CA ASP B 230 13.84 -2.77 -7.47
C ASP B 230 13.66 -4.07 -8.22
N TYR B 231 13.45 -5.16 -7.48
CA TYR B 231 13.30 -6.47 -8.09
C TYR B 231 12.76 -7.41 -7.03
N SER B 232 12.29 -8.57 -7.45
CA SER B 232 11.74 -9.56 -6.53
C SER B 232 12.85 -10.49 -6.05
N CYS B 233 12.72 -10.99 -4.82
CA CYS B 233 13.73 -11.88 -4.25
C CYS B 233 13.87 -13.18 -5.05
N MET B 234 15.11 -13.63 -5.20
CA MET B 234 15.38 -14.85 -5.95
C MET B 234 15.55 -16.07 -5.07
N HIS B 235 14.79 -17.11 -5.36
CA HIS B 235 14.90 -18.38 -4.65
C HIS B 235 15.44 -19.31 -5.72
N LEU B 236 15.72 -20.56 -5.36
CA LEU B 236 16.23 -21.50 -6.35
C LEU B 236 15.34 -22.74 -6.38
N ASN B 237 15.04 -23.20 -7.59
CA ASN B 237 14.22 -24.39 -7.76
C ASN B 237 15.08 -25.46 -8.40
N LEU B 238 15.18 -26.60 -7.74
CA LEU B 238 16.01 -27.70 -8.24
C LEU B 238 15.30 -28.72 -9.11
N ASP B 239 15.93 -29.02 -10.23
CA ASP B 239 15.47 -30.05 -11.16
C ASP B 239 16.36 -31.17 -10.62
N ASP B 240 15.81 -32.03 -9.75
CA ASP B 240 16.62 -33.08 -9.16
C ASP B 240 16.89 -34.31 -10.03
N LYS B 241 16.55 -34.21 -11.31
CA LYS B 241 16.82 -35.30 -12.24
C LYS B 241 18.13 -34.95 -12.93
N ASN B 242 18.24 -33.70 -13.36
CA ASN B 242 19.43 -33.23 -14.06
C ASN B 242 20.35 -32.38 -13.19
N MET B 243 19.94 -32.16 -11.94
CA MET B 243 20.71 -31.38 -10.99
C MET B 243 20.98 -29.96 -11.48
N VAL B 244 19.93 -29.30 -11.94
CA VAL B 244 20.05 -27.92 -12.40
C VAL B 244 19.20 -27.02 -11.53
N PHE B 245 19.84 -26.01 -10.96
CA PHE B 245 19.13 -25.04 -10.13
C PHE B 245 18.71 -23.92 -11.07
N GLU B 246 17.55 -23.33 -10.82
CA GLU B 246 17.09 -22.23 -11.64
C GLU B 246 16.46 -21.15 -10.78
N SER B 247 16.70 -19.90 -11.15
CA SER B 247 16.16 -18.77 -10.44
C SER B 247 14.63 -18.90 -10.38
N TRP B 248 14.06 -18.67 -9.20
CA TRP B 248 12.61 -18.72 -9.04
C TRP B 248 12.26 -17.50 -8.20
N LEU B 249 11.77 -16.46 -8.86
CA LEU B 249 11.44 -15.22 -8.17
C LEU B 249 10.12 -15.26 -7.39
N THR B 250 9.99 -14.34 -6.45
CA THR B 250 8.80 -14.24 -5.61
C THR B 250 7.70 -13.51 -6.37
N PRO B 251 6.50 -14.12 -6.45
CA PRO B 251 5.37 -13.52 -7.16
C PRO B 251 4.65 -12.45 -6.35
N ASP B 252 4.00 -11.52 -7.03
CA ASP B 252 3.23 -10.50 -6.34
C ASP B 252 1.84 -11.09 -6.11
N ALA B 253 0.89 -10.26 -5.68
CA ALA B 253 -0.46 -10.74 -5.41
C ALA B 253 -1.17 -11.36 -6.61
N LYS B 254 -0.71 -11.05 -7.81
CA LYS B 254 -1.32 -11.58 -9.02
C LYS B 254 -0.47 -12.66 -9.70
N GLY B 255 0.63 -13.06 -9.06
CA GLY B 255 1.48 -14.08 -9.62
C GLY B 255 2.59 -13.55 -10.51
N ASP B 256 2.62 -12.25 -10.74
CA ASP B 256 3.67 -11.67 -11.58
C ASP B 256 4.98 -11.54 -10.80
N LYS B 257 6.10 -11.53 -11.51
CA LYS B 257 7.39 -11.48 -10.82
C LYS B 257 8.33 -10.32 -11.12
N GLY B 258 7.78 -9.12 -11.28
CA GLY B 258 8.65 -7.98 -11.53
C GLY B 258 8.20 -6.95 -12.55
N TYR B 259 7.94 -5.73 -12.09
CA TYR B 259 7.55 -4.65 -12.98
C TYR B 259 8.82 -3.86 -13.27
N MET B 260 9.24 -3.88 -14.53
CA MET B 260 10.47 -3.21 -14.94
C MET B 260 10.25 -2.03 -15.87
N GLN B 261 11.23 -1.13 -15.90
CA GLN B 261 11.19 0.04 -16.77
C GLN B 261 12.63 0.38 -17.12
N THR B 262 12.98 0.29 -18.40
CA THR B 262 14.33 0.60 -18.83
C THR B 262 14.64 2.10 -18.69
N PRO B 263 15.90 2.44 -18.40
CA PRO B 263 16.98 1.48 -18.19
C PRO B 263 16.89 0.86 -16.81
N CYS B 264 17.17 -0.44 -16.71
CA CYS B 264 17.11 -1.15 -15.43
C CYS B 264 17.97 -2.41 -15.50
N ASN B 265 18.25 -2.98 -14.33
CA ASN B 265 19.08 -4.19 -14.27
C ASN B 265 18.51 -5.15 -13.23
N THR B 266 18.88 -6.41 -13.35
CA THR B 266 18.46 -7.40 -12.36
C THR B 266 19.57 -7.33 -11.31
N PRO B 267 19.36 -7.98 -10.16
CA PRO B 267 20.42 -7.94 -9.15
C PRO B 267 21.48 -8.89 -9.70
N TRP B 268 22.64 -8.95 -9.05
CA TRP B 268 23.68 -9.87 -9.50
C TRP B 268 23.35 -11.27 -8.98
N ARG B 269 23.82 -12.28 -9.70
CA ARG B 269 23.66 -13.68 -9.29
C ARG B 269 25.10 -14.11 -9.06
N THR B 270 25.37 -14.75 -7.92
CA THR B 270 26.75 -15.12 -7.62
C THR B 270 27.02 -16.58 -7.36
N ILE B 271 28.21 -17.01 -7.75
CA ILE B 271 28.68 -18.37 -7.56
C ILE B 271 30.04 -18.24 -6.90
N ILE B 272 30.10 -18.48 -5.60
CA ILE B 272 31.36 -18.38 -4.87
C ILE B 272 31.88 -19.80 -4.72
N VAL B 273 33.12 -20.02 -5.14
CA VAL B 273 33.67 -21.36 -5.09
C VAL B 273 35.15 -21.40 -4.71
N SER B 274 35.53 -22.45 -4.00
CA SER B 274 36.91 -22.67 -3.57
C SER B 274 37.04 -24.08 -3.01
N ASP B 275 38.27 -24.58 -2.92
CA ASP B 275 38.50 -25.91 -2.37
C ASP B 275 38.83 -25.80 -0.89
N ASP B 276 38.66 -24.60 -0.33
CA ASP B 276 38.91 -24.33 1.08
C ASP B 276 37.68 -23.58 1.60
N ALA B 277 36.90 -24.25 2.45
CA ALA B 277 35.67 -23.64 2.98
C ALA B 277 35.91 -22.25 3.57
N ARG B 278 37.06 -22.06 4.21
CA ARG B 278 37.38 -20.78 4.81
C ARG B 278 37.33 -19.62 3.80
N ASN B 279 37.67 -19.90 2.55
CA ASN B 279 37.66 -18.87 1.53
C ASN B 279 36.24 -18.44 1.17
N ILE B 280 35.26 -19.28 1.48
CA ILE B 280 33.87 -18.94 1.22
C ILE B 280 33.52 -17.79 2.17
N LEU B 281 33.97 -17.93 3.43
CA LEU B 281 33.72 -16.91 4.44
C LEU B 281 34.50 -15.63 4.16
N ALA B 282 35.69 -15.77 3.59
CA ALA B 282 36.54 -14.61 3.29
C ALA B 282 36.11 -13.82 2.07
N SER B 283 35.30 -14.43 1.20
CA SER B 283 34.86 -13.73 -0.02
C SER B 283 34.06 -12.47 0.27
N ARG B 284 34.31 -11.44 -0.53
CA ARG B 284 33.59 -10.18 -0.38
C ARG B 284 32.92 -9.82 -1.71
N ILE B 285 32.67 -10.84 -2.52
CA ILE B 285 32.02 -10.63 -3.82
C ILE B 285 30.66 -9.95 -3.67
N THR B 286 29.84 -10.41 -2.74
CA THR B 286 28.52 -9.84 -2.53
C THR B 286 28.58 -8.33 -2.28
N LEU B 287 29.40 -7.92 -1.31
CA LEU B 287 29.54 -6.50 -0.99
C LEU B 287 30.19 -5.73 -2.14
N ASN B 288 31.18 -6.34 -2.79
CA ASN B 288 31.85 -5.68 -3.90
C ASN B 288 30.94 -5.38 -5.08
N LEU B 289 29.87 -6.14 -5.23
CA LEU B 289 28.94 -5.94 -6.32
C LEU B 289 27.84 -4.93 -6.03
N ASN B 290 27.83 -4.39 -4.82
CA ASN B 290 26.82 -3.40 -4.44
C ASN B 290 27.33 -2.00 -4.73
N GLU B 291 26.40 -1.06 -4.89
CA GLU B 291 26.76 0.32 -5.16
C GLU B 291 27.47 0.94 -3.96
N PRO B 292 28.39 1.89 -4.20
CA PRO B 292 29.12 2.55 -3.13
C PRO B 292 28.17 3.30 -2.18
N CYS B 293 28.64 3.52 -0.96
CA CYS B 293 27.87 4.22 0.06
C CYS B 293 27.19 5.48 -0.45
N LYS B 294 25.90 5.62 -0.17
CA LYS B 294 25.14 6.79 -0.58
C LYS B 294 24.83 7.72 0.58
N ILE B 295 25.36 7.42 1.75
CA ILE B 295 25.16 8.26 2.92
C ILE B 295 26.47 9.02 3.14
N ALA B 296 26.52 10.24 2.62
CA ALA B 296 27.72 11.07 2.71
C ALA B 296 28.34 11.24 4.08
N ASP B 297 27.53 11.46 5.10
CA ASP B 297 28.06 11.65 6.44
C ASP B 297 27.98 10.43 7.36
N ALA B 298 27.79 9.26 6.75
CA ALA B 298 27.66 8.01 7.50
C ALA B 298 28.63 7.88 8.66
N ALA B 299 29.91 8.14 8.39
CA ALA B 299 30.95 8.03 9.40
C ALA B 299 30.66 8.79 10.69
N SER B 300 29.96 9.92 10.59
CA SER B 300 29.66 10.73 11.76
C SER B 300 28.53 10.24 12.67
N TRP B 301 27.66 9.36 12.18
CA TRP B 301 26.58 8.89 13.03
C TRP B 301 26.30 7.40 13.06
N VAL B 302 26.63 6.69 11.98
CA VAL B 302 26.43 5.24 11.94
C VAL B 302 27.51 4.61 12.80
N LYS B 303 27.12 3.81 13.78
CA LYS B 303 28.10 3.16 14.66
C LYS B 303 27.58 1.84 15.24
N PRO B 304 28.49 0.91 15.57
CA PRO B 304 28.10 -0.39 16.14
C PRO B 304 27.35 -0.21 17.46
N VAL B 305 26.55 -1.21 17.82
CA VAL B 305 25.78 -1.14 19.05
C VAL B 305 25.75 -2.47 19.78
N LYS B 306 26.12 -2.46 21.06
CA LYS B 306 26.06 -3.67 21.89
C LYS B 306 24.90 -3.36 22.84
N TYR B 307 23.95 -4.28 22.95
CA TYR B 307 22.80 -3.99 23.80
C TYR B 307 22.18 -5.17 24.52
N ILE B 308 21.27 -4.85 25.44
CA ILE B 308 20.51 -5.85 26.17
C ILE B 308 19.09 -5.33 26.02
N GLY B 309 18.10 -6.02 26.58
CA GLY B 309 16.76 -5.50 26.44
C GLY B 309 15.65 -6.26 27.11
N VAL B 310 14.53 -5.58 27.31
CA VAL B 310 13.35 -6.21 27.88
C VAL B 310 12.86 -6.94 26.64
N TRP B 311 13.15 -8.25 26.59
CA TRP B 311 12.83 -9.04 25.42
C TRP B 311 12.61 -10.53 25.72
N TRP B 312 13.64 -11.17 26.26
CA TRP B 312 13.59 -12.60 26.58
C TRP B 312 12.40 -12.93 27.49
N ASP B 313 11.99 -11.95 28.30
CA ASP B 313 10.84 -12.11 29.20
C ASP B 313 9.61 -12.56 28.41
N MET B 314 9.29 -11.80 27.37
CA MET B 314 8.13 -12.10 26.54
C MET B 314 8.33 -13.29 25.60
N ILE B 315 9.56 -13.46 25.13
CA ILE B 315 9.87 -14.57 24.22
C ILE B 315 9.67 -15.94 24.88
N THR B 316 10.03 -16.04 26.16
CA THR B 316 9.89 -17.29 26.89
C THR B 316 8.49 -17.45 27.50
N GLY B 317 7.75 -16.36 27.56
CA GLY B 317 6.41 -16.40 28.11
C GLY B 317 6.35 -15.97 29.57
N LYS B 318 7.51 -15.60 30.14
CA LYS B 318 7.55 -15.15 31.52
C LYS B 318 6.78 -13.85 31.67
N GLY B 319 6.97 -12.94 30.72
CA GLY B 319 6.29 -11.66 30.75
C GLY B 319 5.47 -11.49 29.48
N SER B 320 4.81 -10.35 29.33
CA SER B 320 3.99 -10.12 28.16
C SER B 320 4.26 -8.76 27.53
N TRP B 321 3.92 -8.64 26.25
CA TRP B 321 4.06 -7.37 25.53
C TRP B 321 2.83 -6.53 25.87
N ALA B 322 1.70 -7.20 26.01
CA ALA B 322 0.43 -6.53 26.32
C ALA B 322 0.38 -5.97 27.73
N TYR B 323 -0.36 -4.87 27.87
CA TYR B 323 -0.53 -4.19 29.14
C TYR B 323 -1.63 -4.84 29.97
N THR B 324 -2.70 -5.27 29.30
CA THR B 324 -3.84 -5.88 29.97
C THR B 324 -4.32 -7.16 29.27
N ASP B 325 -5.05 -7.99 30.01
CA ASP B 325 -5.58 -9.24 29.48
C ASP B 325 -7.12 -9.26 29.47
N GLU B 326 -7.75 -8.14 29.81
CA GLU B 326 -9.20 -8.08 29.88
C GLU B 326 -9.98 -7.59 28.64
N LEU B 327 -9.31 -7.44 27.50
CA LEU B 327 -9.99 -6.96 26.29
C LEU B 327 -10.07 -8.03 25.20
N THR B 328 -11.21 -8.11 24.51
CA THR B 328 -11.36 -9.09 23.43
C THR B 328 -10.58 -8.59 22.21
N SER B 329 -10.43 -7.27 22.11
CA SER B 329 -9.70 -6.65 21.02
C SER B 329 -9.49 -5.17 21.34
N VAL B 330 -8.61 -4.52 20.58
CA VAL B 330 -8.30 -3.11 20.80
C VAL B 330 -8.60 -2.22 19.60
N LYS B 331 -9.05 -1.00 19.89
CA LYS B 331 -9.34 0.01 18.87
C LYS B 331 -8.52 1.23 19.26
N LEU B 332 -7.37 1.42 18.62
CA LEU B 332 -6.51 2.55 18.92
C LEU B 332 -7.25 3.88 18.79
N GLY B 333 -7.10 4.74 19.79
CA GLY B 333 -7.78 6.02 19.78
C GLY B 333 -9.13 5.94 20.45
N GLU B 334 -9.57 4.73 20.75
CA GLU B 334 -10.86 4.51 21.40
C GLU B 334 -10.68 3.75 22.70
N THR B 335 -9.91 2.67 22.66
CA THR B 335 -9.64 1.88 23.85
C THR B 335 -8.86 2.77 24.82
N ASP B 336 -9.40 2.95 26.03
CA ASP B 336 -8.74 3.77 27.04
C ASP B 336 -7.98 2.85 27.98
N TYR B 337 -6.68 2.71 27.76
CA TYR B 337 -5.86 1.84 28.58
C TYR B 337 -5.77 2.23 30.06
N SER B 338 -5.97 3.52 30.35
CA SER B 338 -5.90 3.99 31.73
C SER B 338 -7.01 3.35 32.57
N LYS B 339 -8.06 2.90 31.92
CA LYS B 339 -9.19 2.26 32.60
C LYS B 339 -9.10 0.74 32.63
N THR B 340 -8.05 0.18 32.02
CA THR B 340 -7.90 -1.27 32.01
C THR B 340 -7.02 -1.75 33.15
N LYS B 341 -7.20 -3.01 33.54
CA LYS B 341 -6.45 -3.61 34.62
C LYS B 341 -5.13 -4.22 34.15
N PRO B 342 -4.01 -3.79 34.73
CA PRO B 342 -2.71 -4.33 34.32
C PRO B 342 -2.72 -5.85 34.56
N ASN B 343 -2.14 -6.61 33.64
CA ASN B 343 -2.12 -8.07 33.78
C ASN B 343 -1.05 -8.57 34.74
N GLY B 344 -0.29 -7.65 35.31
CA GLY B 344 0.76 -8.04 36.24
C GLY B 344 1.95 -8.73 35.59
N LYS B 345 2.00 -8.74 34.26
CA LYS B 345 3.09 -9.39 33.54
C LYS B 345 3.77 -8.47 32.52
N HIS B 346 3.31 -7.23 32.42
CA HIS B 346 3.87 -6.28 31.46
C HIS B 346 5.27 -5.83 31.82
N SER B 347 6.26 -6.45 31.19
CA SER B 347 7.67 -6.15 31.47
C SER B 347 8.11 -4.75 31.06
N ALA B 348 7.43 -4.17 30.07
CA ALA B 348 7.80 -2.84 29.59
C ALA B 348 7.26 -1.71 30.47
N ASN B 349 7.64 -1.72 31.74
CA ASN B 349 7.21 -0.67 32.66
C ASN B 349 8.45 0.09 33.12
N THR B 350 8.28 1.40 33.30
CA THR B 350 9.36 2.29 33.71
C THR B 350 10.36 1.77 34.74
N ALA B 351 9.87 1.28 35.87
CA ALA B 351 10.78 0.77 36.91
C ALA B 351 11.65 -0.38 36.41
N ASN B 352 11.05 -1.32 35.68
CA ASN B 352 11.80 -2.45 35.16
C ASN B 352 12.81 -1.99 34.11
N VAL B 353 12.39 -1.10 33.23
CA VAL B 353 13.27 -0.57 32.20
C VAL B 353 14.49 0.10 32.83
N LYS B 354 14.27 0.87 33.89
CA LYS B 354 15.38 1.53 34.58
C LYS B 354 16.38 0.51 35.13
N ARG B 355 15.88 -0.63 35.58
CA ARG B 355 16.76 -1.67 36.09
C ARG B 355 17.67 -2.15 34.97
N TYR B 356 17.12 -2.30 33.77
CA TYR B 356 17.93 -2.72 32.64
C TYR B 356 18.94 -1.64 32.30
N ILE B 357 18.50 -0.38 32.32
CA ILE B 357 19.39 0.74 32.03
C ILE B 357 20.56 0.73 33.01
N ASP B 358 20.27 0.50 34.29
CA ASP B 358 21.33 0.46 35.30
C ASP B 358 22.35 -0.63 34.96
N PHE B 359 21.85 -1.82 34.66
CA PHE B 359 22.71 -2.94 34.31
C PHE B 359 23.54 -2.63 33.07
N ALA B 360 22.87 -2.11 32.05
CA ALA B 360 23.55 -1.74 30.79
C ALA B 360 24.73 -0.80 31.07
N ALA B 361 24.47 0.25 31.84
CA ALA B 361 25.49 1.23 32.16
C ALA B 361 26.59 0.64 33.04
N ALA B 362 26.20 -0.20 33.99
CA ALA B 362 27.16 -0.83 34.89
C ALA B 362 28.16 -1.71 34.15
N HIS B 363 27.75 -2.25 33.00
CA HIS B 363 28.66 -3.13 32.27
C HIS B 363 29.13 -2.69 30.89
N GLY B 364 29.04 -1.39 30.62
CA GLY B 364 29.52 -0.84 29.37
C GLY B 364 28.71 -1.09 28.10
N PHE B 365 27.42 -1.36 28.22
CA PHE B 365 26.59 -1.57 27.04
C PHE B 365 26.18 -0.22 26.47
N ASP B 366 25.85 -0.19 25.18
CA ASP B 366 25.47 1.04 24.50
C ASP B 366 23.99 1.36 24.56
N ALA B 367 23.16 0.33 24.45
CA ALA B 367 21.73 0.57 24.43
C ALA B 367 20.88 -0.48 25.12
N VAL B 368 19.60 -0.13 25.26
CA VAL B 368 18.61 -1.00 25.88
C VAL B 368 17.38 -1.02 24.97
N LEU B 369 17.02 -2.22 24.51
CA LEU B 369 15.84 -2.40 23.67
C LEU B 369 14.66 -2.71 24.59
N VAL B 370 13.48 -2.19 24.25
CA VAL B 370 12.27 -2.48 25.02
C VAL B 370 11.14 -2.79 24.06
N GLU B 371 10.53 -3.96 24.21
CA GLU B 371 9.39 -4.33 23.36
C GLU B 371 8.14 -4.32 24.22
N GLY B 372 7.02 -3.91 23.65
CA GLY B 372 5.77 -3.85 24.39
C GLY B 372 5.54 -2.50 25.05
N TRP B 373 6.24 -1.48 24.57
CA TRP B 373 6.13 -0.15 25.14
C TRP B 373 4.92 0.65 24.66
N ASN B 374 4.43 0.34 23.47
CA ASN B 374 3.31 1.07 22.87
C ASN B 374 1.95 0.38 22.83
N GLU B 375 0.89 1.19 22.74
CA GLU B 375 -0.47 0.67 22.70
C GLU B 375 -0.70 -0.26 21.50
N GLY B 376 -1.50 -1.31 21.73
CA GLY B 376 -1.82 -2.21 20.63
C GLY B 376 -1.39 -3.67 20.70
N TRP B 377 -0.40 -3.98 21.54
CA TRP B 377 0.10 -5.35 21.63
C TRP B 377 -0.93 -6.44 21.92
N GLU B 378 -2.05 -6.06 22.51
CA GLU B 378 -3.10 -7.04 22.80
C GLU B 378 -3.55 -7.78 21.51
N ASP B 379 -3.50 -7.09 20.37
CA ASP B 379 -3.93 -7.68 19.08
C ASP B 379 -2.80 -7.87 18.06
N TRP B 380 -1.56 -7.85 18.49
CA TRP B 380 -0.44 -7.96 17.54
C TRP B 380 -0.27 -9.23 16.72
N PHE B 381 -0.82 -10.36 17.18
CA PHE B 381 -0.56 -11.60 16.48
C PHE B 381 -1.63 -12.30 15.63
N GLY B 382 -1.30 -12.46 14.36
CA GLY B 382 -2.15 -13.15 13.40
C GLY B 382 -3.58 -12.73 13.12
N ASN B 383 -3.93 -11.48 13.38
CA ASN B 383 -5.30 -11.03 13.11
C ASN B 383 -5.46 -10.32 11.77
N SER B 384 -4.34 -10.11 11.08
CA SER B 384 -4.36 -9.42 9.78
C SER B 384 -5.04 -8.07 10.00
N LYS B 385 -4.65 -7.41 11.08
CA LYS B 385 -5.20 -6.12 11.48
C LYS B 385 -4.45 -4.96 10.80
N ASP B 386 -5.20 -4.09 10.15
CA ASP B 386 -4.61 -2.95 9.44
C ASP B 386 -4.09 -1.89 10.40
N TYR B 387 -4.98 -1.25 11.16
CA TYR B 387 -4.59 -0.20 12.10
C TYR B 387 -4.25 -0.85 13.44
N VAL B 388 -3.13 -1.59 13.46
CA VAL B 388 -2.68 -2.32 14.63
C VAL B 388 -1.75 -1.58 15.61
N PHE B 389 -0.99 -0.61 15.11
CA PHE B 389 -0.07 0.16 15.95
C PHE B 389 0.06 1.58 15.41
N ASP B 390 0.40 2.54 16.27
CA ASP B 390 0.61 3.91 15.82
C ASP B 390 2.08 4.30 16.01
N PHE B 391 2.83 3.42 16.65
CA PHE B 391 4.26 3.59 16.87
C PHE B 391 4.70 4.81 17.68
N VAL B 392 3.76 5.45 18.38
CA VAL B 392 4.11 6.64 19.15
C VAL B 392 3.44 6.77 20.52
N THR B 393 2.30 6.12 20.71
CA THR B 393 1.58 6.21 21.98
C THR B 393 1.98 5.13 22.98
N PRO B 394 2.66 5.53 24.07
CA PRO B 394 3.10 4.58 25.10
C PRO B 394 1.99 4.09 26.02
N TYR B 395 2.17 2.91 26.60
CA TYR B 395 1.21 2.36 27.54
C TYR B 395 1.28 3.23 28.79
N PRO B 396 0.24 3.14 29.65
CA PRO B 396 0.21 3.93 30.89
C PRO B 396 1.42 3.76 31.81
N ASP B 397 2.04 2.59 31.79
CA ASP B 397 3.19 2.32 32.65
C ASP B 397 4.57 2.54 32.01
N PHE B 398 4.60 3.14 30.83
CA PHE B 398 5.87 3.42 30.15
C PHE B 398 6.01 4.93 30.00
N ASP B 399 6.88 5.52 30.83
CA ASP B 399 7.11 6.96 30.81
C ASP B 399 8.26 7.29 29.86
N VAL B 400 7.92 7.57 28.61
CA VAL B 400 8.91 7.88 27.58
C VAL B 400 9.96 8.94 27.96
N LYS B 401 9.50 10.09 28.45
CA LYS B 401 10.41 11.16 28.82
C LYS B 401 11.32 10.83 30.00
N GLU B 402 10.77 10.23 31.05
CA GLU B 402 11.56 9.88 32.22
C GLU B 402 12.63 8.84 31.86
N ILE B 403 12.24 7.87 31.03
CA ILE B 403 13.18 6.85 30.62
C ILE B 403 14.31 7.47 29.80
N HIS B 404 13.96 8.42 28.93
CA HIS B 404 14.95 9.11 28.12
C HIS B 404 15.94 9.88 29.00
N ARG B 405 15.40 10.67 29.94
CA ARG B 405 16.25 11.44 30.85
C ARG B 405 17.17 10.52 31.64
N TYR B 406 16.60 9.44 32.15
CA TYR B 406 17.33 8.46 32.94
C TYR B 406 18.42 7.76 32.11
N ALA B 407 18.07 7.34 30.91
CA ALA B 407 19.03 6.66 30.06
C ALA B 407 20.18 7.60 29.69
N ALA B 408 19.84 8.83 29.34
CA ALA B 408 20.86 9.82 28.96
C ALA B 408 21.82 10.07 30.13
N ARG B 409 21.25 10.14 31.33
CA ARG B 409 22.02 10.37 32.55
C ARG B 409 23.04 9.24 32.76
N LYS B 410 22.68 8.04 32.32
CA LYS B 410 23.55 6.88 32.48
C LYS B 410 24.45 6.63 31.26
N GLY B 411 24.35 7.51 30.27
CA GLY B 411 25.15 7.36 29.06
C GLY B 411 24.64 6.24 28.17
N ILE B 412 23.36 5.91 28.34
CA ILE B 412 22.72 4.84 27.59
C ILE B 412 21.72 5.38 26.56
N LYS B 413 21.54 4.62 25.48
CA LYS B 413 20.58 4.99 24.44
C LYS B 413 19.49 3.93 24.40
N MET B 414 18.26 4.37 24.23
CA MET B 414 17.15 3.43 24.15
C MET B 414 16.96 3.03 22.69
N MET B 415 16.78 1.73 22.45
CA MET B 415 16.57 1.25 21.09
C MET B 415 15.07 1.12 20.89
N MET B 416 14.56 1.85 19.90
CA MET B 416 13.14 1.84 19.58
C MET B 416 12.72 0.50 18.98
N HIS B 417 11.46 0.14 19.20
CA HIS B 417 10.93 -1.09 18.64
C HIS B 417 9.70 -0.76 17.81
N HIS B 418 9.71 -1.19 16.54
CA HIS B 418 8.60 -0.94 15.63
C HIS B 418 8.04 -2.22 15.02
N GLU B 419 7.39 -3.06 15.81
CA GLU B 419 6.78 -4.26 15.27
C GLU B 419 5.59 -3.74 14.46
N THR B 420 5.46 -4.14 13.21
CA THR B 420 4.37 -3.67 12.37
C THR B 420 3.23 -4.68 12.27
N SER B 421 3.49 -5.90 12.75
CA SER B 421 2.50 -6.98 12.66
C SER B 421 2.15 -7.16 11.18
N ALA B 422 3.15 -6.90 10.33
CA ALA B 422 3.03 -7.04 8.89
C ALA B 422 2.02 -6.12 8.21
N SER B 423 1.58 -5.07 8.89
CA SER B 423 0.63 -4.12 8.30
C SER B 423 1.50 -3.00 7.75
N VAL B 424 1.85 -3.14 6.47
CA VAL B 424 2.76 -2.21 5.83
C VAL B 424 2.26 -0.84 5.41
N ARG B 425 1.03 -0.72 4.92
CA ARG B 425 0.53 0.60 4.57
C ARG B 425 0.41 1.39 5.87
N ASN B 426 -0.03 0.70 6.92
CA ASN B 426 -0.20 1.34 8.22
C ASN B 426 1.13 1.88 8.74
N TYR B 427 2.21 1.13 8.53
CA TYR B 427 3.52 1.57 8.99
C TYR B 427 3.98 2.78 8.18
N GLU B 428 3.84 2.71 6.86
CA GLU B 428 4.25 3.81 5.99
C GLU B 428 3.48 5.09 6.31
N ARG B 429 2.18 4.96 6.61
CA ARG B 429 1.37 6.14 6.93
C ARG B 429 1.85 6.81 8.22
N HIS B 430 2.35 6.02 9.16
CA HIS B 430 2.83 6.54 10.45
C HIS B 430 4.35 6.73 10.52
N MET B 431 5.06 6.30 9.48
CA MET B 431 6.53 6.36 9.51
C MET B 431 7.19 7.69 9.83
N ASP B 432 6.82 8.76 9.14
CA ASP B 432 7.45 10.04 9.43
C ASP B 432 7.22 10.50 10.86
N LYS B 433 5.98 10.39 11.33
CA LYS B 433 5.66 10.76 12.70
C LYS B 433 6.42 9.83 13.64
N ALA B 434 6.54 8.56 13.25
CA ALA B 434 7.25 7.58 14.07
C ALA B 434 8.72 7.94 14.22
N TYR B 435 9.37 8.24 13.10
CA TYR B 435 10.79 8.61 13.13
C TYR B 435 10.99 9.94 13.85
N GLN B 436 10.05 10.87 13.67
CA GLN B 436 10.15 12.17 14.33
C GLN B 436 10.04 11.96 15.84
N PHE B 437 9.20 11.02 16.25
CA PHE B 437 9.01 10.73 17.68
C PHE B 437 10.32 10.18 18.25
N MET B 438 11.00 9.34 17.48
CA MET B 438 12.28 8.78 17.90
C MET B 438 13.28 9.92 18.07
N ALA B 439 13.36 10.79 17.07
CA ALA B 439 14.27 11.93 17.12
C ALA B 439 13.96 12.82 18.31
N ASP B 440 12.69 13.16 18.49
CA ASP B 440 12.29 14.02 19.61
C ASP B 440 12.53 13.38 20.98
N ASN B 441 12.65 12.06 21.01
CA ASN B 441 12.84 11.38 22.29
C ASN B 441 14.15 10.61 22.44
N GLY B 442 15.16 11.00 21.68
CA GLY B 442 16.48 10.39 21.78
C GLY B 442 16.74 8.97 21.30
N TYR B 443 15.88 8.45 20.43
CA TYR B 443 16.08 7.09 19.91
C TYR B 443 16.80 7.24 18.57
N ASN B 444 17.98 6.66 18.41
CA ASN B 444 18.67 6.77 17.14
C ASN B 444 18.80 5.45 16.39
N SER B 445 18.22 4.39 16.96
CA SER B 445 18.23 3.08 16.30
C SER B 445 16.87 2.43 16.55
N VAL B 446 16.41 1.67 15.56
CA VAL B 446 15.12 1.01 15.70
C VAL B 446 15.12 -0.41 15.19
N LYS B 447 14.45 -1.28 15.93
CA LYS B 447 14.31 -2.68 15.56
C LYS B 447 12.89 -2.78 15.03
N SER B 448 12.74 -3.09 13.75
CA SER B 448 11.40 -3.22 13.17
C SER B 448 11.08 -4.69 13.03
N GLY B 449 9.82 -4.99 12.75
CA GLY B 449 9.38 -6.37 12.60
C GLY B 449 8.18 -6.45 11.68
N TYR B 450 7.98 -7.61 11.07
CA TYR B 450 6.86 -7.82 10.16
C TYR B 450 6.25 -9.20 10.37
N VAL B 451 5.79 -9.46 11.59
CA VAL B 451 5.21 -10.75 11.95
C VAL B 451 3.75 -10.87 11.50
N GLY B 452 3.50 -11.84 10.62
CA GLY B 452 2.17 -12.07 10.10
C GLY B 452 2.16 -11.98 8.59
N ASN B 453 1.03 -12.30 7.97
CA ASN B 453 0.91 -12.23 6.52
C ASN B 453 0.82 -10.75 6.14
N ILE B 454 1.55 -10.37 5.11
CA ILE B 454 1.59 -8.98 4.64
C ILE B 454 0.24 -8.34 4.30
N ILE B 455 0.14 -7.04 4.58
CA ILE B 455 -1.03 -6.21 4.27
C ILE B 455 -0.34 -5.03 3.58
N PRO B 456 -0.71 -4.70 2.32
CA PRO B 456 -1.73 -5.26 1.41
C PRO B 456 -1.75 -6.78 1.30
N ARG B 457 -2.94 -7.34 1.52
CA ARG B 457 -3.15 -8.77 1.51
C ARG B 457 -2.99 -9.37 0.10
N GLY B 458 -2.17 -10.41 0.02
CA GLY B 458 -1.90 -11.05 -1.26
C GLY B 458 -0.41 -11.02 -1.53
N GLU B 459 0.27 -10.02 -0.97
CA GLU B 459 1.72 -9.90 -1.16
C GLU B 459 2.49 -10.80 -0.19
N HIS B 460 3.73 -11.11 -0.56
CA HIS B 460 4.59 -11.95 0.28
C HIS B 460 5.70 -11.07 0.86
N HIS B 461 6.37 -11.56 1.90
CA HIS B 461 7.44 -10.80 2.52
C HIS B 461 8.61 -10.46 1.59
N TYR B 462 8.88 -11.31 0.61
CA TYR B 462 10.02 -11.07 -0.27
C TYR B 462 9.77 -10.64 -1.71
N GLY B 463 8.55 -10.22 -2.03
CA GLY B 463 8.26 -9.79 -3.38
C GLY B 463 8.83 -8.41 -3.66
N GLN B 464 8.78 -7.98 -4.92
CA GLN B 464 9.31 -6.67 -5.30
C GLN B 464 8.68 -5.56 -4.46
N TRP B 465 7.38 -5.69 -4.20
CA TRP B 465 6.64 -4.71 -3.43
C TRP B 465 7.25 -4.47 -2.05
N MET B 466 7.43 -5.54 -1.28
CA MET B 466 8.00 -5.41 0.06
C MET B 466 9.47 -5.03 0.04
N ASN B 467 10.23 -5.52 -0.94
CA ASN B 467 11.64 -5.16 -1.02
C ASN B 467 11.74 -3.65 -1.15
N ASN B 468 10.80 -3.06 -1.89
CA ASN B 468 10.80 -1.62 -2.05
C ASN B 468 10.53 -0.97 -0.70
N HIS B 469 9.56 -1.52 0.04
CA HIS B 469 9.23 -0.97 1.36
C HIS B 469 10.42 -1.00 2.31
N TYR B 470 11.02 -2.17 2.50
CA TYR B 470 12.16 -2.32 3.41
C TYR B 470 13.23 -1.27 3.14
N LEU B 471 13.54 -1.04 1.86
CA LEU B 471 14.56 -0.07 1.50
C LEU B 471 14.04 1.35 1.71
N TYR B 472 12.76 1.56 1.44
CA TYR B 472 12.14 2.87 1.62
C TYR B 472 12.27 3.28 3.09
N ALA B 473 12.05 2.31 3.99
CA ALA B 473 12.14 2.54 5.43
C ALA B 473 13.56 2.86 5.83
N VAL B 474 14.52 2.24 5.14
CA VAL B 474 15.94 2.46 5.43
C VAL B 474 16.41 3.82 4.90
N LYS B 475 15.99 4.17 3.69
CA LYS B 475 16.38 5.45 3.10
C LYS B 475 15.78 6.62 3.89
N LYS B 476 14.53 6.48 4.32
CA LYS B 476 13.91 7.56 5.09
C LYS B 476 14.62 7.65 6.44
N ALA B 477 14.95 6.51 7.03
CA ALA B 477 15.64 6.48 8.31
C ALA B 477 16.97 7.24 8.21
N ALA B 478 17.68 7.04 7.11
CA ALA B 478 18.97 7.71 6.92
C ALA B 478 18.78 9.22 6.99
N ASP B 479 17.67 9.72 6.45
CA ASP B 479 17.39 11.15 6.48
C ASP B 479 17.28 11.65 7.91
N TYR B 480 16.79 10.78 8.80
CA TYR B 480 16.65 11.12 10.21
C TYR B 480 17.87 10.72 11.03
N LYS B 481 18.91 10.21 10.35
CA LYS B 481 20.12 9.77 11.02
C LYS B 481 19.77 8.63 11.97
N ILE B 482 18.91 7.73 11.50
CA ILE B 482 18.46 6.58 12.28
C ILE B 482 18.98 5.29 11.69
N MET B 483 19.44 4.39 12.56
CA MET B 483 19.95 3.09 12.13
C MET B 483 18.81 2.07 12.24
N VAL B 484 18.79 1.11 11.31
CA VAL B 484 17.73 0.12 11.27
C VAL B 484 18.16 -1.34 11.36
N ASN B 485 17.36 -2.11 12.11
CA ASN B 485 17.57 -3.55 12.26
C ASN B 485 16.17 -4.12 12.01
N ALA B 486 15.96 -4.67 10.81
CA ALA B 486 14.64 -5.20 10.48
C ALA B 486 14.46 -6.71 10.52
N HIS B 487 13.61 -7.18 11.42
CA HIS B 487 13.32 -8.60 11.50
C HIS B 487 12.24 -8.93 10.47
N GLU B 488 12.20 -10.17 10.04
CA GLU B 488 11.23 -10.67 9.04
C GLU B 488 11.37 -10.09 7.64
N ALA B 489 12.34 -9.19 7.44
CA ALA B 489 12.53 -8.61 6.12
C ALA B 489 13.26 -9.59 5.22
N THR B 490 13.35 -9.26 3.94
CA THR B 490 14.05 -10.11 2.97
C THR B 490 15.51 -10.23 3.42
N ARG B 491 16.07 -11.42 3.36
CA ARG B 491 17.46 -11.64 3.76
C ARG B 491 18.37 -10.70 2.95
N PRO B 492 19.43 -10.19 3.58
CA PRO B 492 20.41 -9.27 2.97
C PRO B 492 21.24 -9.75 1.79
N THR B 493 21.59 -8.80 0.93
CA THR B 493 22.36 -9.05 -0.27
C THR B 493 23.48 -8.00 -0.47
N GLY B 494 24.00 -7.47 0.63
CA GLY B 494 25.07 -6.49 0.56
C GLY B 494 24.68 -5.03 0.43
N ILE B 495 23.38 -4.74 0.55
CA ILE B 495 22.93 -3.36 0.41
C ILE B 495 23.47 -2.45 1.53
N CYS B 496 23.93 -3.05 2.62
CA CYS B 496 24.49 -2.27 3.72
C CYS B 496 25.64 -1.39 3.23
N ARG B 497 26.33 -1.81 2.17
CA ARG B 497 27.43 -1.00 1.64
C ARG B 497 26.87 0.33 1.13
N THR B 498 25.71 0.27 0.47
CA THR B 498 25.07 1.46 -0.08
C THR B 498 24.41 2.28 1.02
N TYR B 499 23.78 1.58 1.96
CA TYR B 499 23.11 2.21 3.09
C TYR B 499 23.58 1.54 4.37
N PRO B 500 24.74 1.98 4.89
CA PRO B 500 25.30 1.40 6.11
C PRO B 500 24.51 1.63 7.38
N ASN B 501 23.36 2.32 7.29
CA ASN B 501 22.55 2.52 8.49
C ASN B 501 21.69 1.27 8.73
N LEU B 502 21.69 0.36 7.77
CA LEU B 502 20.97 -0.90 7.92
C LEU B 502 21.99 -1.80 8.63
N ILE B 503 22.04 -1.70 9.95
CA ILE B 503 22.99 -2.47 10.74
C ILE B 503 22.58 -3.90 11.04
N GLY B 504 21.41 -4.31 10.55
CA GLY B 504 20.99 -5.66 10.80
C GLY B 504 19.63 -6.09 10.28
N ASN B 505 19.42 -7.39 10.33
CA ASN B 505 18.17 -8.04 9.95
C ASN B 505 18.22 -9.33 10.74
N GLU B 506 17.09 -10.00 10.88
CA GLU B 506 17.11 -11.30 11.52
C GLU B 506 17.12 -12.10 10.22
N SER B 507 15.93 -12.26 9.63
CA SER B 507 15.77 -12.92 8.34
C SER B 507 16.41 -14.31 8.25
N ALA B 508 16.24 -15.06 9.33
CA ALA B 508 16.75 -16.42 9.45
C ALA B 508 16.34 -16.87 10.84
N ARG B 509 16.51 -18.16 11.12
CA ARG B 509 16.13 -18.69 12.42
C ARG B 509 17.13 -18.18 13.46
N GLY B 510 16.65 -17.40 14.42
CA GLY B 510 17.51 -16.85 15.45
C GLY B 510 17.36 -17.49 16.81
N THR B 511 18.01 -16.90 17.80
CA THR B 511 17.97 -17.42 19.17
C THR B 511 16.56 -17.55 19.74
N GLU B 512 15.63 -16.70 19.31
CA GLU B 512 14.28 -16.79 19.84
C GLU B 512 13.67 -18.19 19.68
N TYR B 513 14.04 -18.89 18.60
CA TYR B 513 13.51 -20.23 18.39
C TYR B 513 14.10 -21.24 19.35
N GLU B 514 15.18 -20.86 20.04
CA GLU B 514 15.80 -21.74 21.03
C GLU B 514 14.80 -21.81 22.18
N SER B 515 13.83 -20.92 22.16
CA SER B 515 12.78 -20.85 23.18
C SER B 515 11.51 -21.52 22.67
N PHE B 516 11.49 -21.83 21.38
CA PHE B 516 10.33 -22.46 20.75
C PHE B 516 10.60 -23.91 20.38
N GLY B 517 11.47 -24.57 21.15
CA GLY B 517 11.79 -25.96 20.87
C GLY B 517 13.27 -26.14 20.61
N GLY B 518 13.94 -25.04 20.25
CA GLY B 518 15.37 -25.08 19.98
C GLY B 518 15.79 -25.06 18.52
N ASN B 519 17.05 -24.72 18.28
CA ASN B 519 17.61 -24.72 16.93
C ASN B 519 18.56 -25.91 16.88
N LYS B 520 18.79 -26.46 15.70
CA LYS B 520 19.69 -27.60 15.59
C LYS B 520 21.04 -27.22 16.19
N VAL B 521 21.72 -28.21 16.77
CA VAL B 521 23.01 -27.99 17.38
C VAL B 521 24.04 -27.39 16.43
N TYR B 522 23.97 -27.77 15.15
CA TYR B 522 24.94 -27.26 14.18
C TYR B 522 24.53 -25.95 13.50
N HIS B 523 23.40 -25.38 13.91
CA HIS B 523 22.88 -24.15 13.31
C HIS B 523 23.90 -23.03 13.11
N THR B 524 24.62 -22.65 14.16
CA THR B 524 25.60 -21.57 14.04
C THR B 524 26.86 -21.93 13.25
N THR B 525 26.99 -23.20 12.84
CA THR B 525 28.15 -23.61 12.05
C THR B 525 27.77 -23.56 10.56
N ILE B 526 26.53 -23.14 10.30
CA ILE B 526 26.04 -23.03 8.94
C ILE B 526 25.72 -21.57 8.58
N LEU B 527 25.03 -20.86 9.47
CA LEU B 527 24.65 -19.47 9.22
C LEU B 527 25.75 -18.60 8.59
N PRO B 528 26.99 -18.69 9.09
CA PRO B 528 28.06 -17.87 8.51
C PRO B 528 28.34 -18.17 7.03
N PHE B 529 28.03 -19.39 6.60
CA PHE B 529 28.24 -19.78 5.20
C PHE B 529 27.04 -19.45 4.32
N THR B 530 25.90 -19.20 4.95
CA THR B 530 24.69 -18.90 4.20
C THR B 530 24.11 -17.52 4.50
N ARG B 531 23.27 -17.44 5.51
CA ARG B 531 22.63 -16.19 5.90
C ARG B 531 23.54 -14.96 5.96
N LEU B 532 24.68 -15.08 6.63
CA LEU B 532 25.58 -13.95 6.79
C LEU B 532 26.18 -13.39 5.50
N VAL B 533 26.12 -14.16 4.43
CA VAL B 533 26.65 -13.69 3.16
C VAL B 533 25.65 -12.66 2.64
N GLY B 534 26.05 -11.39 2.70
CA GLY B 534 25.18 -10.32 2.25
C GLY B 534 24.88 -9.32 3.37
N GLY B 535 25.19 -9.69 4.61
CA GLY B 535 24.94 -8.79 5.72
C GLY B 535 24.84 -9.47 7.07
N PRO B 536 25.09 -8.72 8.16
CA PRO B 536 25.04 -9.24 9.53
C PRO B 536 23.65 -9.64 9.98
N MET B 537 23.61 -10.50 10.99
CA MET B 537 22.35 -10.95 11.56
C MET B 537 22.26 -10.57 13.03
N ASP B 538 21.06 -10.17 13.45
CA ASP B 538 20.79 -9.84 14.85
C ASP B 538 20.35 -11.21 15.40
N TYR B 539 21.33 -12.03 15.79
CA TYR B 539 21.06 -13.37 16.29
C TYR B 539 20.70 -13.45 17.77
N THR B 540 20.95 -12.36 18.47
CA THR B 540 20.69 -12.22 19.92
C THR B 540 21.20 -13.40 20.74
N PRO B 541 22.53 -13.61 20.74
CA PRO B 541 23.17 -14.70 21.48
C PRO B 541 23.33 -14.29 22.96
N GLY B 542 24.01 -15.12 23.73
CA GLY B 542 24.24 -14.79 25.13
C GLY B 542 23.31 -15.38 26.17
N ILE B 543 22.68 -16.51 25.87
CA ILE B 543 21.79 -17.14 26.85
C ILE B 543 22.64 -18.04 27.75
N PHE B 544 22.68 -17.72 29.04
CA PHE B 544 23.45 -18.51 30.00
C PHE B 544 22.59 -19.56 30.67
N GLU B 545 21.35 -19.23 30.98
CA GLU B 545 20.44 -20.21 31.56
C GLU B 545 19.71 -20.81 30.38
N THR B 546 20.23 -21.91 29.86
CA THR B 546 19.66 -22.56 28.70
C THR B 546 18.33 -23.27 28.88
N HIS B 547 17.90 -23.46 30.13
CA HIS B 547 16.61 -24.10 30.36
C HIS B 547 15.54 -23.01 30.48
N CYS B 548 14.70 -22.90 29.46
CA CYS B 548 13.66 -21.89 29.46
C CYS B 548 12.62 -22.09 30.55
N ASN B 549 12.49 -23.31 31.08
CA ASN B 549 11.51 -23.55 32.12
C ASN B 549 11.82 -22.72 33.36
N LYS B 550 13.05 -22.22 33.47
CA LYS B 550 13.44 -21.39 34.61
C LYS B 550 12.84 -20.00 34.45
N MET B 551 12.51 -19.63 33.22
CA MET B 551 11.89 -18.33 32.93
C MET B 551 10.40 -18.51 33.03
N ASN B 552 9.90 -19.58 32.41
CA ASN B 552 8.48 -19.89 32.39
C ASN B 552 8.28 -21.39 32.52
N PRO B 553 7.70 -21.85 33.63
CA PRO B 553 7.44 -23.26 33.94
C PRO B 553 6.77 -24.04 32.81
N ALA B 554 5.93 -23.38 32.04
CA ALA B 554 5.22 -24.03 30.94
C ALA B 554 6.10 -24.16 29.70
N ASN B 555 7.26 -23.52 29.71
CA ASN B 555 8.18 -23.57 28.58
C ASN B 555 9.31 -24.55 28.86
N ASN B 556 9.25 -25.71 28.22
CA ASN B 556 10.26 -26.75 28.41
C ASN B 556 11.36 -26.77 27.36
N SER B 557 11.45 -25.70 26.56
CA SER B 557 12.47 -25.63 25.52
C SER B 557 13.86 -25.48 26.14
N GLN B 558 14.88 -26.00 25.45
CA GLN B 558 16.25 -25.92 25.94
C GLN B 558 17.15 -25.41 24.83
N VAL B 559 17.90 -24.35 25.10
CA VAL B 559 18.81 -23.80 24.10
C VAL B 559 19.88 -24.86 23.82
N ARG B 560 20.09 -25.18 22.55
CA ARG B 560 21.07 -26.19 22.18
C ARG B 560 22.48 -25.59 22.13
N SER B 561 23.05 -25.35 23.31
CA SER B 561 24.37 -24.76 23.40
C SER B 561 24.94 -24.83 24.81
N THR B 562 26.26 -24.71 24.92
CA THR B 562 26.91 -24.67 26.22
C THR B 562 27.11 -23.18 26.41
N ILE B 563 27.46 -22.75 27.62
CA ILE B 563 27.68 -21.33 27.86
C ILE B 563 28.88 -20.81 27.07
N ALA B 564 29.93 -21.62 26.95
CA ALA B 564 31.11 -21.20 26.23
C ALA B 564 30.82 -20.92 24.75
N ARG B 565 29.93 -21.71 24.16
CA ARG B 565 29.60 -21.52 22.75
C ARG B 565 28.82 -20.22 22.56
N GLN B 566 28.00 -19.85 23.55
CA GLN B 566 27.24 -18.60 23.46
C GLN B 566 28.22 -17.44 23.42
N LEU B 567 29.31 -17.56 24.16
CA LEU B 567 30.34 -16.51 24.18
C LEU B 567 31.01 -16.43 22.82
N ALA B 568 31.28 -17.60 22.24
CA ALA B 568 31.94 -17.69 20.93
C ALA B 568 31.17 -16.97 19.84
N LEU B 569 29.84 -17.00 19.93
CA LEU B 569 29.01 -16.37 18.92
C LEU B 569 29.26 -14.88 18.72
N TYR B 570 29.84 -14.21 19.71
CA TYR B 570 30.12 -12.78 19.56
C TYR B 570 31.25 -12.57 18.56
N VAL B 571 31.92 -13.65 18.20
CA VAL B 571 33.01 -13.61 17.22
C VAL B 571 32.64 -14.42 15.97
N THR B 572 31.96 -15.55 16.15
CA THR B 572 31.59 -16.40 15.01
C THR B 572 30.30 -16.02 14.29
N MET B 573 29.50 -15.15 14.90
CA MET B 573 28.28 -14.67 14.26
C MET B 573 28.48 -13.17 14.12
N TYR B 574 29.23 -12.77 13.09
CA TYR B 574 29.53 -11.37 12.86
C TYR B 574 28.34 -10.43 12.80
N SER B 575 28.48 -9.28 13.45
CA SER B 575 27.45 -8.26 13.47
C SER B 575 27.90 -7.03 14.23
N PRO B 576 27.60 -5.83 13.68
CA PRO B 576 27.99 -4.58 14.35
C PRO B 576 26.95 -4.30 15.44
N LEU B 577 25.91 -5.13 15.45
CA LEU B 577 24.81 -5.04 16.41
C LEU B 577 24.80 -6.35 17.19
N GLN B 578 25.19 -6.31 18.46
CA GLN B 578 25.26 -7.51 19.29
C GLN B 578 24.43 -7.40 20.56
N MET B 579 23.53 -8.35 20.74
CA MET B 579 22.69 -8.34 21.94
C MET B 579 23.17 -9.39 22.94
N ALA B 580 23.01 -9.07 24.22
CA ALA B 580 23.31 -10.00 25.31
C ALA B 580 21.85 -10.22 25.69
N ALA B 581 21.26 -11.26 25.11
CA ALA B 581 19.85 -11.59 25.26
C ALA B 581 19.26 -12.10 26.58
N ASP B 582 20.06 -12.67 27.46
CA ASP B 582 19.53 -13.20 28.72
C ASP B 582 19.13 -12.06 29.66
N ILE B 583 18.45 -12.37 30.76
CA ILE B 583 18.05 -11.32 31.70
C ILE B 583 19.21 -11.00 32.64
N PRO B 584 19.25 -9.76 33.15
CA PRO B 584 20.31 -9.31 34.06
C PRO B 584 20.61 -10.29 35.18
N GLU B 585 19.56 -10.82 35.81
CA GLU B 585 19.72 -11.75 36.92
C GLU B 585 20.58 -12.95 36.57
N ASN B 586 20.39 -13.51 35.37
CA ASN B 586 21.16 -14.67 34.97
C ASN B 586 22.62 -14.34 34.68
N TYR B 587 22.89 -13.13 34.17
CA TYR B 587 24.27 -12.75 33.92
C TYR B 587 24.99 -12.55 35.26
N GLU B 588 24.23 -12.06 36.25
CA GLU B 588 24.80 -11.82 37.57
C GLU B 588 25.21 -13.15 38.22
N ARG B 589 24.60 -14.24 37.76
CA ARG B 589 24.93 -15.57 38.29
C ARG B 589 26.22 -16.10 37.68
N PHE B 590 26.54 -15.64 36.47
CA PHE B 590 27.76 -16.07 35.77
C PHE B 590 28.56 -14.86 35.34
N MET B 591 28.75 -13.93 36.27
CA MET B 591 29.48 -12.71 36.00
C MET B 591 30.88 -12.94 35.45
N ASP B 592 31.55 -14.01 35.87
CA ASP B 592 32.90 -14.26 35.37
C ASP B 592 32.89 -14.58 33.88
N ALA B 593 31.92 -15.38 33.43
CA ALA B 593 31.82 -15.71 32.02
C ALA B 593 31.31 -14.49 31.25
N PHE B 594 30.48 -13.69 31.91
CA PHE B 594 29.91 -12.49 31.29
C PHE B 594 31.00 -11.49 30.88
N GLN B 595 32.17 -11.58 31.50
CA GLN B 595 33.25 -10.66 31.18
C GLN B 595 33.62 -10.65 29.69
N PHE B 596 33.54 -11.80 29.03
CA PHE B 596 33.88 -11.83 27.61
C PHE B 596 32.90 -11.00 26.78
N ILE B 597 31.61 -11.12 27.08
CA ILE B 597 30.60 -10.36 26.36
C ILE B 597 30.89 -8.88 26.57
N LYS B 598 31.29 -8.53 27.79
CA LYS B 598 31.61 -7.15 28.11
C LYS B 598 32.83 -6.65 27.34
N ASP B 599 33.86 -7.49 27.26
CA ASP B 599 35.11 -7.14 26.59
C ASP B 599 35.12 -7.15 25.06
N VAL B 600 34.44 -8.13 24.47
CA VAL B 600 34.42 -8.28 23.01
C VAL B 600 34.06 -7.02 22.23
N ALA B 601 34.80 -6.77 21.15
CA ALA B 601 34.58 -5.60 20.29
C ALA B 601 33.42 -5.89 19.33
N LEU B 602 33.04 -4.86 18.58
CA LEU B 602 31.93 -4.96 17.62
C LEU B 602 32.32 -4.67 16.18
N ASP B 603 33.49 -4.05 15.98
CA ASP B 603 33.97 -3.70 14.65
C ASP B 603 35.41 -4.17 14.53
N TRP B 604 35.83 -4.53 13.32
CA TRP B 604 37.16 -5.09 13.16
C TRP B 604 38.05 -4.55 12.04
N ASP B 605 39.35 -4.54 12.29
CA ASP B 605 40.34 -4.10 11.31
C ASP B 605 40.81 -5.29 10.49
N GLU B 606 40.79 -6.47 11.10
CA GLU B 606 41.21 -7.71 10.44
C GLU B 606 40.40 -8.90 10.94
N THR B 607 40.24 -9.88 10.07
CA THR B 607 39.54 -11.11 10.41
C THR B 607 40.29 -12.28 9.79
N ASN B 608 40.59 -13.26 10.61
CA ASN B 608 41.30 -14.46 10.16
C ASN B 608 40.41 -15.67 10.41
N TYR B 609 40.06 -16.37 9.34
CA TYR B 609 39.24 -17.57 9.44
C TYR B 609 40.21 -18.72 9.66
N LEU B 610 40.34 -19.13 10.92
CA LEU B 610 41.26 -20.20 11.30
C LEU B 610 40.81 -21.60 10.87
N GLU B 611 39.58 -21.96 11.18
CA GLU B 611 39.05 -23.27 10.82
C GLU B 611 37.60 -23.10 10.39
N ALA B 612 37.17 -23.91 9.42
CA ALA B 612 35.79 -23.81 8.96
C ALA B 612 35.34 -25.01 8.12
N GLU B 613 34.22 -25.60 8.52
CA GLU B 613 33.60 -26.72 7.82
C GLU B 613 32.11 -26.57 8.12
N PRO B 614 31.33 -26.21 7.08
CA PRO B 614 29.89 -26.03 7.30
C PRO B 614 29.24 -27.21 8.01
N GLY B 615 28.44 -26.91 9.03
CA GLY B 615 27.77 -27.96 9.78
C GLY B 615 28.60 -28.65 10.85
N GLU B 616 29.89 -28.35 10.91
CA GLU B 616 30.76 -29.00 11.89
C GLU B 616 31.47 -28.06 12.85
N TYR B 617 32.13 -27.04 12.29
CA TYR B 617 32.87 -26.10 13.14
C TYR B 617 33.32 -24.85 12.40
N ILE B 618 33.44 -23.76 13.16
CA ILE B 618 33.90 -22.48 12.63
C ILE B 618 34.71 -21.81 13.72
N THR B 619 35.96 -21.50 13.40
CA THR B 619 36.87 -20.84 14.36
C THR B 619 37.39 -19.58 13.69
N ILE B 620 37.14 -18.44 14.33
CA ILE B 620 37.54 -17.16 13.78
C ILE B 620 38.28 -16.28 14.78
N ALA B 621 39.26 -15.53 14.27
CA ALA B 621 40.04 -14.60 15.08
C ALA B 621 39.89 -13.21 14.45
N ARG B 622 39.54 -12.22 15.25
CA ARG B 622 39.35 -10.88 14.73
C ARG B 622 40.14 -9.84 15.53
N LYS B 623 40.67 -8.83 14.84
CA LYS B 623 41.43 -7.77 15.47
C LYS B 623 40.52 -6.56 15.64
N ALA B 624 40.22 -6.21 16.90
CA ALA B 624 39.35 -5.08 17.19
C ALA B 624 39.85 -3.81 16.52
N LYS B 625 38.94 -3.10 15.85
CA LYS B 625 39.29 -1.89 15.13
C LYS B 625 40.04 -0.84 15.96
N ASP B 626 41.10 -0.31 15.38
CA ASP B 626 41.93 0.71 16.03
C ASP B 626 42.65 0.23 17.28
N THR B 627 42.90 -1.07 17.36
CA THR B 627 43.60 -1.64 18.51
C THR B 627 44.46 -2.80 18.03
N ASP B 628 45.18 -3.40 18.96
CA ASP B 628 45.99 -4.57 18.62
C ASP B 628 45.50 -5.69 19.52
N ASP B 629 44.21 -5.66 19.85
CA ASP B 629 43.61 -6.69 20.68
C ASP B 629 42.87 -7.63 19.74
N TRP B 630 42.96 -8.93 20.03
CA TRP B 630 42.29 -9.92 19.20
C TRP B 630 41.26 -10.70 20.02
N TYR B 631 40.23 -11.17 19.32
CA TYR B 631 39.17 -11.95 19.94
C TYR B 631 38.95 -13.19 19.10
N VAL B 632 38.90 -14.34 19.75
CA VAL B 632 38.71 -15.60 19.05
C VAL B 632 37.47 -16.34 19.53
N GLY B 633 36.81 -17.02 18.59
CA GLY B 633 35.63 -17.78 18.93
C GLY B 633 35.53 -19.03 18.08
N CYS B 634 35.03 -20.11 18.67
CA CYS B 634 34.85 -21.36 17.96
C CYS B 634 33.48 -21.92 18.34
N THR B 635 32.72 -22.31 17.33
CA THR B 635 31.40 -22.90 17.55
C THR B 635 31.41 -24.27 16.88
N ALA B 636 30.94 -25.30 17.60
CA ALA B 636 30.95 -26.66 17.07
C ALA B 636 29.61 -27.37 17.02
N GLY B 637 29.53 -28.37 16.16
CA GLY B 637 28.32 -29.16 16.01
C GLY B 637 28.20 -30.27 17.04
N GLU B 638 27.41 -31.29 16.72
CA GLU B 638 27.19 -32.40 17.64
C GLU B 638 28.40 -33.27 17.95
N ASN B 639 29.42 -33.23 17.10
CA ASN B 639 30.62 -34.03 17.33
C ASN B 639 31.70 -33.23 18.05
N GLY B 640 31.39 -31.99 18.41
CA GLY B 640 32.37 -31.15 19.09
C GLY B 640 33.50 -30.86 18.11
N HIS B 641 34.64 -30.41 18.62
CA HIS B 641 35.76 -30.11 17.74
C HIS B 641 37.03 -29.85 18.54
N THR B 642 38.16 -30.32 18.03
CA THR B 642 39.44 -30.11 18.68
C THR B 642 40.25 -29.14 17.84
N SER B 643 40.67 -28.04 18.44
CA SER B 643 41.44 -27.04 17.71
C SER B 643 42.89 -27.01 18.18
N LYS B 644 43.79 -26.82 17.21
CA LYS B 644 45.22 -26.71 17.46
C LYS B 644 45.53 -25.29 17.01
N LEU B 645 45.30 -24.34 17.90
CA LEU B 645 45.52 -22.93 17.59
C LEU B 645 46.96 -22.48 17.55
N VAL B 646 47.30 -21.74 16.51
CA VAL B 646 48.63 -21.18 16.33
C VAL B 646 48.44 -19.67 16.26
N PHE B 647 48.91 -18.98 17.29
CA PHE B 647 48.76 -17.53 17.38
C PHE B 647 49.80 -16.73 16.63
N ASP B 648 50.18 -17.20 15.44
CA ASP B 648 51.18 -16.48 14.67
C ASP B 648 50.65 -15.21 14.02
N PHE B 649 49.36 -14.93 14.20
CA PHE B 649 48.79 -13.71 13.63
C PHE B 649 49.02 -12.54 14.57
N LEU B 650 49.50 -12.82 15.78
CA LEU B 650 49.79 -11.77 16.74
C LEU B 650 51.08 -11.08 16.33
N THR B 651 51.34 -9.90 16.87
CA THR B 651 52.53 -9.12 16.52
C THR B 651 53.81 -9.62 17.20
N PRO B 652 54.89 -9.78 16.42
CA PRO B 652 56.18 -10.25 16.96
C PRO B 652 56.72 -9.29 18.02
N GLY B 653 57.33 -9.85 19.07
CA GLY B 653 57.90 -9.03 20.12
C GLY B 653 56.90 -8.49 21.13
N LYS B 654 55.61 -8.66 20.87
CA LYS B 654 54.59 -8.18 21.79
C LYS B 654 54.04 -9.27 22.69
N GLN B 655 53.52 -8.86 23.84
CA GLN B 655 52.93 -9.79 24.79
C GLN B 655 51.46 -9.42 24.95
N TYR B 656 50.63 -10.42 25.20
CA TYR B 656 49.19 -10.19 25.34
C TYR B 656 48.61 -10.89 26.56
N ILE B 657 47.63 -10.24 27.17
CA ILE B 657 46.94 -10.82 28.32
C ILE B 657 45.77 -11.57 27.70
N ALA B 658 45.81 -12.90 27.76
CA ALA B 658 44.78 -13.72 27.18
C ALA B 658 43.89 -14.41 28.21
N THR B 659 42.59 -14.35 27.98
CA THR B 659 41.63 -15.01 28.86
C THR B 659 40.87 -16.01 28.01
N VAL B 660 40.96 -17.28 28.40
CA VAL B 660 40.31 -18.36 27.68
C VAL B 660 39.06 -18.87 28.38
N TYR B 661 37.93 -18.76 27.70
CA TYR B 661 36.63 -19.23 28.20
C TYR B 661 36.32 -20.48 27.39
N ALA B 662 36.46 -21.65 28.00
CA ALA B 662 36.22 -22.90 27.29
C ALA B 662 35.25 -23.83 27.99
N ASP B 663 34.80 -24.84 27.27
CA ASP B 663 33.90 -25.84 27.83
C ASP B 663 34.69 -26.68 28.80
N ALA B 664 34.03 -27.13 29.86
CA ALA B 664 34.68 -27.99 30.83
C ALA B 664 34.84 -29.32 30.09
N LYS B 665 35.80 -30.12 30.53
CA LYS B 665 36.04 -31.42 29.91
C LYS B 665 34.77 -32.26 29.86
N ASP B 666 33.87 -32.01 30.81
CA ASP B 666 32.61 -32.76 30.91
C ASP B 666 31.39 -32.00 30.35
N ALA B 667 31.61 -30.86 29.71
CA ALA B 667 30.51 -30.06 29.17
C ALA B 667 29.74 -30.77 28.05
N ASP B 668 28.46 -30.42 27.93
CA ASP B 668 27.57 -31.00 26.92
C ASP B 668 26.40 -30.04 26.80
N TRP B 669 26.01 -29.67 25.58
CA TRP B 669 24.90 -28.72 25.44
C TRP B 669 23.64 -29.19 26.16
N LYS B 670 23.36 -30.49 26.09
CA LYS B 670 22.16 -31.02 26.71
C LYS B 670 22.28 -31.41 28.18
N GLU B 671 23.29 -32.22 28.52
CA GLU B 671 23.45 -32.69 29.88
C GLU B 671 24.24 -31.81 30.84
N ASN B 672 25.16 -30.99 30.31
CA ASN B 672 25.99 -30.15 31.18
C ASN B 672 26.44 -28.89 30.44
N PRO B 673 25.49 -28.04 30.05
CA PRO B 673 25.76 -26.79 29.32
C PRO B 673 26.45 -25.65 30.08
N GLN B 674 26.33 -25.64 31.40
CA GLN B 674 26.91 -24.56 32.17
C GLN B 674 28.28 -24.85 32.78
N ALA B 675 28.92 -25.91 32.32
CA ALA B 675 30.25 -26.26 32.83
C ALA B 675 31.32 -25.64 31.96
N TYR B 676 32.01 -24.63 32.49
CA TYR B 676 33.06 -23.94 31.74
C TYR B 676 34.26 -23.62 32.62
N THR B 677 35.36 -23.27 31.97
CA THR B 677 36.58 -22.91 32.69
C THR B 677 37.07 -21.58 32.13
N ILE B 678 37.71 -20.78 32.98
CA ILE B 678 38.26 -19.50 32.56
C ILE B 678 39.71 -19.43 33.02
N LYS B 679 40.62 -19.32 32.07
CA LYS B 679 42.05 -19.25 32.37
C LYS B 679 42.64 -17.97 31.82
N LYS B 680 43.53 -17.37 32.59
CA LYS B 680 44.18 -16.12 32.18
C LYS B 680 45.69 -16.26 32.22
N GLY B 681 46.34 -15.86 31.12
CA GLY B 681 47.78 -15.95 31.04
C GLY B 681 48.35 -15.06 29.95
N ILE B 682 49.61 -15.29 29.61
CA ILE B 682 50.28 -14.50 28.57
C ILE B 682 50.38 -15.28 27.26
N LEU B 683 50.24 -14.57 26.15
CA LEU B 683 50.35 -15.17 24.83
C LEU B 683 51.23 -14.29 23.94
N THR B 684 51.93 -14.92 23.01
CA THR B 684 52.78 -14.23 22.06
C THR B 684 52.52 -14.91 20.72
N ASN B 685 53.09 -14.36 19.64
CA ASN B 685 52.89 -14.93 18.32
C ASN B 685 53.54 -16.31 18.20
N LYS B 686 54.17 -16.76 19.29
CA LYS B 686 54.83 -18.06 19.33
C LYS B 686 54.00 -19.06 20.12
N SER B 687 52.90 -18.59 20.70
CA SER B 687 52.04 -19.45 21.51
C SER B 687 51.19 -20.39 20.68
N LYS B 688 50.91 -21.56 21.27
CA LYS B 688 50.09 -22.58 20.63
C LYS B 688 49.18 -23.16 21.70
N LEU B 689 47.92 -23.39 21.34
CA LEU B 689 46.97 -23.95 22.30
C LEU B 689 46.09 -25.02 21.69
N ASN B 690 45.84 -26.06 22.47
CA ASN B 690 44.96 -27.13 22.05
C ASN B 690 43.69 -26.98 22.86
N LEU B 691 42.56 -26.79 22.19
CA LEU B 691 41.29 -26.61 22.87
C LEU B 691 40.24 -27.54 22.31
N HIS B 692 39.33 -27.99 23.16
CA HIS B 692 38.28 -28.88 22.70
C HIS B 692 36.90 -28.27 22.93
N ALA B 693 36.11 -28.22 21.87
CA ALA B 693 34.76 -27.71 21.95
C ALA B 693 33.87 -28.93 22.15
N ALA B 694 32.98 -28.86 23.14
CA ALA B 694 32.09 -29.98 23.42
C ALA B 694 31.00 -30.10 22.37
N ASN B 695 30.12 -31.09 22.58
CA ASN B 695 28.99 -31.31 21.69
C ASN B 695 28.09 -30.09 21.85
N GLY B 696 27.94 -29.32 20.78
CA GLY B 696 27.13 -28.11 20.86
C GLY B 696 27.85 -27.07 21.69
N GLY B 697 29.18 -27.18 21.75
CA GLY B 697 29.98 -26.25 22.52
C GLY B 697 30.90 -25.38 21.68
N GLY B 698 31.91 -24.82 22.33
CA GLY B 698 32.87 -23.97 21.66
C GLY B 698 33.72 -23.27 22.70
N TYR B 699 34.37 -22.17 22.30
CA TYR B 699 35.19 -21.41 23.23
C TYR B 699 35.39 -19.99 22.73
N ALA B 700 35.88 -19.14 23.63
CA ALA B 700 36.12 -17.74 23.30
C ALA B 700 37.41 -17.29 23.96
N ILE B 701 38.15 -16.42 23.29
CA ILE B 701 39.40 -15.92 23.84
C ILE B 701 39.56 -14.44 23.59
N SER B 702 39.87 -13.70 24.65
CA SER B 702 40.13 -12.28 24.53
C SER B 702 41.64 -12.19 24.64
N ILE B 703 42.27 -11.49 23.71
CA ILE B 703 43.72 -11.36 23.68
C ILE B 703 44.06 -9.88 23.61
N LYS B 704 44.33 -9.29 24.76
CA LYS B 704 44.63 -7.87 24.86
C LYS B 704 46.12 -7.57 24.96
N GLU B 705 46.57 -6.66 24.11
CA GLU B 705 47.96 -6.24 24.06
C GLU B 705 48.38 -5.63 25.39
N VAL B 706 49.54 -6.05 25.89
CA VAL B 706 50.05 -5.51 27.14
C VAL B 706 50.58 -4.10 26.87
N LYS B 707 49.95 -3.11 27.51
CA LYS B 707 50.35 -1.71 27.36
C LYS B 707 51.36 -1.37 28.46
N ASP B 708 51.00 -1.69 29.70
CA ASP B 708 51.86 -1.43 30.85
C ASP B 708 52.28 -2.73 31.53
N LYS B 709 53.53 -2.79 31.95
CA LYS B 709 54.10 -3.96 32.62
C LYS B 709 53.23 -4.45 33.78
N SER B 710 52.58 -3.51 34.46
CA SER B 710 51.74 -3.83 35.60
C SER B 710 50.61 -4.80 35.26
N GLU B 711 50.18 -4.78 34.00
CA GLU B 711 49.10 -5.63 33.55
C GLU B 711 49.45 -7.12 33.65
N ALA B 712 50.66 -7.47 33.24
CA ALA B 712 51.12 -8.85 33.26
C ALA B 712 51.55 -9.30 34.65
N LYS B 713 51.61 -8.35 35.58
CA LYS B 713 52.02 -8.64 36.95
C LYS B 713 51.31 -9.87 37.52
N GLY B 714 52.09 -10.88 37.89
CA GLY B 714 51.53 -12.09 38.46
C GLY B 714 50.94 -13.06 37.45
N LEU B 715 51.27 -12.89 36.17
CA LEU B 715 50.75 -13.78 35.15
C LEU B 715 51.86 -14.56 34.46
N LYS B 716 51.53 -15.76 34.03
CA LYS B 716 52.49 -16.61 33.35
C LYS B 716 51.92 -17.04 32.00
N ARG B 717 52.77 -17.60 31.15
CA ARG B 717 52.37 -18.04 29.83
C ARG B 717 51.32 -19.16 29.91
N LEU B 718 50.44 -19.20 28.91
CA LEU B 718 49.42 -20.24 28.86
C LEU B 718 49.96 -21.45 28.12
#